data_1NTK
#
_entry.id   1NTK
#
_cell.length_a   153.785
_cell.length_b   153.785
_cell.length_c   592.498
_cell.angle_alpha   90.00
_cell.angle_beta   90.00
_cell.angle_gamma   90.00
#
_symmetry.space_group_name_H-M   'I 41 2 2'
#
loop_
_entity.id
_entity.type
_entity.pdbx_description
1 polymer 'Ubiquinol-cytochrome C reductase complex core protein I, mitochondrial'
2 polymer 'Ubiquinol-cytochrome C reductase complex core protein 2, mitochondrial'
3 polymer 'Cytochrome b'
4 polymer 'cytochrome c1'
5 polymer 'UBIQUINOL-CYTOCHROME C REDUCTASE IRON-SULFUR SUBUNIT, MITOCHONDRIAL'
6 polymer 'Ubiquinol-cytochrome C reductase complex 14 kDa protein'
7 polymer 'Ubiquinol-cytochrome C reductase complex ubiquinone-binding protein QP-C'
8 polymer 'Ubiquinol-cytochrome C reductase complex 11 kDa protein'
9 polymer 'Ubiquinol-cytochrome C reductase 8 kDa protein'
10 polymer 'Ubiquinol-cytochrome C reductase complex 7.2 kDa protein'
11 polymer 'Ubiquinol-cytochrome C reductase complex 6.4 kDa protein'
12 non-polymer 'PROTOPORPHYRIN IX CONTAINING FE'
13 non-polymer '[(2R,3S,6S,7R,8R)-3-[(3-formamido-2-oxidanyl-phenyl)carbonylamino]-8-hexyl-2,6-dimethyl-4,9-bis(oxidanylidene)-1,5-dioxonan-7-yl] 2-methylpropanoate'
14 non-polymer 'FE2/S2 (INORGANIC) CLUSTER'
15 water water
#
loop_
_entity_poly.entity_id
_entity_poly.type
_entity_poly.pdbx_seq_one_letter_code
_entity_poly.pdbx_strand_id
1 'polypeptide(L)'
;TATYAQALQSVPETQVSQLDNGLRVASEQSSQPTCTVGVWIDAGSRYESEKNNGAGYFVEHLAFKGTKNRPGNALEKEVE
SMGAHLNAYSTREHTAYYIKALSKDLPKAVELLADIVQNCSLEDSQIEKERDVILQELQENDTSMRDVVFNYLHATAFQG
TPLAQSVEGPSENVRKLSRADLTEYLSRHYKAPRMVLAAAGGLEHRQLLDLAQKHFSGLSGTYDEDAVPTLSPCRFTGSQ
ICHREDGLPLAHVAIAVEGPGWAHPDNVALQVANAIIGHYDCTYGGGAHLSSPLASIAATNKLCQSFQTFNICYADTGLL
GAHFVCDHMSIDDMMFVLQGQWMRLCTSATESEVLRGKNLLRNALVSHLDGTTPVCEDIGRSLLTYGRRIPLAEWESRIA
EVDARVVREVCSKYFYDQCPAVAGFGPIEQLPDYNRIRSGMFWLRF
;
A
2 'polypeptide(L)'
;SLKVAPKVKATEAPAGVPPHPQDLEFTRLPNGLVIASLENYAPASRIGLFIKAGSRYENSNNLGTSHLLRLASSLTTKGA
SSFKITRGIEAVGGKLSVTSTRENMAYTVECLRDDVDILMEFLLNVTTAPEFRRWEVAALQPQLRIDKAVALQNPQAHVI
ENLHAAAYRNALANSLYCPDYRIGKVTPVELHDYVQNHFTSARMALIGLGVSHPVLKQVAEQFLNIRGGLGLSGAKAKYH
GGEIREQNGDSLVHAALVAESAAIGSAEANAFSVLQHVLGAGPHVKRGSNATSSLYQAVAKGVHQPFDVSAFNASYSDSG
LFGFYTISQAASAGDVIKAAYNQVKTIAQGNLSNPDVQAAKNKLKAGYLMSVESSEGFLDEVGSQALAAGSYTPPSTVLQ
QIDAVADADVINAAKKFVSGRKSMAASGNLGHTPFIDEL
;
B
3 'polypeptide(L)'
;MTNIRKSHPLMKIVNNAFIDLPAPSNISSWWNFGSLLGICLILQILTGLFLAMHYTSDTTTAFSSVTHICRDVNYGWIIR
YMHANGASMFFICLYMHVGRGLYYGSYTFLETWNIGVILLLTVMATAFMGYVLPWGQMSFWGATVITNLLSAIPYIGTNL
VEWIWGGFSVDKATLTRFFAFHFILPFIIMAIAMVHLLFLHETGSNNPTGISSDVDKIPFHPYYTIKDILGALLLILALM
LLVLFAPDLLGDPDNYTPANPLNTPPHIKPEWYFLFAYAILRSIPNKLGGVLALAFSILILALIPLLHTSKQRSMMFRPL
SQCLFWALVADLLTLTWIGGQPVEHPYITIGQLASVLYFLLILVLMPTAGTIENKLLKW
;
C
4 'polypeptide(L)'
;SDLELHPPSYPWSHRGLLSSLDHTSIRRGFQVYKQVCSSCHSMDYVAYRHLVGVCYTEDEAKALAEEVEVQDGPNEDGEM
FMRPGKLSDYFPKPYPNPEAARAANNGALPPDLSYIVRARHGGEDYVFSLLTGYCEPPTGVSLREGLYFNPYFPGQAIGM
APPIYNEVLEFDDGTPATMSQVAKDVCTFLRWAAEPEHDHRKRMGLKMLLMMGLLLPLVYAMKRHKWSVLKSRKLAYRPP
K
;
D
5 'polypeptide(L)'
;SHTDIKVPDFSDYRRPEVLDSTKSSKESSEARKGFSYLVTATTTVGVAYAAKNVVSQFVSSMSASADVLAMSKIEIKLSD
IPEGKNMAFKWRGKPLFVRHRTKKEIDQEAAVEVSQLRDPQHDLERVKKPEWVILIGVCTHLGCVPIANAGDFGGYYCPC
HGSHYDASGRIRKGPAPLNLEVPSYEFTSDDMVIVG
;
E
6 'polypeptide(L)'
;AGRPAVSASSRWLEGIRKWYYNAAGFNKLGLMRDDTIHENDDVKEAIRRLPENLYDDRVFRIKRALDLSMRQQILPKEQW
TKYEEDKSYLEPYLKEVIRERKEREEWAKK
;
F
7 'polypeptide(L)'
;GRQFGHLTRVRHVITYSLSPFEQRAFPHYFSKGIPNVLRRTRACILRVAPPFVAFYLVYTWGTQEFEKSKRKNPAAYEND
R
;
G
8 'polypeptide(L)' GDPKEEEEEEEELVDPLTTVREQCEQLEKCVKARERLELCDERVSSRSQTEEDCTEELLDFLHARDHCVAHKLFNSLK H
9 'polypeptide(L)' MLSVAARSGPFAPVLSATSRGVAGALRPLVQAAVPATSESPVLDLKRSVLCRESLRG I
10 'polypeptide(L)' VAPTLTARLYSLLFRRTSTFALTIVVGALFFERAFDQGADAIYEHINEGKLWKHIKHKYENK J
11 'polypeptide(L)' MLTRFLGPRYRQLARNWVPTAQLWGAVGAVGLVWATDWRLILDWVPYINGKFKKDD K
#
# COMPACT_ATOMS: atom_id res chain seq x y z
N THR A 1 -6.87 57.89 -5.12
CA THR A 1 -7.32 56.69 -5.89
C THR A 1 -8.06 55.77 -4.92
N ALA A 2 -9.36 55.55 -5.15
CA ALA A 2 -10.17 54.70 -4.24
C ALA A 2 -9.55 53.32 -4.04
N THR A 3 -9.02 53.05 -2.85
CA THR A 3 -8.35 51.76 -2.58
C THR A 3 -9.29 50.59 -2.35
N TYR A 4 -8.75 49.37 -2.49
CA TYR A 4 -9.53 48.14 -2.29
C TYR A 4 -10.16 48.11 -0.91
N ALA A 5 -9.33 48.35 0.12
CA ALA A 5 -9.81 48.44 1.49
C ALA A 5 -10.99 49.36 1.49
N GLN A 6 -10.78 50.57 1.01
CA GLN A 6 -11.84 51.55 0.98
C GLN A 6 -13.07 51.06 0.23
N ALA A 7 -12.86 50.34 -0.86
CA ALA A 7 -13.99 49.90 -1.65
C ALA A 7 -14.94 49.04 -0.82
N LEU A 8 -14.36 48.14 -0.01
CA LEU A 8 -15.15 47.27 0.87
C LEU A 8 -16.03 48.05 1.83
N GLN A 9 -15.58 49.23 2.22
CA GLN A 9 -16.35 50.09 3.13
C GLN A 9 -17.61 50.64 2.47
N SER A 10 -17.52 50.91 1.17
CA SER A 10 -18.61 51.49 0.40
C SER A 10 -19.82 50.55 0.23
N VAL A 11 -19.62 49.24 0.32
CA VAL A 11 -20.73 48.31 0.15
C VAL A 11 -21.74 48.51 1.27
N PRO A 12 -22.96 48.85 0.89
CA PRO A 12 -24.05 49.15 1.86
C PRO A 12 -24.41 47.99 2.79
N GLU A 13 -24.72 48.34 4.03
CA GLU A 13 -25.04 47.34 5.01
C GLU A 13 -26.33 46.61 4.65
N THR A 14 -26.34 45.30 4.87
CA THR A 14 -27.54 44.50 4.68
C THR A 14 -28.50 44.78 5.89
N GLN A 15 -29.72 45.25 5.61
CA GLN A 15 -30.71 45.53 6.64
C GLN A 15 -31.54 44.29 6.95
N VAL A 16 -31.64 43.97 8.25
CA VAL A 16 -32.34 42.78 8.73
C VAL A 16 -33.52 43.17 9.59
N SER A 17 -34.64 42.48 9.42
CA SER A 17 -35.86 42.74 10.21
C SER A 17 -36.56 41.41 10.55
N GLN A 18 -37.16 41.33 11.73
CA GLN A 18 -37.89 40.12 12.11
C GLN A 18 -39.37 40.47 12.24
N LEU A 19 -40.23 39.66 11.63
CA LEU A 19 -41.68 39.85 11.77
C LEU A 19 -42.08 39.25 13.12
N ASP A 20 -43.36 39.09 13.35
CA ASP A 20 -43.81 38.49 14.59
C ASP A 20 -43.90 36.99 14.39
N ASN A 21 -43.80 36.59 13.14
CA ASN A 21 -43.76 35.21 12.72
C ASN A 21 -42.44 34.59 13.14
N GLY A 22 -41.41 35.40 13.06
CA GLY A 22 -40.06 34.94 13.32
C GLY A 22 -39.42 34.89 11.96
N LEU A 23 -40.19 35.27 10.96
CA LEU A 23 -39.71 35.32 9.59
C LEU A 23 -38.74 36.49 9.55
N ARG A 24 -37.50 36.20 9.19
CA ARG A 24 -36.55 37.26 9.06
C ARG A 24 -36.74 37.87 7.68
N VAL A 25 -36.64 39.19 7.60
CA VAL A 25 -36.82 39.90 6.33
C VAL A 25 -35.57 40.72 6.07
N ALA A 26 -34.78 40.34 5.07
CA ALA A 26 -33.54 41.08 4.79
C ALA A 26 -33.28 41.56 3.35
N SER A 27 -32.57 42.69 3.25
CA SER A 27 -32.29 43.32 1.97
C SER A 27 -30.95 44.07 1.89
N GLU A 28 -30.48 44.27 0.66
CA GLU A 28 -29.28 45.06 0.38
C GLU A 28 -29.64 45.95 -0.79
N GLN A 29 -29.83 47.23 -0.50
CA GLN A 29 -30.26 48.15 -1.53
C GLN A 29 -29.11 48.57 -2.45
N SER A 30 -29.43 48.81 -3.72
CA SER A 30 -28.45 49.30 -4.68
C SER A 30 -29.20 50.14 -5.68
N SER A 31 -28.48 50.75 -6.63
CA SER A 31 -29.12 51.61 -7.62
C SER A 31 -29.77 50.92 -8.79
N GLN A 32 -29.67 49.60 -8.84
CA GLN A 32 -30.18 48.82 -9.95
C GLN A 32 -31.68 49.02 -10.24
N PRO A 33 -32.05 48.84 -11.51
CA PRO A 33 -33.45 48.88 -11.93
C PRO A 33 -34.11 47.53 -11.80
N THR A 34 -33.34 46.48 -11.56
CA THR A 34 -33.90 45.12 -11.41
C THR A 34 -33.61 44.58 -10.02
N CYS A 35 -33.98 43.34 -9.77
CA CYS A 35 -33.72 42.79 -8.46
C CYS A 35 -33.95 41.33 -8.36
N THR A 36 -33.78 40.81 -7.16
CA THR A 36 -33.97 39.40 -6.91
C THR A 36 -34.51 39.21 -5.51
N VAL A 37 -35.71 38.63 -5.40
CA VAL A 37 -36.34 38.36 -4.13
C VAL A 37 -36.68 36.92 -4.09
N GLY A 38 -36.75 36.37 -2.89
CA GLY A 38 -37.11 34.99 -2.72
C GLY A 38 -37.00 34.52 -1.29
N VAL A 39 -37.51 33.32 -1.03
CA VAL A 39 -37.46 32.82 0.32
C VAL A 39 -36.50 31.64 0.47
N TRP A 40 -35.69 31.72 1.52
CA TRP A 40 -34.73 30.68 1.81
C TRP A 40 -35.23 29.93 3.01
N ILE A 41 -35.44 28.62 2.82
CA ILE A 41 -35.98 27.78 3.85
C ILE A 41 -34.96 26.86 4.39
N ASP A 42 -34.93 26.73 5.71
CA ASP A 42 -34.02 25.84 6.38
C ASP A 42 -34.58 24.39 6.28
N ALA A 43 -34.78 23.94 5.05
CA ALA A 43 -35.34 22.63 4.76
C ALA A 43 -34.57 21.94 3.65
N GLY A 44 -34.19 20.70 3.86
CA GLY A 44 -33.44 19.96 2.84
C GLY A 44 -33.86 18.50 2.71
N SER A 45 -32.92 17.61 2.96
CA SER A 45 -33.15 16.18 2.83
C SER A 45 -32.40 15.53 3.95
N ARG A 46 -31.54 16.31 4.59
CA ARG A 46 -30.88 15.89 5.79
C ARG A 46 -31.96 15.95 6.85
N TYR A 47 -33.05 16.65 6.53
CA TYR A 47 -34.17 16.77 7.45
C TYR A 47 -35.16 15.67 7.21
N GLU A 48 -35.02 14.99 6.09
CA GLU A 48 -35.93 13.92 5.74
C GLU A 48 -35.53 12.61 6.43
N SER A 49 -36.31 11.57 6.19
CA SER A 49 -36.09 10.26 6.79
C SER A 49 -36.15 9.22 5.71
N GLU A 50 -35.73 8.02 6.02
CA GLU A 50 -35.71 6.94 5.06
C GLU A 50 -36.92 6.91 4.13
N LYS A 51 -38.09 7.23 4.67
CA LYS A 51 -39.33 7.06 3.92
C LYS A 51 -39.96 8.26 3.22
N ASN A 52 -39.62 9.47 3.62
CA ASN A 52 -40.15 10.61 2.89
C ASN A 52 -39.11 11.32 2.04
N ASN A 53 -37.94 10.68 1.92
CA ASN A 53 -36.82 11.18 1.12
C ASN A 53 -37.26 11.50 -0.31
N GLY A 54 -36.87 12.67 -0.79
CA GLY A 54 -37.26 13.13 -2.10
C GLY A 54 -38.48 14.03 -2.01
N ALA A 55 -39.02 14.20 -0.79
CA ALA A 55 -40.20 15.05 -0.57
C ALA A 55 -40.00 16.50 -0.94
N GLY A 56 -38.88 17.06 -0.47
CA GLY A 56 -38.56 18.42 -0.77
C GLY A 56 -38.47 18.54 -2.26
N TYR A 57 -37.72 17.63 -2.86
CA TYR A 57 -37.53 17.63 -4.30
C TYR A 57 -38.90 17.53 -5.02
N PHE A 58 -39.76 16.62 -4.55
CA PHE A 58 -41.11 16.44 -5.10
C PHE A 58 -41.92 17.76 -4.92
N VAL A 59 -41.78 18.44 -3.77
CA VAL A 59 -42.44 19.74 -3.58
C VAL A 59 -41.96 20.78 -4.62
N GLU A 60 -40.65 20.92 -4.77
CA GLU A 60 -40.09 21.83 -5.75
C GLU A 60 -40.75 21.68 -7.12
N HIS A 61 -40.87 20.44 -7.59
CA HIS A 61 -41.56 20.17 -8.82
C HIS A 61 -42.99 20.61 -8.81
N LEU A 62 -43.58 20.77 -7.61
CA LEU A 62 -44.97 21.17 -7.53
C LEU A 62 -45.13 22.67 -7.23
N ALA A 63 -44.12 23.26 -6.57
CA ALA A 63 -44.16 24.67 -6.14
C ALA A 63 -44.68 25.70 -7.18
N PHE A 64 -44.42 25.45 -8.46
CA PHE A 64 -44.86 26.38 -9.49
C PHE A 64 -46.04 25.87 -10.27
N LYS A 65 -46.56 24.70 -9.88
CA LYS A 65 -47.66 24.06 -10.61
C LYS A 65 -49.06 24.55 -10.29
N GLY A 66 -49.18 25.44 -9.33
CA GLY A 66 -50.48 26.00 -9.02
C GLY A 66 -50.73 26.17 -7.55
N THR A 67 -51.39 27.28 -7.21
CA THR A 67 -51.74 27.58 -5.82
C THR A 67 -53.26 27.69 -5.77
N LYS A 68 -53.79 27.99 -4.61
CA LYS A 68 -55.23 28.11 -4.48
C LYS A 68 -55.76 29.30 -5.30
N ASN A 69 -55.14 30.46 -5.14
CA ASN A 69 -55.59 31.65 -5.86
C ASN A 69 -55.07 31.72 -7.29
N ARG A 70 -54.06 30.90 -7.57
CA ARG A 70 -53.49 30.85 -8.92
C ARG A 70 -53.23 29.40 -9.32
N PRO A 71 -54.22 28.77 -9.94
CA PRO A 71 -54.11 27.37 -10.36
C PRO A 71 -53.36 27.21 -11.69
N GLY A 72 -52.59 26.12 -11.84
CA GLY A 72 -51.86 25.82 -13.07
C GLY A 72 -51.11 26.98 -13.71
N ASN A 73 -51.44 27.26 -14.96
CA ASN A 73 -50.81 28.33 -15.72
C ASN A 73 -50.61 29.60 -14.94
N ALA A 74 -51.70 30.13 -14.43
CA ALA A 74 -51.70 31.36 -13.65
C ALA A 74 -50.31 31.92 -13.26
N LEU A 75 -49.59 31.24 -12.37
CA LEU A 75 -48.26 31.67 -11.93
C LEU A 75 -47.36 32.01 -13.06
N GLU A 76 -47.07 30.99 -13.87
CA GLU A 76 -46.24 31.14 -15.03
C GLU A 76 -46.69 32.38 -15.74
N LYS A 77 -47.94 32.41 -16.12
CA LYS A 77 -48.48 33.55 -16.84
C LYS A 77 -48.27 34.91 -16.19
N GLU A 78 -48.20 34.97 -14.86
CA GLU A 78 -48.03 36.27 -14.18
C GLU A 78 -46.56 36.66 -14.30
N VAL A 79 -45.70 35.71 -13.95
CA VAL A 79 -44.26 35.86 -14.04
C VAL A 79 -43.81 36.17 -15.51
N GLU A 80 -44.07 35.24 -16.40
CA GLU A 80 -43.70 35.41 -17.78
C GLU A 80 -44.16 36.77 -18.35
N SER A 81 -45.43 37.14 -18.16
CA SER A 81 -45.96 38.41 -18.70
C SER A 81 -45.34 39.69 -18.13
N MET A 82 -44.83 39.59 -16.91
CA MET A 82 -44.17 40.72 -16.29
C MET A 82 -42.66 40.61 -16.60
N GLY A 83 -42.33 39.64 -17.44
CA GLY A 83 -40.98 39.51 -17.93
C GLY A 83 -39.96 39.10 -16.91
N ALA A 84 -40.43 38.51 -15.82
CA ALA A 84 -39.57 38.10 -14.72
C ALA A 84 -39.10 36.66 -14.90
N HIS A 85 -38.21 36.23 -14.01
CA HIS A 85 -37.70 34.87 -14.02
C HIS A 85 -37.98 34.19 -12.69
N LEU A 86 -38.65 33.04 -12.75
CA LEU A 86 -38.96 32.28 -11.56
C LEU A 86 -38.07 31.07 -11.45
N ASN A 87 -37.35 30.93 -10.35
CA ASN A 87 -36.46 29.80 -10.20
C ASN A 87 -36.43 29.27 -8.79
N ALA A 88 -35.86 28.08 -8.64
CA ALA A 88 -35.76 27.45 -7.32
C ALA A 88 -34.68 26.36 -7.30
N TYR A 89 -34.28 25.95 -6.11
CA TYR A 89 -33.31 24.84 -5.94
C TYR A 89 -33.36 24.32 -4.52
N SER A 90 -32.73 23.18 -4.30
CA SER A 90 -32.71 22.57 -2.99
C SER A 90 -31.47 21.71 -2.84
N THR A 91 -30.85 21.79 -1.67
CA THR A 91 -29.68 21.00 -1.42
C THR A 91 -30.02 20.06 -0.28
N ARG A 92 -29.03 19.57 0.42
CA ARG A 92 -29.29 18.68 1.53
C ARG A 92 -29.75 19.47 2.74
N GLU A 93 -29.45 20.77 2.77
CA GLU A 93 -29.84 21.59 3.93
C GLU A 93 -30.78 22.74 3.62
N HIS A 94 -30.76 23.23 2.40
CA HIS A 94 -31.57 24.39 2.08
C HIS A 94 -32.49 24.26 0.89
N THR A 95 -33.45 25.18 0.83
CA THR A 95 -34.41 25.23 -0.26
C THR A 95 -34.66 26.68 -0.55
N ALA A 96 -34.76 27.02 -1.82
CA ALA A 96 -34.94 28.38 -2.17
C ALA A 96 -35.84 28.51 -3.33
N TYR A 97 -36.59 29.60 -3.36
CA TYR A 97 -37.44 29.94 -4.48
C TYR A 97 -37.25 31.46 -4.64
N TYR A 98 -36.64 31.87 -5.75
CA TYR A 98 -36.41 33.29 -6.01
C TYR A 98 -36.96 33.73 -7.37
N ILE A 99 -37.22 35.04 -7.48
CA ILE A 99 -37.77 35.66 -8.68
C ILE A 99 -36.85 36.79 -9.10
N LYS A 100 -36.41 36.77 -10.35
CA LYS A 100 -35.63 37.87 -10.87
C LYS A 100 -36.66 38.70 -11.52
N ALA A 101 -36.65 39.99 -11.24
CA ALA A 101 -37.67 40.87 -11.80
C ALA A 101 -37.32 42.34 -11.85
N LEU A 102 -38.03 43.05 -12.71
CA LEU A 102 -37.93 44.49 -12.81
C LEU A 102 -38.17 44.98 -11.39
N SER A 103 -37.28 45.80 -10.88
CA SER A 103 -37.41 46.28 -9.50
C SER A 103 -38.75 47.01 -9.16
N LYS A 104 -39.38 47.63 -10.15
CA LYS A 104 -40.69 48.30 -9.93
C LYS A 104 -41.79 47.26 -9.73
N ASP A 105 -41.42 45.99 -9.82
CA ASP A 105 -42.37 44.91 -9.69
C ASP A 105 -42.13 44.16 -8.40
N LEU A 106 -41.58 44.85 -7.42
CA LEU A 106 -41.35 44.22 -6.15
C LEU A 106 -42.67 43.78 -5.42
N PRO A 107 -43.72 44.61 -5.46
CA PRO A 107 -44.98 44.24 -4.81
C PRO A 107 -45.52 42.88 -5.26
N LYS A 108 -45.79 42.68 -6.56
CA LYS A 108 -46.31 41.38 -7.02
C LYS A 108 -45.27 40.27 -6.89
N ALA A 109 -44.01 40.61 -7.09
CA ALA A 109 -42.93 39.64 -6.92
C ALA A 109 -43.13 38.90 -5.60
N VAL A 110 -43.15 39.68 -4.52
CA VAL A 110 -43.32 39.12 -3.19
C VAL A 110 -44.65 38.38 -3.02
N GLU A 111 -45.73 39.00 -3.46
CA GLU A 111 -47.04 38.38 -3.35
C GLU A 111 -46.98 36.94 -3.88
N LEU A 112 -46.43 36.82 -5.08
CA LEU A 112 -46.30 35.54 -5.73
C LEU A 112 -45.47 34.56 -4.89
N LEU A 113 -44.37 35.03 -4.32
CA LEU A 113 -43.54 34.16 -3.47
C LEU A 113 -44.37 33.57 -2.33
N ALA A 114 -45.06 34.44 -1.62
CA ALA A 114 -45.89 34.04 -0.48
C ALA A 114 -46.79 32.89 -0.89
N ASP A 115 -47.71 33.19 -1.81
CA ASP A 115 -48.64 32.23 -2.35
C ASP A 115 -47.92 30.90 -2.61
N ILE A 116 -46.80 30.97 -3.33
CA ILE A 116 -46.07 29.76 -3.68
C ILE A 116 -45.67 29.00 -2.46
N VAL A 117 -45.07 29.72 -1.51
CA VAL A 117 -44.56 29.10 -0.32
C VAL A 117 -45.64 28.69 0.66
N GLN A 118 -46.79 29.35 0.62
CA GLN A 118 -47.88 29.07 1.56
C GLN A 118 -48.99 28.23 0.97
N ASN A 119 -49.62 28.71 -0.09
CA ASN A 119 -50.75 28.00 -0.68
C ASN A 119 -50.44 27.03 -1.81
N CYS A 120 -49.36 26.28 -1.71
CA CYS A 120 -49.08 25.34 -2.78
C CYS A 120 -50.19 24.27 -2.90
N SER A 121 -50.99 24.38 -3.96
CA SER A 121 -52.12 23.47 -4.27
C SER A 121 -51.87 22.02 -4.03
N LEU A 122 -50.97 21.46 -4.84
CA LEU A 122 -50.63 20.03 -4.81
C LEU A 122 -51.76 19.20 -5.39
N GLU A 123 -52.42 19.73 -6.41
CA GLU A 123 -53.49 19.00 -7.09
C GLU A 123 -52.99 17.57 -7.33
N ASP A 124 -53.80 16.59 -6.95
CA ASP A 124 -53.44 15.17 -7.10
C ASP A 124 -53.05 14.73 -8.51
N SER A 125 -53.71 15.29 -9.53
CA SER A 125 -53.41 14.95 -10.91
C SER A 125 -52.03 15.43 -11.30
N GLN A 126 -51.56 16.46 -10.61
CA GLN A 126 -50.25 16.99 -10.89
C GLN A 126 -49.22 16.10 -10.25
N ILE A 127 -49.48 15.72 -9.00
CA ILE A 127 -48.55 14.87 -8.29
C ILE A 127 -48.26 13.64 -9.09
N GLU A 128 -49.27 13.16 -9.82
CA GLU A 128 -49.08 12.00 -10.63
C GLU A 128 -48.20 12.33 -11.81
N LYS A 129 -48.48 13.45 -12.47
CA LYS A 129 -47.65 13.81 -13.63
C LYS A 129 -46.20 13.98 -13.21
N GLU A 130 -45.98 14.73 -12.13
CA GLU A 130 -44.66 14.99 -11.64
C GLU A 130 -43.90 13.75 -11.24
N ARG A 131 -44.62 12.75 -10.80
CA ARG A 131 -44.01 11.50 -10.39
C ARG A 131 -43.19 10.97 -11.56
N ASP A 132 -43.76 11.04 -12.75
CA ASP A 132 -43.06 10.51 -13.90
C ASP A 132 -41.98 11.36 -14.53
N VAL A 133 -41.97 12.63 -14.19
CA VAL A 133 -40.96 13.52 -14.67
C VAL A 133 -39.72 13.34 -13.82
N ILE A 134 -39.90 13.30 -12.50
CA ILE A 134 -38.79 13.10 -11.57
C ILE A 134 -38.10 11.75 -11.84
N LEU A 135 -38.89 10.73 -12.14
CA LEU A 135 -38.33 9.42 -12.46
C LEU A 135 -37.38 9.55 -13.62
N GLN A 136 -37.78 10.36 -14.57
CA GLN A 136 -37.02 10.58 -15.76
C GLN A 136 -35.74 11.35 -15.41
N GLU A 137 -35.89 12.42 -14.62
CA GLU A 137 -34.77 13.22 -14.14
C GLU A 137 -33.70 12.30 -13.54
N LEU A 138 -34.12 11.19 -12.93
CA LEU A 138 -33.19 10.25 -12.35
C LEU A 138 -32.39 9.47 -13.39
N GLN A 139 -33.03 9.07 -14.49
CA GLN A 139 -32.35 8.33 -15.59
C GLN A 139 -31.30 9.27 -16.17
N GLU A 140 -31.68 10.53 -16.26
CA GLU A 140 -30.84 11.56 -16.76
C GLU A 140 -29.65 11.80 -15.87
N ASN A 141 -29.92 12.05 -14.58
CA ASN A 141 -28.84 12.29 -13.63
C ASN A 141 -27.84 11.13 -13.63
N ASP A 142 -28.31 9.91 -13.91
CA ASP A 142 -27.44 8.71 -13.92
C ASP A 142 -26.37 8.78 -14.96
N THR A 143 -26.44 9.75 -15.85
CA THR A 143 -25.43 9.85 -16.88
C THR A 143 -24.40 10.92 -16.63
N SER A 144 -24.58 11.70 -15.58
CA SER A 144 -23.61 12.67 -15.22
C SER A 144 -22.65 12.06 -14.20
N MET A 145 -21.64 11.35 -14.66
CA MET A 145 -20.70 10.73 -13.74
C MET A 145 -20.39 11.61 -12.53
N ARG A 146 -20.23 12.90 -12.77
CA ARG A 146 -19.94 13.85 -11.69
C ARG A 146 -21.05 13.87 -10.65
N ASP A 147 -22.28 14.12 -11.06
CA ASP A 147 -23.38 14.07 -10.10
C ASP A 147 -23.37 12.76 -9.37
N VAL A 148 -23.16 11.67 -10.08
CA VAL A 148 -23.12 10.37 -9.44
C VAL A 148 -22.09 10.32 -8.34
N VAL A 149 -20.82 10.47 -8.69
CA VAL A 149 -19.73 10.27 -7.72
C VAL A 149 -19.86 11.16 -6.42
N PHE A 150 -20.50 12.31 -6.54
CA PHE A 150 -20.65 13.19 -5.41
C PHE A 150 -21.77 12.71 -4.51
N ASN A 151 -22.70 11.96 -5.08
CA ASN A 151 -23.75 11.40 -4.30
C ASN A 151 -23.16 10.22 -3.53
N TYR A 152 -22.27 9.49 -4.22
CA TYR A 152 -21.56 8.35 -3.63
C TYR A 152 -20.62 8.78 -2.51
N LEU A 153 -20.00 9.95 -2.66
CA LEU A 153 -19.09 10.46 -1.64
C LEU A 153 -19.90 10.70 -0.42
N HIS A 154 -21.02 11.40 -0.63
CA HIS A 154 -21.96 11.67 0.44
C HIS A 154 -22.51 10.38 1.02
N ALA A 155 -22.84 9.43 0.14
CA ALA A 155 -23.43 8.19 0.60
C ALA A 155 -22.48 7.42 1.49
N THR A 156 -21.21 7.37 1.12
CA THR A 156 -20.23 6.61 1.92
C THR A 156 -19.68 7.38 3.14
N ALA A 157 -19.32 8.64 2.98
CA ALA A 157 -18.76 9.44 4.05
C ALA A 157 -19.69 9.53 5.23
N PHE A 158 -20.96 9.76 4.95
CA PHE A 158 -21.94 9.92 6.00
C PHE A 158 -22.85 8.71 6.12
N GLN A 159 -22.29 7.52 5.90
CA GLN A 159 -23.08 6.28 5.94
C GLN A 159 -23.84 6.09 7.22
N GLY A 160 -25.14 5.83 7.07
CA GLY A 160 -26.02 5.61 8.19
C GLY A 160 -26.68 6.86 8.75
N THR A 161 -26.43 8.01 8.14
CA THR A 161 -26.97 9.26 8.64
C THR A 161 -27.80 9.86 7.55
N PRO A 162 -28.61 10.88 7.88
CA PRO A 162 -29.48 11.50 6.88
C PRO A 162 -28.67 12.16 5.80
N LEU A 163 -27.56 12.81 6.17
CA LEU A 163 -26.71 13.51 5.22
C LEU A 163 -26.25 12.55 4.13
N ALA A 164 -26.24 11.23 4.42
CA ALA A 164 -25.85 10.21 3.41
C ALA A 164 -26.82 10.10 2.29
N GLN A 165 -27.99 10.68 2.47
CA GLN A 165 -29.02 10.60 1.47
C GLN A 165 -28.85 11.64 0.40
N SER A 166 -29.48 11.37 -0.75
CA SER A 166 -29.44 12.26 -1.92
C SER A 166 -30.66 13.18 -1.87
N VAL A 167 -30.63 14.28 -2.61
CA VAL A 167 -31.76 15.20 -2.60
C VAL A 167 -33.05 14.67 -3.28
N GLU A 168 -32.88 13.97 -4.41
CA GLU A 168 -34.00 13.49 -5.17
C GLU A 168 -34.65 12.22 -4.58
N GLY A 169 -33.91 11.45 -3.78
CA GLY A 169 -34.44 10.23 -3.17
C GLY A 169 -34.20 8.99 -4.03
N PRO A 170 -34.59 7.80 -3.56
CA PRO A 170 -34.49 6.57 -4.35
C PRO A 170 -35.72 6.47 -5.17
N SER A 171 -35.71 5.69 -6.23
CA SER A 171 -36.87 5.62 -7.09
C SER A 171 -38.20 5.27 -6.39
N GLU A 172 -38.17 4.27 -5.49
CA GLU A 172 -39.40 3.82 -4.82
C GLU A 172 -40.16 4.88 -4.09
N ASN A 173 -39.44 5.81 -3.43
CA ASN A 173 -40.10 6.93 -2.73
C ASN A 173 -40.86 7.82 -3.70
N VAL A 174 -40.24 8.07 -4.85
CA VAL A 174 -40.83 8.88 -5.88
C VAL A 174 -42.01 8.08 -6.35
N ARG A 175 -41.81 6.78 -6.48
CA ARG A 175 -42.92 5.95 -6.85
C ARG A 175 -43.96 5.87 -5.76
N LYS A 176 -43.54 5.97 -4.48
CA LYS A 176 -44.48 5.80 -3.35
C LYS A 176 -45.00 7.03 -2.59
N LEU A 177 -44.30 8.16 -2.64
CA LEU A 177 -44.74 9.32 -1.88
C LEU A 177 -46.17 9.70 -2.19
N SER A 178 -46.93 10.11 -1.17
CA SER A 178 -48.33 10.51 -1.38
C SER A 178 -48.56 11.96 -0.99
N ARG A 179 -49.69 12.52 -1.42
CA ARG A 179 -49.97 13.90 -1.11
C ARG A 179 -49.86 14.15 0.37
N ALA A 180 -50.39 13.21 1.17
CA ALA A 180 -50.31 13.28 2.62
C ALA A 180 -48.85 13.32 3.07
N ASP A 181 -47.97 12.59 2.39
CA ASP A 181 -46.55 12.61 2.74
C ASP A 181 -46.00 14.01 2.56
N LEU A 182 -46.44 14.65 1.47
CA LEU A 182 -45.94 15.97 1.09
C LEU A 182 -46.38 17.04 2.05
N THR A 183 -47.70 17.34 2.05
CA THR A 183 -48.30 18.35 2.94
C THR A 183 -47.79 18.28 4.40
N GLU A 184 -47.54 17.07 4.87
CA GLU A 184 -47.05 16.90 6.21
C GLU A 184 -45.59 17.33 6.36
N TYR A 185 -44.82 17.23 5.28
CA TYR A 185 -43.43 17.70 5.28
C TYR A 185 -43.45 19.21 5.13
N LEU A 186 -44.39 19.69 4.34
CA LEU A 186 -44.57 21.12 4.17
C LEU A 186 -44.83 21.77 5.49
N SER A 187 -45.94 21.41 6.13
CA SER A 187 -46.32 22.00 7.42
C SER A 187 -45.25 21.78 8.49
N ARG A 188 -44.59 20.64 8.41
CA ARG A 188 -43.51 20.29 9.33
C ARG A 188 -42.38 21.33 9.18
N HIS A 189 -41.99 21.62 7.93
CA HIS A 189 -40.81 22.45 7.67
C HIS A 189 -40.95 23.88 7.19
N TYR A 190 -42.04 24.22 6.53
CA TYR A 190 -42.21 25.60 6.04
C TYR A 190 -42.78 26.53 7.10
N LYS A 191 -42.04 26.68 8.19
CA LYS A 191 -42.46 27.52 9.29
C LYS A 191 -41.55 28.75 9.41
N ALA A 192 -42.19 29.92 9.58
CA ALA A 192 -41.49 31.21 9.66
C ALA A 192 -40.08 31.30 10.25
N PRO A 193 -39.86 30.84 11.48
CA PRO A 193 -38.51 30.91 12.07
C PRO A 193 -37.46 30.14 11.28
N ARG A 194 -37.84 29.57 10.16
CA ARG A 194 -36.91 28.82 9.35
C ARG A 194 -36.92 29.32 7.89
N MET A 195 -37.58 30.45 7.68
CA MET A 195 -37.68 31.04 6.38
C MET A 195 -37.04 32.39 6.43
N VAL A 196 -36.50 32.83 5.29
CA VAL A 196 -35.89 34.14 5.22
C VAL A 196 -36.25 34.80 3.94
N LEU A 197 -37.00 35.88 4.02
CA LEU A 197 -37.30 36.62 2.81
C LEU A 197 -36.07 37.46 2.50
N ALA A 198 -35.46 37.21 1.35
CA ALA A 198 -34.26 37.95 0.95
C ALA A 198 -34.48 38.71 -0.37
N ALA A 199 -33.70 39.79 -0.55
CA ALA A 199 -33.80 40.61 -1.77
C ALA A 199 -32.59 41.50 -2.01
N ALA A 200 -32.28 41.77 -3.27
CA ALA A 200 -31.16 42.65 -3.60
C ALA A 200 -31.44 43.44 -4.86
N GLY A 201 -31.20 44.75 -4.80
CA GLY A 201 -31.41 45.65 -5.91
C GLY A 201 -32.00 47.02 -5.55
N GLY A 202 -32.82 47.53 -6.46
CA GLY A 202 -33.45 48.82 -6.31
C GLY A 202 -34.71 48.79 -5.47
N LEU A 203 -34.54 48.47 -4.21
CA LEU A 203 -35.66 48.48 -3.30
C LEU A 203 -35.21 49.28 -2.12
N GLU A 204 -36.12 49.53 -1.20
CA GLU A 204 -35.79 50.21 0.03
C GLU A 204 -36.26 49.20 1.08
N HIS A 205 -35.47 48.97 2.13
CA HIS A 205 -35.81 47.95 3.14
C HIS A 205 -37.21 48.06 3.73
N ARG A 206 -37.67 49.28 3.99
CA ARG A 206 -39.02 49.49 4.57
C ARG A 206 -40.10 48.87 3.68
N GLN A 207 -40.02 49.12 2.38
CA GLN A 207 -40.97 48.58 1.43
C GLN A 207 -41.04 47.04 1.48
N LEU A 208 -39.87 46.43 1.68
CA LEU A 208 -39.75 44.98 1.79
C LEU A 208 -40.46 44.50 3.06
N LEU A 209 -40.16 45.17 4.17
CA LEU A 209 -40.76 44.86 5.49
C LEU A 209 -42.27 44.94 5.40
N ASP A 210 -42.77 46.02 4.79
CA ASP A 210 -44.21 46.22 4.63
C ASP A 210 -44.82 45.01 3.95
N LEU A 211 -44.23 44.64 2.80
CA LEU A 211 -44.71 43.50 2.03
C LEU A 211 -44.68 42.24 2.84
N ALA A 212 -43.52 41.96 3.44
CA ALA A 212 -43.37 40.77 4.24
C ALA A 212 -44.45 40.69 5.32
N GLN A 213 -44.78 41.83 5.91
CA GLN A 213 -45.79 41.86 6.95
C GLN A 213 -47.19 41.76 6.36
N LYS A 214 -47.35 42.18 5.11
CA LYS A 214 -48.65 42.13 4.46
C LYS A 214 -48.97 40.74 3.90
N HIS A 215 -48.03 40.11 3.22
CA HIS A 215 -48.28 38.83 2.58
C HIS A 215 -47.80 37.61 3.38
N PHE A 216 -46.95 37.84 4.39
CA PHE A 216 -46.42 36.72 5.19
C PHE A 216 -46.99 36.58 6.62
N SER A 217 -47.62 37.65 7.15
CA SER A 217 -48.25 37.59 8.48
C SER A 217 -49.17 36.39 8.58
N GLY A 218 -49.02 35.62 9.65
CA GLY A 218 -49.83 34.43 9.82
C GLY A 218 -49.22 33.19 9.17
N LEU A 219 -48.08 32.75 9.70
CA LEU A 219 -47.44 31.51 9.26
C LEU A 219 -47.12 30.70 10.50
N SER A 220 -46.63 31.39 11.53
CA SER A 220 -46.38 30.79 12.82
C SER A 220 -47.30 31.47 13.84
N GLY A 221 -48.58 31.61 13.47
CA GLY A 221 -49.59 32.08 14.40
C GLY A 221 -49.83 30.87 15.30
N THR A 222 -49.09 29.81 14.98
CA THR A 222 -49.11 28.54 15.72
C THR A 222 -47.66 28.02 15.87
N TYR A 223 -47.02 28.33 17.00
CA TYR A 223 -45.70 27.82 17.31
C TYR A 223 -45.94 26.37 17.78
N ASP A 224 -45.38 25.39 17.05
CA ASP A 224 -45.65 23.97 17.34
C ASP A 224 -45.38 23.43 18.78
N GLU A 225 -46.28 22.54 19.22
CA GLU A 225 -46.22 21.88 20.55
C GLU A 225 -44.89 21.14 20.74
N ASP A 226 -44.83 19.88 20.32
CA ASP A 226 -43.56 19.14 20.39
C ASP A 226 -42.99 18.55 19.10
N ALA A 227 -42.94 19.40 18.06
CA ALA A 227 -42.27 19.05 16.81
C ALA A 227 -40.96 19.82 16.90
N VAL A 228 -39.88 19.12 17.17
CA VAL A 228 -38.58 19.77 17.44
C VAL A 228 -37.52 19.65 16.34
N PRO A 229 -37.79 20.14 15.11
CA PRO A 229 -36.85 19.98 14.01
C PRO A 229 -35.40 20.31 14.39
N THR A 230 -34.72 19.36 15.02
CA THR A 230 -33.33 19.55 15.40
C THR A 230 -32.48 18.56 14.66
N LEU A 231 -31.38 19.05 14.12
CA LEU A 231 -30.48 18.20 13.39
C LEU A 231 -29.55 17.48 14.31
N SER A 232 -29.59 16.16 14.24
CA SER A 232 -28.64 15.35 14.98
C SER A 232 -27.33 15.43 14.15
N PRO A 233 -26.20 15.54 14.84
CA PRO A 233 -24.91 15.54 14.16
C PRO A 233 -24.79 14.29 13.29
N CYS A 234 -23.96 14.34 12.26
CA CYS A 234 -23.82 13.18 11.40
C CYS A 234 -22.46 12.58 11.46
N ARG A 235 -22.41 11.28 11.77
CA ARG A 235 -21.15 10.55 11.75
C ARG A 235 -20.46 10.63 10.37
N PHE A 236 -19.13 10.68 10.39
CA PHE A 236 -18.33 10.65 9.17
C PHE A 236 -17.71 9.26 9.13
N THR A 237 -17.44 8.71 7.96
CA THR A 237 -16.79 7.40 7.94
C THR A 237 -15.66 7.28 6.96
N GLY A 238 -14.48 6.97 7.46
CA GLY A 238 -13.37 6.77 6.57
C GLY A 238 -13.76 5.53 5.83
N SER A 239 -14.22 5.69 4.60
CA SER A 239 -14.68 4.55 3.84
C SER A 239 -14.49 4.80 2.37
N GLN A 240 -14.88 3.84 1.55
CA GLN A 240 -14.65 3.92 0.12
C GLN A 240 -15.67 3.17 -0.72
N ILE A 241 -16.21 3.83 -1.75
CA ILE A 241 -17.16 3.19 -2.68
C ILE A 241 -16.68 3.22 -4.12
N CYS A 242 -16.51 2.06 -4.72
CA CYS A 242 -16.00 1.98 -6.08
C CYS A 242 -16.97 1.33 -7.00
N HIS A 243 -17.47 2.12 -7.95
CA HIS A 243 -18.40 1.62 -8.91
C HIS A 243 -17.65 1.40 -10.16
N ARG A 244 -17.07 0.24 -10.29
CA ARG A 244 -16.33 -0.10 -11.49
C ARG A 244 -17.21 -0.23 -12.67
N GLU A 245 -16.80 0.34 -13.79
CA GLU A 245 -17.53 0.25 -15.05
C GLU A 245 -16.54 0.58 -16.22
N ASP A 246 -15.90 -0.45 -16.79
CA ASP A 246 -14.91 -0.27 -17.86
C ASP A 246 -15.53 0.14 -19.18
N GLY A 247 -16.82 0.34 -19.16
CA GLY A 247 -17.51 0.81 -20.33
C GLY A 247 -17.52 2.33 -20.36
N LEU A 248 -17.14 2.98 -19.28
CA LEU A 248 -17.07 4.46 -19.34
C LEU A 248 -15.66 4.82 -19.84
N PRO A 249 -15.53 5.92 -20.59
CA PRO A 249 -14.24 6.29 -21.18
C PRO A 249 -13.27 6.94 -20.22
N LEU A 250 -13.79 7.60 -19.20
CA LEU A 250 -12.95 8.30 -18.23
C LEU A 250 -13.43 8.06 -16.80
N ALA A 251 -12.52 8.08 -15.82
CA ALA A 251 -12.96 7.81 -14.46
C ALA A 251 -13.12 9.05 -13.65
N HIS A 252 -14.11 9.07 -12.77
CA HIS A 252 -14.23 10.18 -11.82
C HIS A 252 -13.89 9.63 -10.46
N VAL A 253 -13.10 10.39 -9.71
CA VAL A 253 -12.76 10.03 -8.32
C VAL A 253 -13.06 11.25 -7.46
N ALA A 254 -13.48 11.03 -6.24
CA ALA A 254 -13.71 12.14 -5.33
C ALA A 254 -13.25 11.70 -4.01
N ILE A 255 -12.25 12.41 -3.49
CA ILE A 255 -11.70 12.08 -2.19
C ILE A 255 -11.92 13.25 -1.25
N ALA A 256 -12.34 12.96 -0.04
CA ALA A 256 -12.54 14.02 0.93
C ALA A 256 -12.22 13.57 2.30
N VAL A 257 -12.11 14.56 3.17
CA VAL A 257 -11.80 14.39 4.58
C VAL A 257 -12.92 15.14 5.35
N GLU A 258 -13.15 14.83 6.60
CA GLU A 258 -14.26 15.50 7.27
C GLU A 258 -13.96 16.92 7.52
N GLY A 259 -14.88 17.78 7.09
CA GLY A 259 -14.75 19.22 7.28
C GLY A 259 -15.44 19.65 8.55
N PRO A 260 -15.27 20.90 8.92
CA PRO A 260 -15.77 21.40 10.18
C PRO A 260 -17.22 21.85 10.11
N GLY A 261 -17.61 22.52 9.04
CA GLY A 261 -18.97 22.97 8.93
C GLY A 261 -19.06 24.47 8.85
N TRP A 262 -20.15 24.91 8.22
CA TRP A 262 -20.49 26.31 8.05
C TRP A 262 -19.87 27.32 9.00
N ALA A 263 -20.08 27.16 10.28
CA ALA A 263 -19.68 28.21 11.20
C ALA A 263 -18.23 28.27 11.69
N HIS A 264 -17.46 27.22 11.51
CA HIS A 264 -16.09 27.18 12.01
C HIS A 264 -15.18 28.16 11.27
N PRO A 265 -14.49 29.04 12.01
CA PRO A 265 -13.55 30.01 11.42
C PRO A 265 -12.40 29.36 10.59
N ASP A 266 -12.21 28.06 10.75
CA ASP A 266 -11.18 27.32 10.04
C ASP A 266 -11.41 27.32 8.52
N ASN A 267 -12.64 27.64 8.10
CA ASN A 267 -13.01 27.60 6.69
C ASN A 267 -12.18 28.51 5.86
N VAL A 268 -12.04 29.73 6.32
CA VAL A 268 -11.27 30.73 5.61
C VAL A 268 -9.88 30.19 5.24
N ALA A 269 -9.16 29.67 6.21
CA ALA A 269 -7.83 29.15 5.96
C ALA A 269 -7.84 27.94 5.02
N LEU A 270 -8.87 27.08 5.15
CA LEU A 270 -8.97 25.90 4.30
C LEU A 270 -9.20 26.32 2.86
N GLN A 271 -10.05 27.32 2.68
CA GLN A 271 -10.32 27.87 1.38
C GLN A 271 -9.03 28.44 0.74
N VAL A 272 -8.14 29.00 1.57
CA VAL A 272 -6.89 29.54 1.05
C VAL A 272 -6.03 28.40 0.49
N ALA A 273 -5.88 27.34 1.27
CA ALA A 273 -5.10 26.22 0.85
C ALA A 273 -5.71 25.59 -0.39
N ASN A 274 -7.04 25.61 -0.47
CA ASN A 274 -7.69 25.02 -1.60
C ASN A 274 -7.38 25.84 -2.82
N ALA A 275 -7.41 27.17 -2.66
CA ALA A 275 -7.09 28.07 -3.76
C ALA A 275 -5.67 27.81 -4.28
N ILE A 276 -4.77 27.49 -3.37
CA ILE A 276 -3.36 27.21 -3.71
C ILE A 276 -3.31 26.01 -4.64
N ILE A 277 -4.02 24.95 -4.30
CA ILE A 277 -4.10 23.78 -5.16
C ILE A 277 -4.99 24.09 -6.38
N GLY A 278 -6.08 24.84 -6.16
CA GLY A 278 -7.00 25.28 -7.22
C GLY A 278 -7.79 24.22 -8.00
N HIS A 279 -7.88 24.47 -9.28
CA HIS A 279 -8.60 23.59 -10.16
C HIS A 279 -7.91 23.59 -11.52
N TYR A 280 -8.35 22.73 -12.42
CA TYR A 280 -7.73 22.61 -13.72
C TYR A 280 -8.72 22.00 -14.69
N ASP A 281 -8.47 22.20 -15.95
CA ASP A 281 -9.34 21.78 -16.96
C ASP A 281 -8.48 21.76 -18.21
N CYS A 282 -8.76 20.89 -19.16
CA CYS A 282 -7.89 20.79 -20.28
C CYS A 282 -8.03 21.95 -21.25
N THR A 283 -8.95 22.88 -20.99
CA THR A 283 -9.09 24.04 -21.90
C THR A 283 -8.47 25.33 -21.30
N TYR A 284 -7.73 25.17 -20.22
CA TYR A 284 -7.10 26.29 -19.62
C TYR A 284 -5.99 26.59 -20.53
N GLY A 285 -5.80 27.87 -20.76
CA GLY A 285 -4.64 28.29 -21.47
C GLY A 285 -3.64 28.34 -20.36
N GLY A 286 -2.36 28.30 -20.76
CA GLY A 286 -1.28 28.35 -19.79
C GLY A 286 -1.30 27.02 -19.06
N GLY A 287 -0.35 26.14 -19.42
CA GLY A 287 -0.29 24.81 -18.85
C GLY A 287 0.89 24.71 -17.95
N ALA A 288 2.03 24.40 -18.53
CA ALA A 288 3.24 24.25 -17.76
C ALA A 288 3.49 25.37 -16.76
N HIS A 289 3.09 26.60 -17.08
CA HIS A 289 3.41 27.70 -16.23
C HIS A 289 2.46 28.02 -15.08
N LEU A 290 1.51 27.14 -14.78
CA LEU A 290 0.58 27.45 -13.68
C LEU A 290 1.20 27.43 -12.28
N SER A 291 0.69 28.27 -11.40
CA SER A 291 1.25 28.36 -10.07
C SER A 291 0.96 27.09 -9.31
N SER A 292 -0.21 26.53 -9.45
CA SER A 292 -0.47 25.30 -8.75
C SER A 292 0.40 24.19 -9.25
N PRO A 293 1.24 23.68 -8.35
CA PRO A 293 2.14 22.58 -8.69
C PRO A 293 1.34 21.38 -9.23
N LEU A 294 0.20 21.07 -8.62
CA LEU A 294 -0.63 19.95 -9.07
C LEU A 294 -1.07 20.21 -10.51
N ALA A 295 -1.76 21.34 -10.69
CA ALA A 295 -2.16 21.79 -12.00
C ALA A 295 -1.04 21.82 -13.01
N SER A 296 0.13 22.29 -12.63
CA SER A 296 1.14 22.35 -13.67
C SER A 296 1.60 20.98 -14.04
N ILE A 297 1.76 20.11 -13.04
CA ILE A 297 2.19 18.73 -13.31
C ILE A 297 1.13 17.98 -14.13
N ALA A 298 -0.14 18.21 -13.80
CA ALA A 298 -1.24 17.57 -14.52
C ALA A 298 -1.31 17.99 -15.94
N ALA A 299 -0.99 19.24 -16.20
CA ALA A 299 -1.04 19.74 -17.54
C ALA A 299 0.12 19.24 -18.38
N THR A 300 1.35 19.27 -17.84
CA THR A 300 2.55 18.85 -18.60
C THR A 300 2.60 17.38 -18.89
N ASN A 301 2.19 16.58 -17.91
CA ASN A 301 2.20 15.13 -18.06
C ASN A 301 0.84 14.51 -18.44
N LYS A 302 -0.14 15.36 -18.74
CA LYS A 302 -1.48 14.91 -19.10
C LYS A 302 -2.03 13.94 -18.07
N LEU A 303 -2.07 14.36 -16.80
CA LEU A 303 -2.58 13.51 -15.74
C LEU A 303 -4.05 13.46 -15.66
N CYS A 304 -4.71 14.44 -16.26
CA CYS A 304 -6.17 14.44 -16.26
C CYS A 304 -6.77 15.33 -17.29
N GLN A 305 -8.07 15.56 -17.13
CA GLN A 305 -8.88 16.35 -18.03
C GLN A 305 -9.39 17.49 -17.18
N SER A 306 -9.61 17.21 -15.93
CA SER A 306 -10.09 18.24 -15.05
C SER A 306 -10.00 17.84 -13.61
N PHE A 307 -9.70 18.83 -12.75
CA PHE A 307 -9.74 18.60 -11.31
C PHE A 307 -10.22 19.85 -10.61
N GLN A 308 -10.62 19.70 -9.37
CA GLN A 308 -11.12 20.81 -8.63
C GLN A 308 -11.22 20.46 -7.21
N THR A 309 -10.72 21.36 -6.36
CA THR A 309 -10.76 21.17 -4.91
C THR A 309 -12.07 21.74 -4.49
N PHE A 310 -12.48 21.44 -3.27
CA PHE A 310 -13.77 21.89 -2.82
C PHE A 310 -13.87 21.80 -1.33
N ASN A 311 -14.84 22.49 -0.78
CA ASN A 311 -15.06 22.47 0.63
C ASN A 311 -16.57 22.55 0.89
N ILE A 312 -17.25 21.41 0.94
CA ILE A 312 -18.68 21.40 1.16
C ILE A 312 -18.93 21.61 2.64
N CYS A 313 -19.92 22.43 2.99
CA CYS A 313 -20.29 22.66 4.38
C CYS A 313 -21.71 22.34 4.64
N TYR A 314 -21.93 21.69 5.78
CA TYR A 314 -23.24 21.44 6.31
C TYR A 314 -23.08 21.85 7.77
N ALA A 315 -24.14 21.79 8.52
CA ALA A 315 -24.03 22.08 9.94
C ALA A 315 -23.05 21.11 10.62
N ASP A 316 -22.05 21.69 11.31
CA ASP A 316 -21.07 20.96 12.11
C ASP A 316 -20.23 19.89 11.39
N THR A 317 -20.35 19.82 10.08
CA THR A 317 -19.60 18.83 9.33
C THR A 317 -19.54 19.25 7.88
N GLY A 318 -18.70 18.57 7.11
CA GLY A 318 -18.57 18.90 5.72
C GLY A 318 -17.55 17.99 5.07
N LEU A 319 -17.58 17.96 3.76
CA LEU A 319 -16.61 17.20 3.01
C LEU A 319 -15.57 18.21 2.53
N LEU A 320 -14.30 17.89 2.70
CA LEU A 320 -13.26 18.79 2.24
C LEU A 320 -12.31 18.01 1.42
N GLY A 321 -12.17 18.34 0.14
CA GLY A 321 -11.25 17.59 -0.69
C GLY A 321 -11.16 18.03 -2.13
N ALA A 322 -10.99 17.06 -3.02
CA ALA A 322 -10.83 17.33 -4.44
C ALA A 322 -11.59 16.27 -5.22
N HIS A 323 -11.90 16.57 -6.48
CA HIS A 323 -12.57 15.62 -7.37
C HIS A 323 -11.85 15.73 -8.67
N PHE A 324 -11.53 14.63 -9.31
CA PHE A 324 -10.87 14.72 -10.61
C PHE A 324 -11.46 13.73 -11.62
N VAL A 325 -11.00 13.84 -12.85
CA VAL A 325 -11.48 13.07 -13.98
C VAL A 325 -10.29 12.72 -14.86
N CYS A 326 -10.09 11.46 -15.18
CA CYS A 326 -8.98 11.14 -16.00
C CYS A 326 -9.04 9.80 -16.64
N ASP A 327 -8.03 9.56 -17.44
CA ASP A 327 -7.84 8.33 -18.16
C ASP A 327 -7.60 7.21 -17.16
N HIS A 328 -7.89 5.95 -17.60
CA HIS A 328 -7.74 4.76 -16.77
C HIS A 328 -6.34 4.42 -16.31
N MET A 329 -5.32 4.97 -16.95
CA MET A 329 -3.97 4.69 -16.50
C MET A 329 -3.34 5.84 -15.74
N SER A 330 -4.13 6.83 -15.32
CA SER A 330 -3.58 7.97 -14.64
C SER A 330 -4.11 8.16 -13.24
N ILE A 331 -4.94 7.26 -12.79
CA ILE A 331 -5.60 7.48 -11.53
C ILE A 331 -4.62 7.44 -10.40
N ASP A 332 -3.59 6.65 -10.58
CA ASP A 332 -2.58 6.51 -9.57
C ASP A 332 -1.78 7.81 -9.45
N ASP A 333 -1.21 8.28 -10.56
CA ASP A 333 -0.46 9.51 -10.55
C ASP A 333 -1.28 10.68 -10.02
N MET A 334 -2.45 10.89 -10.56
CA MET A 334 -3.25 11.99 -10.07
C MET A 334 -3.34 11.95 -8.53
N MET A 335 -3.60 10.76 -7.99
CA MET A 335 -3.78 10.62 -6.56
C MET A 335 -2.52 10.98 -5.78
N PHE A 336 -1.41 10.46 -6.26
CA PHE A 336 -0.13 10.69 -5.67
C PHE A 336 0.07 12.15 -5.57
N VAL A 337 0.06 12.79 -6.71
CA VAL A 337 0.29 14.19 -6.78
C VAL A 337 -0.70 14.97 -5.92
N LEU A 338 -1.97 14.66 -6.02
CA LEU A 338 -2.96 15.37 -5.22
C LEU A 338 -2.56 15.31 -3.72
N GLN A 339 -2.31 14.10 -3.25
CA GLN A 339 -1.99 13.85 -1.87
C GLN A 339 -0.66 14.48 -1.42
N GLY A 340 0.37 14.41 -2.29
CA GLY A 340 1.66 14.98 -1.98
C GLY A 340 1.51 16.47 -1.77
N GLN A 341 0.58 17.06 -2.48
CA GLN A 341 0.33 18.48 -2.33
C GLN A 341 -0.33 18.77 -1.01
N TRP A 342 -1.38 18.01 -0.69
CA TRP A 342 -2.02 18.17 0.61
C TRP A 342 -0.98 18.14 1.74
N MET A 343 -0.04 17.18 1.66
CA MET A 343 0.99 17.05 2.73
C MET A 343 1.95 18.20 2.73
N ARG A 344 2.35 18.65 1.54
CA ARG A 344 3.28 19.75 1.40
C ARG A 344 2.74 20.92 2.16
N LEU A 345 1.47 21.18 1.98
CA LEU A 345 0.82 22.26 2.67
C LEU A 345 0.76 22.05 4.18
N CYS A 346 0.37 20.85 4.62
CA CYS A 346 0.34 20.54 6.05
C CYS A 346 1.67 20.85 6.72
N THR A 347 2.76 20.48 6.04
CA THR A 347 4.09 20.59 6.61
C THR A 347 5.04 21.64 6.03
N SER A 348 4.74 22.20 4.84
CA SER A 348 5.72 23.12 4.21
C SER A 348 5.19 24.30 3.48
N ALA A 349 3.97 24.74 3.80
CA ALA A 349 3.42 25.91 3.12
C ALA A 349 4.41 27.05 3.22
N THR A 350 4.78 27.62 2.08
CA THR A 350 5.69 28.75 2.08
C THR A 350 4.84 30.02 2.09
N GLU A 351 5.46 31.15 2.34
CA GLU A 351 4.71 32.37 2.51
C GLU A 351 3.98 32.95 1.28
N SER A 352 4.66 33.06 0.14
CA SER A 352 4.05 33.68 -1.02
C SER A 352 2.86 32.92 -1.57
N GLU A 353 2.99 31.60 -1.72
CA GLU A 353 1.86 30.83 -2.22
C GLU A 353 0.61 31.13 -1.40
N VAL A 354 0.79 31.42 -0.11
CA VAL A 354 -0.36 31.75 0.72
C VAL A 354 -0.95 33.13 0.35
N LEU A 355 -0.10 34.08 0.02
CA LEU A 355 -0.59 35.37 -0.44
C LEU A 355 -1.46 35.10 -1.68
N ARG A 356 -0.92 34.36 -2.66
CA ARG A 356 -1.67 34.07 -3.87
C ARG A 356 -3.02 33.45 -3.54
N GLY A 357 -3.00 32.49 -2.64
CA GLY A 357 -4.23 31.85 -2.22
C GLY A 357 -5.21 32.85 -1.63
N LYS A 358 -4.70 33.77 -0.80
CA LYS A 358 -5.54 34.78 -0.20
C LYS A 358 -6.13 35.72 -1.24
N ASN A 359 -5.30 36.12 -2.22
CA ASN A 359 -5.72 37.04 -3.24
C ASN A 359 -6.78 36.39 -4.11
N LEU A 360 -6.56 35.10 -4.43
CA LEU A 360 -7.48 34.32 -5.24
C LEU A 360 -8.79 34.34 -4.58
N LEU A 361 -8.78 34.08 -3.30
CA LEU A 361 -9.99 34.02 -2.55
C LEU A 361 -10.68 35.38 -2.46
N ARG A 362 -9.91 36.45 -2.36
CA ARG A 362 -10.51 37.78 -2.32
C ARG A 362 -11.20 38.02 -3.66
N ASN A 363 -10.48 37.70 -4.74
CA ASN A 363 -11.01 37.88 -6.09
C ASN A 363 -12.29 37.11 -6.30
N ALA A 364 -12.28 35.87 -5.82
CA ALA A 364 -13.39 34.98 -5.91
C ALA A 364 -14.58 35.56 -5.26
N LEU A 365 -14.40 35.94 -4.01
CA LEU A 365 -15.45 36.50 -3.21
C LEU A 365 -16.09 37.68 -3.90
N VAL A 366 -15.30 38.72 -4.11
CA VAL A 366 -15.81 39.94 -4.71
C VAL A 366 -16.48 39.69 -6.07
N SER A 367 -15.85 38.83 -6.87
CA SER A 367 -16.34 38.48 -8.19
C SER A 367 -17.64 37.72 -8.10
N HIS A 368 -17.74 36.86 -7.11
CA HIS A 368 -18.95 36.10 -6.98
C HIS A 368 -20.12 36.95 -6.59
N LEU A 369 -19.88 37.98 -5.80
CA LEU A 369 -20.98 38.82 -5.36
C LEU A 369 -21.31 39.90 -6.37
N ASP A 370 -21.62 39.49 -7.59
CA ASP A 370 -21.84 40.47 -8.63
C ASP A 370 -23.17 40.38 -9.34
N GLY A 371 -24.10 41.23 -8.93
CA GLY A 371 -25.43 41.18 -9.53
C GLY A 371 -26.46 40.85 -8.49
N THR A 372 -27.72 41.19 -8.76
CA THR A 372 -28.77 40.98 -7.77
C THR A 372 -28.87 39.55 -7.24
N THR A 373 -29.03 38.60 -8.15
CA THR A 373 -29.17 37.22 -7.75
C THR A 373 -28.10 36.66 -6.84
N PRO A 374 -26.83 36.70 -7.25
CA PRO A 374 -25.78 36.14 -6.40
C PRO A 374 -25.82 36.79 -5.02
N VAL A 375 -26.06 38.11 -4.94
CA VAL A 375 -26.10 38.77 -3.65
C VAL A 375 -27.27 38.29 -2.86
N CYS A 376 -28.47 38.43 -3.40
CA CYS A 376 -29.66 37.99 -2.73
C CYS A 376 -29.50 36.60 -2.16
N GLU A 377 -28.96 35.69 -2.95
CA GLU A 377 -28.77 34.34 -2.47
C GLU A 377 -27.83 34.29 -1.29
N ASP A 378 -26.85 35.19 -1.23
CA ASP A 378 -25.88 35.18 -0.15
C ASP A 378 -26.50 35.68 1.12
N ILE A 379 -27.39 36.65 0.98
CA ILE A 379 -28.10 37.20 2.12
C ILE A 379 -28.92 36.10 2.73
N GLY A 380 -29.90 35.62 1.98
CA GLY A 380 -30.81 34.61 2.48
C GLY A 380 -30.14 33.40 3.09
N ARG A 381 -29.15 32.88 2.38
CA ARG A 381 -28.44 31.70 2.82
C ARG A 381 -27.62 31.96 4.05
N SER A 382 -26.98 33.12 4.12
CA SER A 382 -26.13 33.46 5.26
C SER A 382 -26.93 33.66 6.49
N LEU A 383 -28.10 34.24 6.34
CA LEU A 383 -28.95 34.41 7.49
C LEU A 383 -29.26 33.07 8.10
N LEU A 384 -29.48 32.09 7.23
CA LEU A 384 -29.73 30.73 7.66
C LEU A 384 -28.52 30.16 8.39
N THR A 385 -27.35 30.30 7.78
CA THR A 385 -26.18 29.65 8.30
C THR A 385 -25.41 30.36 9.38
N TYR A 386 -25.11 31.64 9.19
CA TYR A 386 -24.33 32.41 10.16
C TYR A 386 -25.23 33.19 11.13
N GLY A 387 -26.52 33.19 10.85
CA GLY A 387 -27.43 33.97 11.66
C GLY A 387 -27.40 35.43 11.28
N ARG A 388 -26.32 35.87 10.64
CA ARG A 388 -26.19 37.28 10.23
C ARG A 388 -25.61 37.34 8.82
N ARG A 389 -25.25 38.53 8.37
CA ARG A 389 -24.62 38.70 7.05
C ARG A 389 -23.22 39.18 7.30
N ILE A 390 -22.23 38.43 6.86
CA ILE A 390 -20.86 38.80 7.11
C ILE A 390 -20.35 39.78 6.09
N PRO A 391 -20.20 41.05 6.51
CA PRO A 391 -19.83 42.13 5.58
C PRO A 391 -18.51 41.85 4.94
N LEU A 392 -18.42 42.11 3.63
CA LEU A 392 -17.18 41.88 2.90
C LEU A 392 -15.95 42.15 3.77
N ALA A 393 -15.85 43.39 4.27
CA ALA A 393 -14.75 43.80 5.13
C ALA A 393 -14.31 42.69 6.11
N GLU A 394 -15.28 42.10 6.83
CA GLU A 394 -14.98 41.02 7.78
C GLU A 394 -14.28 39.84 7.16
N TRP A 395 -14.73 39.42 5.97
CA TRP A 395 -14.06 38.35 5.27
C TRP A 395 -12.65 38.82 4.93
N GLU A 396 -12.52 40.05 4.43
CA GLU A 396 -11.19 40.57 4.13
C GLU A 396 -10.31 40.53 5.34
N SER A 397 -10.86 40.86 6.50
CA SER A 397 -10.02 40.77 7.70
C SER A 397 -9.64 39.33 8.02
N ARG A 398 -10.59 38.40 7.89
CA ARG A 398 -10.33 36.96 8.12
C ARG A 398 -9.24 36.44 7.18
N ILE A 399 -9.34 36.77 5.91
CA ILE A 399 -8.33 36.33 4.99
C ILE A 399 -6.92 36.91 5.35
N ALA A 400 -6.84 38.22 5.61
CA ALA A 400 -5.59 38.87 5.93
C ALA A 400 -4.85 38.18 7.08
N GLU A 401 -5.63 37.77 8.11
CA GLU A 401 -5.11 37.06 9.28
C GLU A 401 -4.29 35.86 8.90
N VAL A 402 -4.76 35.14 7.89
CA VAL A 402 -4.09 33.93 7.41
C VAL A 402 -2.67 34.15 6.81
N ASP A 403 -1.74 33.29 7.17
CA ASP A 403 -0.42 33.30 6.59
C ASP A 403 0.11 31.83 6.67
N ALA A 404 1.29 31.56 6.13
CA ALA A 404 1.82 30.18 6.11
C ALA A 404 1.52 29.32 7.33
N ARG A 405 1.90 29.81 8.52
CA ARG A 405 1.70 29.06 9.76
C ARG A 405 0.26 28.61 9.93
N VAL A 406 -0.67 29.54 9.70
CA VAL A 406 -2.08 29.24 9.84
C VAL A 406 -2.50 28.15 8.87
N VAL A 407 -1.94 28.20 7.67
CA VAL A 407 -2.25 27.21 6.69
C VAL A 407 -1.76 25.83 7.19
N ARG A 408 -0.48 25.73 7.57
CA ARG A 408 0.09 24.47 8.02
C ARG A 408 -0.66 23.93 9.21
N GLU A 409 -0.91 24.78 10.18
CA GLU A 409 -1.65 24.37 11.35
C GLU A 409 -3.05 23.92 10.98
N VAL A 410 -3.77 24.75 10.21
CA VAL A 410 -5.15 24.41 9.82
C VAL A 410 -5.21 23.21 8.89
N CYS A 411 -4.28 23.12 7.96
CA CYS A 411 -4.30 21.97 7.06
C CYS A 411 -4.04 20.67 7.87
N SER A 412 -2.95 20.66 8.63
CA SER A 412 -2.65 19.52 9.46
C SER A 412 -3.86 19.08 10.31
N LYS A 413 -4.56 20.03 10.93
CA LYS A 413 -5.74 19.72 11.75
C LYS A 413 -6.79 18.88 11.02
N TYR A 414 -7.01 19.15 9.74
CA TYR A 414 -8.03 18.44 9.00
C TYR A 414 -7.56 17.33 8.06
N PHE A 415 -6.37 17.47 7.51
CA PHE A 415 -5.84 16.51 6.56
C PHE A 415 -4.81 15.56 7.16
N TYR A 416 -3.94 16.06 8.03
CA TYR A 416 -2.86 15.20 8.52
C TYR A 416 -3.26 13.99 9.28
N ASP A 417 -2.82 12.85 8.74
CA ASP A 417 -3.10 11.53 9.25
C ASP A 417 -4.57 11.34 9.51
N GLN A 418 -5.41 11.85 8.61
CA GLN A 418 -6.83 11.66 8.74
C GLN A 418 -7.40 10.57 7.79
N CYS A 419 -8.56 10.02 8.12
CA CYS A 419 -9.16 8.98 7.30
C CYS A 419 -10.05 9.60 6.24
N PRO A 420 -9.72 9.31 4.97
CA PRO A 420 -10.47 9.80 3.81
C PRO A 420 -11.76 9.05 3.53
N ALA A 421 -12.65 9.68 2.78
CA ALA A 421 -13.86 9.03 2.27
C ALA A 421 -13.65 9.09 0.78
N VAL A 422 -13.41 7.94 0.15
CA VAL A 422 -13.13 7.90 -1.29
C VAL A 422 -14.34 7.46 -2.14
N ALA A 423 -14.63 8.13 -3.27
CA ALA A 423 -15.73 7.63 -4.10
C ALA A 423 -15.22 7.48 -5.51
N GLY A 424 -15.45 6.32 -6.11
CA GLY A 424 -14.94 6.04 -7.46
C GLY A 424 -15.98 5.56 -8.43
N PHE A 425 -15.79 5.83 -9.70
CA PHE A 425 -16.78 5.50 -10.73
C PHE A 425 -16.07 5.52 -12.09
N GLY A 426 -16.36 4.57 -12.95
CA GLY A 426 -15.66 4.56 -14.24
C GLY A 426 -14.62 3.47 -14.36
N PRO A 427 -13.66 3.62 -15.23
CA PRO A 427 -12.59 2.61 -15.39
C PRO A 427 -11.61 2.70 -14.28
N ILE A 428 -12.01 2.33 -13.09
CA ILE A 428 -11.21 2.55 -11.92
C ILE A 428 -10.27 1.45 -11.45
N GLU A 429 -10.00 0.45 -12.31
CA GLU A 429 -9.04 -0.60 -11.91
C GLU A 429 -7.73 -0.09 -11.27
N GLN A 430 -7.18 1.04 -11.74
CA GLN A 430 -5.94 1.54 -11.18
C GLN A 430 -6.10 2.47 -9.95
N LEU A 431 -7.34 2.74 -9.54
CA LEU A 431 -7.60 3.53 -8.33
C LEU A 431 -6.96 2.80 -7.20
N PRO A 432 -6.04 3.43 -6.49
CA PRO A 432 -5.27 2.77 -5.41
C PRO A 432 -6.12 2.20 -4.30
N ASP A 433 -5.64 1.14 -3.64
CA ASP A 433 -6.37 0.49 -2.53
C ASP A 433 -6.58 1.46 -1.38
N TYR A 434 -7.65 1.32 -0.61
CA TYR A 434 -7.86 2.26 0.48
C TYR A 434 -6.72 2.35 1.44
N ASN A 435 -6.04 1.25 1.69
CA ASN A 435 -4.92 1.34 2.61
C ASN A 435 -3.89 2.31 2.04
N ARG A 436 -3.55 2.07 0.79
CA ARG A 436 -2.60 2.86 0.09
C ARG A 436 -2.95 4.39 0.08
N ILE A 437 -4.20 4.69 -0.25
CA ILE A 437 -4.67 6.06 -0.17
C ILE A 437 -4.52 6.56 1.29
N ARG A 438 -4.80 5.68 2.27
CA ARG A 438 -4.73 6.07 3.67
C ARG A 438 -3.31 6.44 4.05
N SER A 439 -2.37 5.57 3.69
CA SER A 439 -0.93 5.81 3.87
C SER A 439 -0.45 7.11 3.26
N GLY A 440 -1.09 7.51 2.15
CA GLY A 440 -0.74 8.75 1.49
C GLY A 440 -1.22 9.98 2.28
N MET A 441 -1.85 9.76 3.42
CA MET A 441 -2.34 10.88 4.22
C MET A 441 -1.40 11.24 5.36
N PHE A 442 -0.16 10.75 5.27
CA PHE A 442 0.90 11.10 6.20
C PHE A 442 2.27 10.90 5.50
N TRP A 443 3.29 11.58 6.02
CA TRP A 443 4.63 11.43 5.49
C TRP A 443 5.54 10.84 6.51
N LEU A 444 6.30 9.82 6.11
CA LEU A 444 7.28 9.21 6.96
C LEU A 444 8.45 10.16 7.29
N ARG A 445 8.66 11.22 6.48
CA ARG A 445 9.71 12.21 6.80
C ARG A 445 9.32 13.09 7.93
N PHE A 446 8.02 13.28 8.07
CA PHE A 446 7.54 14.22 9.07
C PHE A 446 6.82 13.51 10.22
N VAL B 17 -28.55 52.95 1.82
CA VAL B 17 -28.38 53.92 0.71
C VAL B 17 -26.97 53.86 0.14
N PRO B 18 -26.83 53.36 -1.08
CA PRO B 18 -25.53 53.29 -1.77
C PRO B 18 -24.98 54.71 -2.09
N PRO B 19 -23.73 54.81 -2.55
CA PRO B 19 -23.11 56.13 -2.87
C PRO B 19 -23.74 56.89 -4.09
N HIS B 20 -22.99 57.86 -4.62
CA HIS B 20 -23.40 58.65 -5.78
C HIS B 20 -23.13 57.77 -7.00
N PRO B 21 -24.18 57.48 -7.79
CA PRO B 21 -24.04 56.62 -8.98
C PRO B 21 -23.35 57.42 -10.08
N GLN B 22 -22.05 57.20 -10.30
CA GLN B 22 -21.31 57.96 -11.30
C GLN B 22 -21.89 57.78 -12.67
N ASP B 23 -21.55 58.70 -13.58
CA ASP B 23 -21.98 58.57 -14.95
C ASP B 23 -20.83 58.01 -15.72
N LEU B 24 -21.14 57.30 -16.79
CA LEU B 24 -20.15 56.70 -17.62
C LEU B 24 -19.60 57.79 -18.48
N GLU B 25 -18.28 57.82 -18.60
CA GLU B 25 -17.57 58.80 -19.45
C GLU B 25 -17.21 58.11 -20.77
N PHE B 26 -17.47 58.76 -21.89
CA PHE B 26 -17.19 58.16 -23.21
C PHE B 26 -16.33 59.13 -24.05
N THR B 27 -15.36 58.61 -24.76
CA THR B 27 -14.48 59.51 -25.52
C THR B 27 -13.98 58.90 -26.82
N ARG B 28 -14.14 59.66 -27.92
CA ARG B 28 -13.64 59.23 -29.22
C ARG B 28 -12.35 59.93 -29.47
N LEU B 29 -11.27 59.18 -29.61
CA LEU B 29 -10.00 59.83 -29.95
C LEU B 29 -10.05 60.07 -31.44
N PRO B 30 -9.35 61.12 -31.91
CA PRO B 30 -9.32 61.47 -33.34
C PRO B 30 -8.93 60.29 -34.26
N ASN B 31 -8.03 59.41 -33.82
CA ASN B 31 -7.56 58.32 -34.64
C ASN B 31 -8.53 57.21 -34.77
N GLY B 32 -9.73 57.40 -34.19
CA GLY B 32 -10.81 56.42 -34.25
C GLY B 32 -11.08 55.59 -32.99
N LEU B 33 -10.08 55.48 -32.10
CA LEU B 33 -10.22 54.72 -30.88
C LEU B 33 -11.34 55.28 -30.04
N VAL B 34 -12.00 54.40 -29.30
CA VAL B 34 -13.05 54.78 -28.35
C VAL B 34 -12.60 54.38 -26.94
N ILE B 35 -12.83 55.23 -25.96
CA ILE B 35 -12.49 54.88 -24.58
C ILE B 35 -13.73 55.10 -23.78
N ALA B 36 -14.06 54.20 -22.87
CA ALA B 36 -15.27 54.37 -22.03
C ALA B 36 -15.02 53.79 -20.69
N SER B 37 -15.45 54.48 -19.65
CA SER B 37 -15.22 53.97 -18.31
C SER B 37 -16.35 54.33 -17.33
N LEU B 38 -16.37 53.66 -16.18
CA LEU B 38 -17.34 53.96 -15.13
C LEU B 38 -16.63 53.78 -13.84
N GLU B 39 -16.55 54.85 -13.02
CA GLU B 39 -15.97 54.72 -11.72
C GLU B 39 -16.96 54.00 -10.84
N ASN B 40 -16.64 52.75 -10.60
CA ASN B 40 -17.52 51.86 -9.90
C ASN B 40 -17.52 52.02 -8.41
N TYR B 41 -16.34 52.17 -7.83
CA TYR B 41 -16.20 52.22 -6.38
C TYR B 41 -16.29 50.78 -5.87
N ALA B 42 -16.27 49.85 -6.81
CA ALA B 42 -16.34 48.45 -6.51
C ALA B 42 -14.97 47.96 -6.13
N PRO B 43 -14.92 46.90 -5.33
CA PRO B 43 -13.66 46.33 -4.88
C PRO B 43 -12.81 45.73 -5.98
N ALA B 44 -13.39 45.42 -7.13
CA ALA B 44 -12.57 44.82 -8.21
C ALA B 44 -12.70 45.56 -9.50
N SER B 45 -11.69 45.45 -10.34
CA SER B 45 -11.69 46.17 -11.57
C SER B 45 -11.79 45.27 -12.76
N ARG B 46 -12.32 45.82 -13.82
CA ARG B 46 -12.48 45.03 -14.98
C ARG B 46 -12.17 45.88 -16.20
N ILE B 47 -11.25 45.41 -17.05
CA ILE B 47 -10.87 46.15 -18.24
C ILE B 47 -10.90 45.35 -19.53
N GLY B 48 -11.60 45.82 -20.55
CA GLY B 48 -11.57 45.13 -21.83
C GLY B 48 -11.08 45.92 -23.04
N LEU B 49 -10.25 45.34 -23.86
CA LEU B 49 -9.92 45.94 -25.14
C LEU B 49 -10.76 45.13 -26.20
N PHE B 50 -11.77 45.76 -26.80
CA PHE B 50 -12.61 45.07 -27.77
C PHE B 50 -12.13 45.41 -29.17
N ILE B 51 -12.11 44.43 -30.06
CA ILE B 51 -11.56 44.70 -31.38
C ILE B 51 -12.37 44.09 -32.49
N LYS B 52 -12.51 44.84 -33.58
CA LYS B 52 -13.12 44.42 -34.85
C LYS B 52 -12.17 43.35 -35.48
N ALA B 53 -12.09 42.17 -34.88
CA ALA B 53 -11.14 41.17 -35.33
C ALA B 53 -11.67 39.73 -35.41
N GLY B 54 -12.99 39.58 -35.27
CA GLY B 54 -13.62 38.26 -35.29
C GLY B 54 -13.46 37.54 -36.62
N SER B 55 -13.97 36.31 -36.69
CA SER B 55 -13.84 35.40 -37.85
C SER B 55 -14.35 35.90 -39.14
N ARG B 56 -15.22 36.84 -39.11
CA ARG B 56 -15.68 37.38 -40.36
C ARG B 56 -14.54 38.04 -41.15
N TYR B 57 -13.41 38.35 -40.48
CA TYR B 57 -12.32 39.03 -41.18
C TYR B 57 -11.27 38.06 -41.67
N GLU B 58 -11.54 36.77 -41.50
CA GLU B 58 -10.60 35.75 -41.98
C GLU B 58 -10.93 35.57 -43.41
N ASN B 59 -10.09 34.90 -44.17
CA ASN B 59 -10.52 34.59 -45.50
C ASN B 59 -10.16 33.21 -45.97
N SER B 60 -10.58 32.89 -47.16
CA SER B 60 -10.40 31.57 -47.68
C SER B 60 -9.00 31.01 -47.66
N ASN B 61 -7.98 31.86 -47.47
CA ASN B 61 -6.59 31.35 -47.35
C ASN B 61 -6.05 31.29 -45.97
N ASN B 62 -6.77 31.81 -44.97
CA ASN B 62 -6.26 31.79 -43.60
C ASN B 62 -7.26 31.40 -42.52
N LEU B 63 -8.28 30.63 -42.89
CA LEU B 63 -9.28 30.20 -41.91
C LEU B 63 -8.73 29.63 -40.58
N GLY B 64 -9.40 29.97 -39.50
CA GLY B 64 -9.00 29.52 -38.17
C GLY B 64 -7.95 30.39 -37.50
N THR B 65 -7.39 31.33 -38.23
CA THR B 65 -6.34 32.14 -37.68
C THR B 65 -6.81 32.84 -36.42
N SER B 66 -8.06 33.26 -36.37
CA SER B 66 -8.50 33.96 -35.19
C SER B 66 -8.86 33.04 -34.09
N HIS B 67 -8.93 31.76 -34.39
CA HIS B 67 -9.24 30.79 -33.35
C HIS B 67 -7.97 30.55 -32.63
N LEU B 68 -6.93 30.20 -33.39
CA LEU B 68 -5.64 29.96 -32.79
C LEU B 68 -5.25 31.22 -31.99
N LEU B 69 -5.53 32.38 -32.57
CA LEU B 69 -5.19 33.63 -31.97
C LEU B 69 -5.91 33.76 -30.64
N ARG B 70 -7.16 33.35 -30.64
CA ARG B 70 -7.97 33.40 -29.45
C ARG B 70 -7.29 32.58 -28.40
N LEU B 71 -6.57 31.55 -28.81
CA LEU B 71 -5.96 30.73 -27.80
C LEU B 71 -4.54 31.06 -27.52
N ALA B 72 -4.02 32.15 -28.01
CA ALA B 72 -2.58 32.44 -27.76
C ALA B 72 -2.40 33.61 -26.77
N SER B 73 -3.39 33.85 -25.94
CA SER B 73 -3.38 35.03 -25.17
C SER B 73 -2.33 35.06 -24.10
N SER B 74 -1.64 33.92 -23.92
CA SER B 74 -0.51 33.86 -22.96
C SER B 74 0.81 33.33 -23.50
N LEU B 75 1.00 33.40 -24.80
CA LEU B 75 2.28 33.08 -25.34
C LEU B 75 3.12 34.34 -25.07
N THR B 76 4.43 34.29 -25.28
CA THR B 76 5.23 35.39 -24.86
C THR B 76 5.13 36.67 -25.67
N THR B 77 5.04 37.78 -24.98
CA THR B 77 4.99 39.09 -25.61
C THR B 77 6.34 39.71 -25.45
N LYS B 78 6.48 40.96 -25.86
CA LYS B 78 7.77 41.59 -25.79
C LYS B 78 8.13 42.04 -24.43
N GLY B 79 7.13 42.43 -23.67
CA GLY B 79 7.40 42.96 -22.35
C GLY B 79 7.13 41.95 -21.26
N ALA B 80 6.73 40.75 -21.66
CA ALA B 80 6.36 39.73 -20.72
C ALA B 80 6.33 38.38 -21.37
N SER B 81 7.10 37.45 -20.80
CA SER B 81 7.20 36.08 -21.24
C SER B 81 5.95 35.28 -20.81
N SER B 82 5.74 34.14 -21.44
CA SER B 82 4.62 33.26 -21.12
C SER B 82 4.56 33.01 -19.65
N PHE B 83 5.65 32.50 -19.12
CA PHE B 83 5.73 32.24 -17.72
C PHE B 83 5.33 33.44 -16.88
N LYS B 84 5.79 34.63 -17.26
CA LYS B 84 5.47 35.75 -16.44
C LYS B 84 3.99 36.13 -16.46
N ILE B 85 3.39 36.08 -17.63
CA ILE B 85 2.00 36.43 -17.76
C ILE B 85 1.21 35.52 -16.87
N THR B 86 1.46 34.25 -16.97
CA THR B 86 0.71 33.32 -16.19
C THR B 86 0.89 33.52 -14.68
N ARG B 87 2.14 33.50 -14.22
CA ARG B 87 2.45 33.68 -12.81
C ARG B 87 2.07 35.03 -12.31
N GLY B 88 2.28 36.03 -13.15
CA GLY B 88 2.08 37.38 -12.71
C GLY B 88 0.65 37.63 -12.43
N ILE B 89 -0.17 37.20 -13.36
CA ILE B 89 -1.59 37.38 -13.24
C ILE B 89 -2.19 36.58 -12.13
N GLU B 90 -1.74 35.33 -11.97
CA GLU B 90 -2.32 34.56 -10.89
C GLU B 90 -1.81 34.87 -9.52
N ALA B 91 -0.70 35.56 -9.48
CA ALA B 91 -0.15 35.96 -8.22
C ALA B 91 -1.08 36.96 -7.51
N VAL B 92 -1.88 37.69 -8.29
CA VAL B 92 -2.88 38.62 -7.72
C VAL B 92 -4.28 38.08 -7.88
N GLY B 93 -4.36 36.87 -8.42
CA GLY B 93 -5.64 36.20 -8.55
C GLY B 93 -6.48 36.86 -9.60
N GLY B 94 -5.83 37.42 -10.60
CA GLY B 94 -6.57 38.04 -11.67
C GLY B 94 -6.84 37.05 -12.77
N LYS B 95 -7.65 37.42 -13.73
CA LYS B 95 -7.83 36.53 -14.86
C LYS B 95 -7.63 37.30 -16.14
N LEU B 96 -7.28 36.56 -17.19
CA LEU B 96 -7.14 37.08 -18.54
C LEU B 96 -8.04 36.19 -19.52
N SER B 97 -9.06 36.80 -20.11
CA SER B 97 -9.93 36.06 -20.99
C SER B 97 -10.03 36.61 -22.36
N VAL B 98 -10.20 35.73 -23.35
CA VAL B 98 -10.53 36.20 -24.68
C VAL B 98 -11.79 35.61 -25.30
N THR B 99 -12.70 36.50 -25.69
CA THR B 99 -13.99 36.16 -26.23
C THR B 99 -14.17 36.54 -27.69
N SER B 100 -14.74 35.65 -28.46
CA SER B 100 -14.90 35.90 -29.87
C SER B 100 -16.29 35.69 -30.35
N THR B 101 -16.66 36.47 -31.32
CA THR B 101 -17.91 36.32 -31.93
C THR B 101 -17.56 36.42 -33.39
N ARG B 102 -18.54 36.42 -34.26
CA ARG B 102 -18.21 36.48 -35.64
C ARG B 102 -17.67 37.82 -36.02
N GLU B 103 -17.93 38.84 -35.19
CA GLU B 103 -17.40 40.14 -35.51
C GLU B 103 -16.27 40.67 -34.65
N ASN B 104 -16.28 40.39 -33.35
CA ASN B 104 -15.22 40.96 -32.52
C ASN B 104 -14.44 39.99 -31.73
N MET B 105 -13.21 40.38 -31.37
CA MET B 105 -12.49 39.65 -30.33
C MET B 105 -12.54 40.63 -29.18
N ALA B 106 -12.45 40.12 -27.96
CA ALA B 106 -12.47 40.96 -26.80
C ALA B 106 -11.63 40.35 -25.73
N TYR B 107 -10.46 40.98 -25.49
CA TYR B 107 -9.57 40.60 -24.42
C TYR B 107 -10.03 41.28 -23.14
N THR B 108 -10.49 40.49 -22.19
CA THR B 108 -10.96 40.99 -20.92
C THR B 108 -10.03 40.58 -19.76
N VAL B 109 -9.76 41.50 -18.86
CA VAL B 109 -8.83 41.25 -17.76
C VAL B 109 -9.51 41.72 -16.45
N GLU B 110 -9.28 41.01 -15.35
CA GLU B 110 -10.00 41.32 -14.11
C GLU B 110 -9.15 41.09 -12.90
N CYS B 111 -9.33 41.91 -11.89
CA CYS B 111 -8.54 41.85 -10.65
C CYS B 111 -9.03 42.87 -9.68
N LEU B 112 -8.45 42.89 -8.50
CA LEU B 112 -8.84 43.89 -7.51
C LEU B 112 -8.27 45.28 -7.85
N ARG B 113 -8.96 46.29 -7.36
CA ARG B 113 -8.64 47.72 -7.57
C ARG B 113 -7.17 48.09 -7.64
N ASP B 114 -6.43 47.72 -6.59
CA ASP B 114 -5.00 47.99 -6.48
C ASP B 114 -4.12 47.28 -7.52
N ASP B 115 -4.68 46.45 -8.36
CA ASP B 115 -3.83 45.69 -9.23
C ASP B 115 -3.96 45.94 -10.74
N VAL B 116 -4.82 46.88 -11.12
CA VAL B 116 -4.98 47.17 -12.51
C VAL B 116 -3.67 47.51 -13.26
N ASP B 117 -2.75 48.20 -12.60
CA ASP B 117 -1.48 48.52 -13.23
C ASP B 117 -0.80 47.28 -13.82
N ILE B 118 -0.67 46.25 -13.00
CA ILE B 118 -0.09 45.01 -13.48
C ILE B 118 -0.95 44.39 -14.61
N LEU B 119 -2.25 44.33 -14.42
CA LEU B 119 -3.05 43.69 -15.46
C LEU B 119 -3.11 44.41 -16.76
N MET B 120 -3.18 45.73 -16.70
CA MET B 120 -3.22 46.57 -17.88
C MET B 120 -2.02 46.32 -18.78
N GLU B 121 -0.85 46.27 -18.16
CA GLU B 121 0.40 46.05 -18.87
C GLU B 121 0.39 44.73 -19.56
N PHE B 122 -0.08 43.73 -18.86
CA PHE B 122 -0.14 42.43 -19.40
C PHE B 122 -1.11 42.49 -20.59
N LEU B 123 -2.28 43.10 -20.35
CA LEU B 123 -3.25 43.25 -21.41
C LEU B 123 -2.63 43.93 -22.66
N LEU B 124 -1.89 45.03 -22.47
CA LEU B 124 -1.31 45.75 -23.62
C LEU B 124 -0.27 44.95 -24.35
N ASN B 125 0.48 44.18 -23.59
CA ASN B 125 1.51 43.37 -24.17
C ASN B 125 0.95 42.31 -25.10
N VAL B 126 -0.15 41.67 -24.69
CA VAL B 126 -0.74 40.61 -25.45
C VAL B 126 -1.34 41.17 -26.70
N THR B 127 -2.08 42.26 -26.56
CA THR B 127 -2.79 42.80 -27.67
C THR B 127 -1.97 43.58 -28.62
N THR B 128 -0.81 44.07 -28.21
CA THR B 128 -0.05 44.91 -29.14
C THR B 128 1.41 44.52 -29.30
N ALA B 129 1.83 43.48 -28.60
CA ALA B 129 3.21 43.05 -28.69
C ALA B 129 3.34 41.57 -28.57
N PRO B 130 2.55 40.83 -29.30
CA PRO B 130 2.69 39.40 -29.27
C PRO B 130 3.89 39.06 -30.13
N GLU B 131 4.70 38.09 -29.71
CA GLU B 131 5.82 37.66 -30.53
C GLU B 131 5.50 36.41 -31.38
N PHE B 132 4.49 35.62 -30.99
CA PHE B 132 4.13 34.40 -31.80
C PHE B 132 5.36 33.62 -32.21
N ARG B 133 6.14 33.21 -31.19
CA ARG B 133 7.34 32.46 -31.40
C ARG B 133 7.05 31.18 -32.05
N ARG B 134 7.81 30.87 -33.07
CA ARG B 134 7.58 29.68 -33.85
C ARG B 134 7.29 28.40 -33.06
N TRP B 135 8.04 28.13 -32.01
CA TRP B 135 7.85 26.88 -31.25
C TRP B 135 6.67 26.94 -30.28
N GLU B 136 6.36 28.12 -29.77
CA GLU B 136 5.25 28.24 -28.87
C GLU B 136 3.96 28.03 -29.62
N VAL B 137 3.96 28.36 -30.92
CA VAL B 137 2.72 28.23 -31.65
C VAL B 137 2.57 26.83 -32.18
N ALA B 138 3.69 26.12 -32.29
CA ALA B 138 3.63 24.69 -32.62
C ALA B 138 2.99 23.96 -31.45
N ALA B 139 3.42 24.26 -30.24
CA ALA B 139 2.88 23.61 -29.06
C ALA B 139 1.44 23.91 -28.81
N LEU B 140 0.91 24.95 -29.43
CA LEU B 140 -0.47 25.38 -29.23
C LEU B 140 -1.44 24.73 -30.19
N GLN B 141 -0.99 24.43 -31.40
CA GLN B 141 -1.90 23.92 -32.43
C GLN B 141 -2.86 22.86 -31.94
N PRO B 142 -2.34 21.82 -31.31
CA PRO B 142 -3.20 20.81 -30.71
C PRO B 142 -4.33 21.36 -29.88
N GLN B 143 -4.27 22.56 -29.31
CA GLN B 143 -5.43 23.02 -28.55
C GLN B 143 -6.62 23.25 -29.42
N LEU B 144 -6.36 23.53 -30.69
CA LEU B 144 -7.43 23.85 -31.57
C LEU B 144 -8.40 22.63 -31.59
N ARG B 145 -7.81 21.47 -31.58
CA ARG B 145 -8.52 20.26 -31.63
C ARG B 145 -9.27 20.04 -30.33
N ILE B 146 -8.58 20.13 -29.22
CA ILE B 146 -9.24 19.99 -27.93
C ILE B 146 -10.37 21.03 -27.76
N ASP B 147 -10.05 22.29 -28.01
CA ASP B 147 -11.00 23.36 -27.86
C ASP B 147 -12.32 23.17 -28.63
N LYS B 148 -12.18 22.80 -29.88
CA LYS B 148 -13.27 22.57 -30.74
C LYS B 148 -14.06 21.33 -30.22
N ALA B 149 -13.38 20.23 -29.97
CA ALA B 149 -14.04 19.05 -29.45
C ALA B 149 -14.97 19.42 -28.26
N VAL B 150 -14.45 20.22 -27.35
CA VAL B 150 -15.25 20.59 -26.21
C VAL B 150 -16.43 21.40 -26.65
N ALA B 151 -16.23 22.33 -27.57
CA ALA B 151 -17.39 23.14 -28.04
C ALA B 151 -18.39 22.28 -28.81
N LEU B 152 -17.91 21.61 -29.84
CA LEU B 152 -18.75 20.78 -30.64
C LEU B 152 -19.47 19.66 -29.89
N GLN B 153 -19.25 19.54 -28.61
CA GLN B 153 -20.03 18.59 -27.82
C GLN B 153 -21.47 19.01 -27.65
N ASN B 154 -21.82 20.25 -27.91
CA ASN B 154 -23.25 20.65 -27.90
C ASN B 154 -23.69 20.66 -29.35
N PRO B 155 -24.79 19.97 -29.63
CA PRO B 155 -25.31 19.95 -30.97
C PRO B 155 -25.58 21.36 -31.54
N GLN B 156 -25.85 22.35 -30.70
CA GLN B 156 -26.14 23.67 -31.21
C GLN B 156 -24.93 24.27 -31.85
N ALA B 157 -23.76 24.02 -31.28
CA ALA B 157 -22.59 24.64 -31.83
C ALA B 157 -22.43 24.25 -33.28
N HIS B 158 -22.54 22.96 -33.57
CA HIS B 158 -22.39 22.56 -34.96
C HIS B 158 -23.53 23.08 -35.85
N VAL B 159 -24.74 23.04 -35.33
CA VAL B 159 -25.85 23.53 -36.13
C VAL B 159 -25.65 24.98 -36.53
N ILE B 160 -25.46 25.85 -35.57
CA ILE B 160 -25.28 27.23 -35.85
C ILE B 160 -24.08 27.54 -36.75
N GLU B 161 -23.02 26.75 -36.63
CA GLU B 161 -21.89 26.94 -37.50
C GLU B 161 -22.34 26.57 -38.91
N ASN B 162 -23.05 25.43 -39.07
CA ASN B 162 -23.52 25.13 -40.40
C ASN B 162 -24.49 26.18 -40.88
N LEU B 163 -25.38 26.66 -39.97
CA LEU B 163 -26.39 27.66 -40.35
C LEU B 163 -25.68 28.84 -41.02
N HIS B 164 -24.58 29.31 -40.41
CA HIS B 164 -23.92 30.49 -40.96
C HIS B 164 -23.26 30.16 -42.25
N ALA B 165 -22.63 29.01 -42.36
CA ALA B 165 -22.06 28.63 -43.66
C ALA B 165 -23.10 28.45 -44.76
N ALA B 166 -24.35 28.18 -44.43
CA ALA B 166 -25.30 28.02 -45.51
C ALA B 166 -25.89 29.34 -45.81
N ALA B 167 -26.04 30.15 -44.81
CA ALA B 167 -26.67 31.43 -45.04
C ALA B 167 -25.80 32.40 -45.83
N TYR B 168 -24.49 32.37 -45.63
CA TYR B 168 -23.66 33.44 -46.26
C TYR B 168 -22.63 32.99 -47.23
N ARG B 169 -22.47 33.76 -48.29
CA ARG B 169 -21.49 33.41 -49.28
C ARG B 169 -20.13 33.54 -48.73
N ASN B 170 -19.90 34.45 -47.77
CA ASN B 170 -18.53 34.70 -47.46
C ASN B 170 -17.97 35.03 -46.12
N ALA B 171 -18.54 35.97 -45.38
CA ALA B 171 -17.79 36.50 -44.20
C ALA B 171 -18.30 35.92 -42.93
N LEU B 172 -19.59 36.08 -42.72
CA LEU B 172 -20.24 35.59 -41.57
C LEU B 172 -20.36 34.05 -41.70
N ALA B 173 -19.99 33.50 -42.85
CA ALA B 173 -20.06 32.06 -43.03
C ALA B 173 -18.87 31.38 -42.46
N ASN B 174 -17.92 32.17 -42.01
CA ASN B 174 -16.69 31.62 -41.49
C ASN B 174 -17.02 31.01 -40.20
N SER B 175 -16.21 30.03 -39.81
CA SER B 175 -16.43 29.40 -38.54
C SER B 175 -15.70 29.97 -37.38
N LEU B 176 -16.36 29.99 -36.25
CA LEU B 176 -15.78 30.43 -35.02
C LEU B 176 -14.76 29.45 -34.54
N TYR B 177 -14.68 28.26 -35.12
CA TYR B 177 -13.66 27.28 -34.73
C TYR B 177 -12.87 26.92 -35.95
N CYS B 178 -11.61 26.54 -35.79
CA CYS B 178 -10.76 26.25 -36.91
C CYS B 178 -11.18 25.00 -37.68
N PRO B 179 -11.37 25.09 -38.99
CA PRO B 179 -11.63 23.89 -39.83
C PRO B 179 -10.53 22.88 -39.59
N ASP B 180 -10.88 21.58 -39.43
CA ASP B 180 -9.88 20.57 -39.12
C ASP B 180 -8.74 20.61 -40.08
N TYR B 181 -8.99 20.81 -41.34
CA TYR B 181 -7.86 20.83 -42.26
C TYR B 181 -6.82 21.87 -41.99
N ARG B 182 -7.11 22.85 -41.14
CA ARG B 182 -6.13 23.89 -40.87
C ARG B 182 -5.41 23.66 -39.59
N ILE B 183 -5.89 22.70 -38.81
CA ILE B 183 -5.29 22.43 -37.54
C ILE B 183 -3.81 22.06 -37.72
N GLY B 184 -2.96 22.81 -37.06
CA GLY B 184 -1.54 22.60 -37.20
C GLY B 184 -1.00 23.31 -38.42
N LYS B 185 -1.86 23.98 -39.17
CA LYS B 185 -1.44 24.60 -40.42
C LYS B 185 -1.40 26.16 -40.39
N VAL B 186 -1.95 26.76 -39.34
CA VAL B 186 -1.94 28.20 -39.26
C VAL B 186 -0.58 28.56 -38.75
N THR B 187 0.04 29.56 -39.36
CA THR B 187 1.45 29.86 -39.08
C THR B 187 1.64 31.13 -38.35
N PRO B 188 2.81 31.28 -37.74
CA PRO B 188 3.16 32.51 -37.03
C PRO B 188 2.96 33.74 -37.89
N VAL B 189 3.44 33.77 -39.14
CA VAL B 189 3.16 34.98 -39.93
C VAL B 189 1.66 35.30 -40.06
N GLU B 190 0.80 34.26 -40.24
CA GLU B 190 -0.65 34.53 -40.36
C GLU B 190 -1.19 35.21 -39.10
N LEU B 191 -0.61 34.84 -37.95
CA LEU B 191 -0.99 35.47 -36.69
C LEU B 191 -0.50 36.91 -36.64
N HIS B 192 0.81 37.12 -36.86
CA HIS B 192 1.36 38.43 -36.95
C HIS B 192 0.55 39.27 -37.93
N ASP B 193 0.35 38.78 -39.15
CA ASP B 193 -0.39 39.54 -40.15
C ASP B 193 -1.77 39.89 -39.70
N TYR B 194 -2.42 38.95 -38.99
CA TYR B 194 -3.76 39.16 -38.55
C TYR B 194 -3.86 40.21 -37.47
N VAL B 195 -2.95 40.18 -36.51
CA VAL B 195 -2.93 41.21 -35.46
C VAL B 195 -2.68 42.59 -36.04
N GLN B 196 -1.70 42.66 -36.93
CA GLN B 196 -1.31 43.93 -37.37
C GLN B 196 -2.18 44.52 -38.35
N ASN B 197 -3.06 43.72 -38.93
CA ASN B 197 -3.99 44.40 -39.80
C ASN B 197 -5.44 44.52 -39.35
N HIS B 198 -5.68 44.08 -38.13
CA HIS B 198 -7.00 44.19 -37.53
C HIS B 198 -6.97 44.77 -36.13
N PHE B 199 -5.81 44.72 -35.45
CA PHE B 199 -5.75 45.21 -34.04
C PHE B 199 -5.27 46.65 -34.04
N THR B 200 -5.92 47.51 -34.81
CA THR B 200 -5.48 48.89 -34.93
C THR B 200 -6.46 49.84 -34.28
N SER B 201 -6.00 51.04 -34.00
CA SER B 201 -6.84 52.06 -33.33
C SER B 201 -8.28 52.20 -33.80
N ALA B 202 -8.43 52.38 -35.09
CA ALA B 202 -9.73 52.66 -35.65
C ALA B 202 -10.72 51.52 -35.53
N ARG B 203 -10.29 50.39 -35.00
CA ARG B 203 -11.13 49.20 -34.86
C ARG B 203 -11.10 48.73 -33.44
N MET B 204 -10.58 49.51 -32.54
CA MET B 204 -10.50 49.07 -31.18
C MET B 204 -11.33 49.92 -30.29
N ALA B 205 -11.54 49.48 -29.04
CA ALA B 205 -12.26 50.29 -28.04
C ALA B 205 -11.78 49.79 -26.69
N LEU B 206 -11.53 50.69 -25.73
CA LEU B 206 -10.99 50.29 -24.41
C LEU B 206 -11.99 50.63 -23.34
N ILE B 207 -12.49 49.62 -22.63
CA ILE B 207 -13.53 49.85 -21.65
C ILE B 207 -13.04 49.45 -20.32
N GLY B 208 -13.49 50.15 -19.30
CA GLY B 208 -13.02 49.87 -17.98
C GLY B 208 -13.99 50.16 -16.88
N LEU B 209 -13.92 49.30 -15.89
CA LEU B 209 -14.69 49.46 -14.68
C LEU B 209 -13.73 49.51 -13.53
N GLY B 210 -13.94 50.47 -12.65
CA GLY B 210 -13.09 50.61 -11.48
C GLY B 210 -11.83 51.28 -11.88
N VAL B 211 -11.90 51.91 -13.03
CA VAL B 211 -10.77 52.63 -13.56
C VAL B 211 -11.22 54.01 -13.86
N SER B 212 -10.27 54.88 -14.10
CA SER B 212 -10.56 56.27 -14.38
C SER B 212 -10.35 56.63 -15.81
N HIS B 213 -11.05 57.66 -16.26
CA HIS B 213 -10.99 58.05 -17.63
C HIS B 213 -9.59 58.53 -17.95
N PRO B 214 -9.04 59.41 -17.14
CA PRO B 214 -7.67 59.88 -17.36
C PRO B 214 -6.68 58.71 -17.49
N VAL B 215 -6.78 57.71 -16.63
CA VAL B 215 -5.87 56.60 -16.73
C VAL B 215 -6.07 55.89 -18.08
N LEU B 216 -7.30 55.48 -18.36
CA LEU B 216 -7.62 54.87 -19.64
C LEU B 216 -7.07 55.72 -20.79
N LYS B 217 -7.48 57.00 -20.84
CA LYS B 217 -7.07 57.93 -21.90
C LYS B 217 -5.55 58.01 -22.06
N GLN B 218 -4.83 58.11 -20.94
CA GLN B 218 -3.37 58.13 -21.00
C GLN B 218 -2.90 56.82 -21.62
N VAL B 219 -3.36 55.68 -21.08
CA VAL B 219 -2.96 54.38 -21.62
C VAL B 219 -3.23 54.32 -23.14
N ALA B 220 -4.43 54.75 -23.51
CA ALA B 220 -4.89 54.72 -24.88
C ALA B 220 -4.02 55.56 -25.78
N GLU B 221 -3.65 56.74 -25.30
CA GLU B 221 -2.87 57.64 -26.12
C GLU B 221 -1.41 57.24 -26.18
N GLN B 222 -0.96 56.53 -25.14
CA GLN B 222 0.42 56.12 -25.03
C GLN B 222 0.68 54.77 -25.68
N PHE B 223 -0.27 53.84 -25.53
CA PHE B 223 -0.08 52.48 -26.04
C PHE B 223 -1.00 52.00 -27.17
N LEU B 224 -2.24 52.48 -27.20
CA LEU B 224 -3.17 52.03 -28.22
C LEU B 224 -3.21 52.80 -29.53
N ASN B 225 -2.12 53.48 -29.88
CA ASN B 225 -2.10 54.21 -31.15
C ASN B 225 -1.37 53.51 -32.31
N ILE B 226 -2.12 52.78 -33.12
CA ILE B 226 -1.57 52.12 -34.30
C ILE B 226 -2.54 52.12 -35.41
N ARG B 227 -2.04 52.19 -36.62
CA ARG B 227 -2.89 52.14 -37.77
C ARG B 227 -2.14 51.56 -38.89
N GLY B 228 -2.79 50.74 -39.70
CA GLY B 228 -2.12 50.17 -40.84
C GLY B 228 -2.84 48.95 -41.31
N GLY B 229 -3.96 48.67 -40.68
CA GLY B 229 -4.76 47.53 -41.05
C GLY B 229 -5.63 47.89 -42.20
N LEU B 230 -6.91 47.59 -42.07
CA LEU B 230 -7.91 47.96 -43.07
C LEU B 230 -8.93 48.84 -42.28
N GLY B 231 -10.09 49.15 -42.83
CA GLY B 231 -11.01 49.98 -42.06
C GLY B 231 -12.52 49.72 -42.21
N LEU B 232 -12.88 49.29 -43.40
CA LEU B 232 -14.26 49.03 -43.82
C LEU B 232 -14.84 47.71 -43.24
N SER B 233 -16.03 47.34 -43.78
CA SER B 233 -16.68 46.06 -43.49
C SER B 233 -15.96 44.98 -44.34
N GLY B 234 -14.62 45.13 -44.49
CA GLY B 234 -13.69 44.25 -45.23
C GLY B 234 -14.18 43.24 -46.27
N ALA B 235 -15.49 43.21 -46.50
CA ALA B 235 -16.15 42.30 -47.42
C ALA B 235 -17.62 42.70 -47.57
N LYS B 236 -18.37 42.68 -46.45
CA LYS B 236 -19.83 42.91 -46.46
C LYS B 236 -20.46 41.56 -46.74
N ALA B 237 -21.23 41.09 -45.78
CA ALA B 237 -21.81 39.80 -45.90
C ALA B 237 -22.77 39.75 -47.02
N LYS B 238 -22.61 38.76 -47.87
CA LYS B 238 -23.50 38.52 -48.95
C LYS B 238 -24.46 37.39 -48.50
N TYR B 239 -25.74 37.70 -48.22
CA TYR B 239 -26.68 36.62 -47.85
C TYR B 239 -27.05 35.84 -49.07
N HIS B 240 -26.95 34.54 -48.93
CA HIS B 240 -27.11 33.63 -50.04
C HIS B 240 -28.36 32.78 -49.79
N GLY B 241 -28.33 31.98 -48.74
CA GLY B 241 -29.41 31.06 -48.43
C GLY B 241 -28.91 29.69 -48.83
N GLY B 242 -29.61 28.65 -48.44
CA GLY B 242 -29.17 27.31 -48.77
C GLY B 242 -29.34 26.49 -47.55
N GLU B 243 -28.85 25.25 -47.53
CA GLU B 243 -29.10 24.42 -46.37
C GLU B 243 -28.01 23.41 -46.12
N ILE B 244 -27.70 23.12 -44.86
CA ILE B 244 -26.66 22.08 -44.59
C ILE B 244 -27.18 21.00 -43.65
N ARG B 245 -27.08 19.74 -44.06
CA ARG B 245 -27.63 18.65 -43.26
C ARG B 245 -26.60 17.66 -42.95
N GLU B 246 -26.52 17.29 -41.69
CA GLU B 246 -25.51 16.39 -41.22
C GLU B 246 -26.18 15.29 -40.48
N GLN B 247 -26.22 14.09 -41.11
CA GLN B 247 -26.77 12.84 -40.55
C GLN B 247 -25.80 12.33 -39.48
N ASN B 248 -26.32 11.91 -38.33
CA ASN B 248 -25.40 11.48 -37.32
C ASN B 248 -25.77 10.53 -36.24
N GLY B 249 -27.04 10.18 -36.11
CA GLY B 249 -27.37 9.38 -34.95
C GLY B 249 -27.10 10.13 -33.60
N ASP B 250 -27.56 11.36 -33.49
CA ASP B 250 -27.64 11.98 -32.20
C ASP B 250 -29.02 11.42 -31.86
N SER B 251 -29.44 11.56 -30.63
CA SER B 251 -30.74 10.96 -30.30
C SER B 251 -31.94 11.76 -30.82
N LEU B 252 -31.76 13.07 -30.89
CA LEU B 252 -32.79 14.00 -31.28
C LEU B 252 -32.34 14.79 -32.50
N VAL B 253 -33.28 15.37 -33.23
CA VAL B 253 -32.89 16.13 -34.39
C VAL B 253 -32.87 17.62 -34.07
N HIS B 254 -31.72 18.25 -34.17
CA HIS B 254 -31.68 19.68 -33.97
C HIS B 254 -31.78 20.27 -35.29
N ALA B 255 -32.49 21.38 -35.37
CA ALA B 255 -32.63 22.08 -36.65
C ALA B 255 -32.91 23.57 -36.43
N ALA B 256 -32.42 24.42 -37.33
CA ALA B 256 -32.67 25.87 -37.30
C ALA B 256 -33.09 26.34 -38.69
N LEU B 257 -34.12 27.15 -38.76
CA LEU B 257 -34.62 27.64 -40.05
C LEU B 257 -34.57 29.11 -39.95
N VAL B 258 -34.01 29.76 -40.94
CA VAL B 258 -33.77 31.17 -40.79
C VAL B 258 -33.94 31.97 -42.09
N ALA B 259 -34.00 33.29 -41.97
CA ALA B 259 -34.06 34.14 -43.17
C ALA B 259 -33.35 35.40 -42.81
N GLU B 260 -32.86 36.15 -43.79
CA GLU B 260 -32.17 37.44 -43.52
C GLU B 260 -33.10 38.46 -42.89
N SER B 261 -32.60 39.22 -41.89
CA SER B 261 -33.39 40.25 -41.20
C SER B 261 -32.78 41.72 -41.16
N ALA B 262 -32.27 42.15 -40.03
CA ALA B 262 -31.84 43.54 -39.95
C ALA B 262 -30.57 43.67 -39.22
N ALA B 263 -29.75 44.62 -39.64
CA ALA B 263 -28.46 44.85 -38.98
C ALA B 263 -28.66 45.49 -37.59
N ILE B 264 -27.83 45.13 -36.59
CA ILE B 264 -27.92 45.77 -35.24
C ILE B 264 -27.97 47.27 -35.46
N GLY B 265 -28.75 47.96 -34.63
CA GLY B 265 -28.76 49.39 -34.75
C GLY B 265 -29.91 50.02 -35.51
N SER B 266 -30.43 49.31 -36.50
CA SER B 266 -31.58 49.83 -37.26
C SER B 266 -32.88 49.68 -36.41
N ALA B 267 -33.92 50.43 -36.75
CA ALA B 267 -35.17 50.27 -36.04
C ALA B 267 -35.71 48.81 -36.32
N GLU B 268 -35.61 48.35 -37.56
CA GLU B 268 -36.10 47.03 -37.89
C GLU B 268 -35.48 45.89 -37.02
N ALA B 269 -34.29 46.11 -36.51
CA ALA B 269 -33.66 45.11 -35.67
C ALA B 269 -34.39 44.96 -34.37
N ASN B 270 -34.96 46.04 -33.87
CA ASN B 270 -35.78 45.94 -32.67
C ASN B 270 -37.13 45.29 -32.97
N ALA B 271 -37.65 45.49 -34.18
CA ALA B 271 -38.89 44.80 -34.53
C ALA B 271 -38.63 43.32 -34.40
N PHE B 272 -37.52 42.89 -34.99
CA PHE B 272 -37.12 41.52 -34.87
C PHE B 272 -36.93 41.11 -33.46
N SER B 273 -36.27 41.94 -32.67
CA SER B 273 -36.06 41.58 -31.29
C SER B 273 -37.41 41.38 -30.56
N VAL B 274 -38.41 42.19 -30.92
CA VAL B 274 -39.68 42.04 -30.28
C VAL B 274 -40.35 40.78 -30.80
N LEU B 275 -40.23 40.55 -32.11
CA LEU B 275 -40.79 39.34 -32.71
C LEU B 275 -40.32 38.07 -31.92
N GLN B 276 -39.04 38.02 -31.61
CA GLN B 276 -38.48 36.91 -30.90
C GLN B 276 -39.14 36.71 -29.53
N HIS B 277 -39.52 37.78 -28.87
CA HIS B 277 -40.17 37.56 -27.58
C HIS B 277 -41.66 37.26 -27.67
N VAL B 278 -42.23 37.49 -28.85
CA VAL B 278 -43.60 37.14 -29.09
C VAL B 278 -43.62 35.61 -29.33
N LEU B 279 -42.73 35.12 -30.18
CA LEU B 279 -42.67 33.72 -30.47
C LEU B 279 -42.16 32.90 -29.32
N GLY B 280 -41.15 33.40 -28.60
CA GLY B 280 -40.60 32.65 -27.46
C GLY B 280 -39.11 32.50 -27.56
N ALA B 281 -38.39 32.70 -26.47
CA ALA B 281 -36.93 32.64 -26.50
C ALA B 281 -36.37 32.27 -25.15
N GLY B 282 -36.48 31.00 -24.77
CA GLY B 282 -35.98 30.58 -23.45
C GLY B 282 -37.08 30.72 -22.41
N PRO B 283 -37.01 29.92 -21.36
CA PRO B 283 -38.06 29.87 -20.34
C PRO B 283 -37.87 30.84 -19.20
N HIS B 284 -38.96 31.27 -18.56
CA HIS B 284 -38.82 32.21 -17.45
C HIS B 284 -39.11 31.53 -16.08
N VAL B 285 -39.68 30.33 -16.12
CA VAL B 285 -40.02 29.61 -14.91
C VAL B 285 -39.43 28.22 -14.94
N LYS B 286 -38.80 27.78 -13.84
CA LYS B 286 -38.18 26.46 -13.80
C LYS B 286 -39.19 25.39 -14.08
N ARG B 287 -38.98 24.60 -15.13
CA ARG B 287 -39.86 23.48 -15.49
C ARG B 287 -41.33 23.85 -15.72
N GLY B 288 -41.57 24.89 -16.54
CA GLY B 288 -42.94 25.31 -16.83
C GLY B 288 -43.38 24.98 -18.24
N SER B 289 -44.69 25.04 -18.49
CA SER B 289 -45.28 24.70 -19.78
C SER B 289 -45.00 25.72 -20.85
N ASN B 290 -44.35 26.80 -20.46
CA ASN B 290 -44.04 27.88 -21.39
C ASN B 290 -45.35 28.43 -21.90
N ALA B 291 -46.22 28.66 -20.92
CA ALA B 291 -47.58 29.13 -21.13
C ALA B 291 -47.64 30.30 -22.09
N THR B 292 -46.90 31.36 -21.80
CA THR B 292 -46.93 32.55 -22.62
C THR B 292 -46.07 32.43 -23.90
N SER B 293 -45.42 31.29 -24.10
CA SER B 293 -44.61 31.15 -25.33
C SER B 293 -45.45 30.62 -26.45
N SER B 294 -45.63 31.45 -27.48
CA SER B 294 -46.55 31.11 -28.56
C SER B 294 -46.07 30.09 -29.56
N LEU B 295 -44.75 29.89 -29.67
CA LEU B 295 -44.23 28.85 -30.58
C LEU B 295 -44.40 27.51 -29.91
N TYR B 296 -44.10 27.50 -28.62
CA TYR B 296 -44.10 26.28 -27.88
C TYR B 296 -45.47 25.73 -27.85
N GLN B 297 -46.43 26.60 -27.57
CA GLN B 297 -47.82 26.21 -27.49
C GLN B 297 -48.32 25.72 -28.84
N ALA B 298 -47.82 26.30 -29.92
CA ALA B 298 -48.28 25.89 -31.23
C ALA B 298 -47.81 24.53 -31.68
N VAL B 299 -46.63 24.12 -31.20
CA VAL B 299 -46.11 22.82 -31.55
C VAL B 299 -46.82 21.75 -30.69
N ALA B 300 -46.89 22.06 -29.38
CA ALA B 300 -47.49 21.19 -28.38
C ALA B 300 -48.86 20.66 -28.83
N LYS B 301 -49.68 21.56 -29.35
CA LYS B 301 -51.00 21.21 -29.86
C LYS B 301 -50.90 19.93 -30.72
N GLY B 302 -50.17 20.03 -31.82
CA GLY B 302 -50.03 18.92 -32.75
C GLY B 302 -48.98 17.85 -32.43
N VAL B 303 -48.09 18.11 -31.46
CA VAL B 303 -47.02 17.17 -31.16
C VAL B 303 -46.93 16.61 -29.75
N HIS B 304 -46.92 15.26 -29.64
CA HIS B 304 -46.74 14.63 -28.35
C HIS B 304 -45.42 14.74 -27.58
N GLN B 305 -44.80 13.61 -27.24
CA GLN B 305 -43.40 13.52 -26.68
C GLN B 305 -42.49 14.78 -26.34
N PRO B 306 -41.20 14.56 -26.13
CA PRO B 306 -40.25 15.67 -25.93
C PRO B 306 -39.94 16.52 -27.18
N PHE B 307 -39.78 17.82 -26.96
CA PHE B 307 -39.34 18.81 -27.99
C PHE B 307 -39.02 20.17 -27.37
N ASP B 308 -38.33 21.00 -28.12
CA ASP B 308 -38.13 22.36 -27.69
C ASP B 308 -38.19 23.28 -28.89
N VAL B 309 -38.53 24.54 -28.68
CA VAL B 309 -38.47 25.55 -29.74
C VAL B 309 -38.23 26.91 -29.21
N SER B 310 -37.47 27.68 -29.98
CA SER B 310 -37.42 29.10 -29.70
C SER B 310 -37.08 29.86 -30.90
N ALA B 311 -37.52 31.09 -30.90
CA ALA B 311 -37.23 31.99 -31.94
C ALA B 311 -35.74 32.21 -31.80
N PHE B 312 -35.06 32.32 -32.96
CA PHE B 312 -33.63 32.54 -33.04
C PHE B 312 -33.41 33.87 -33.72
N ASN B 313 -32.54 34.70 -33.17
CA ASN B 313 -32.40 36.05 -33.66
C ASN B 313 -30.97 36.45 -33.48
N ALA B 314 -30.29 36.72 -34.58
CA ALA B 314 -28.88 37.01 -34.53
C ALA B 314 -28.62 38.14 -35.46
N SER B 315 -28.12 39.27 -34.93
CA SER B 315 -27.86 40.39 -35.79
C SER B 315 -26.43 40.91 -35.75
N TYR B 316 -25.95 41.27 -36.92
CA TYR B 316 -24.58 41.64 -37.08
C TYR B 316 -24.45 43.04 -37.65
N SER B 317 -23.23 43.49 -37.88
CA SER B 317 -23.04 44.88 -38.28
C SER B 317 -23.74 45.21 -39.58
N ASP B 318 -23.84 44.26 -40.48
CA ASP B 318 -24.41 44.56 -41.76
C ASP B 318 -25.35 43.48 -42.23
N SER B 319 -25.93 42.73 -41.29
CA SER B 319 -26.89 41.69 -41.63
C SER B 319 -27.54 41.10 -40.39
N GLY B 320 -28.34 40.06 -40.59
CA GLY B 320 -28.96 39.39 -39.49
C GLY B 320 -29.62 38.15 -39.99
N LEU B 321 -29.79 37.19 -39.10
CA LEU B 321 -30.43 35.93 -39.37
C LEU B 321 -31.57 35.83 -38.37
N PHE B 322 -32.79 35.63 -38.81
CA PHE B 322 -33.88 35.43 -37.84
C PHE B 322 -34.75 34.22 -38.14
N GLY B 323 -35.28 33.58 -37.10
CA GLY B 323 -36.19 32.45 -37.27
C GLY B 323 -36.37 31.64 -36.02
N PHE B 324 -36.31 30.32 -36.15
CA PHE B 324 -36.41 29.46 -34.98
C PHE B 324 -35.52 28.26 -35.04
N TYR B 325 -35.33 27.66 -33.87
CA TYR B 325 -34.47 26.51 -33.65
C TYR B 325 -35.34 25.44 -32.91
N THR B 326 -35.41 24.21 -33.47
CA THR B 326 -36.20 23.17 -32.87
C THR B 326 -35.37 21.93 -32.56
N ILE B 327 -35.67 21.27 -31.44
CA ILE B 327 -35.04 20.01 -31.09
C ILE B 327 -36.18 18.97 -30.95
N SER B 328 -36.15 17.89 -31.70
CA SER B 328 -37.22 16.93 -31.52
C SER B 328 -36.80 15.55 -31.79
N GLN B 329 -37.65 14.61 -31.50
CA GLN B 329 -37.38 13.23 -31.87
C GLN B 329 -37.31 13.14 -33.41
N ALA B 330 -36.43 12.28 -33.93
CA ALA B 330 -36.27 12.14 -35.38
C ALA B 330 -37.55 12.07 -36.17
N ALA B 331 -38.50 11.27 -35.71
CA ALA B 331 -39.78 11.08 -36.45
C ALA B 331 -40.69 12.28 -36.40
N SER B 332 -40.55 13.14 -35.39
CA SER B 332 -41.43 14.28 -35.25
C SER B 332 -40.78 15.58 -35.77
N ALA B 333 -39.58 15.48 -36.33
CA ALA B 333 -38.87 16.67 -36.80
C ALA B 333 -39.75 17.52 -37.70
N GLY B 334 -40.26 16.92 -38.78
CA GLY B 334 -41.12 17.60 -39.71
C GLY B 334 -42.31 18.22 -39.03
N ASP B 335 -42.97 17.47 -38.19
CA ASP B 335 -44.14 18.00 -37.51
C ASP B 335 -43.76 19.16 -36.64
N VAL B 336 -42.63 19.04 -35.95
CA VAL B 336 -42.22 20.17 -35.12
C VAL B 336 -41.88 21.41 -35.95
N ILE B 337 -41.20 21.22 -37.06
CA ILE B 337 -40.81 22.34 -37.87
C ILE B 337 -41.98 23.04 -38.52
N LYS B 338 -42.90 22.27 -39.05
CA LYS B 338 -44.00 22.90 -39.74
C LYS B 338 -44.98 23.68 -38.88
N ALA B 339 -45.22 23.19 -37.68
CA ALA B 339 -46.09 23.88 -36.77
C ALA B 339 -45.39 25.17 -36.42
N ALA B 340 -44.10 25.06 -36.11
CA ALA B 340 -43.31 26.21 -35.76
C ALA B 340 -43.47 27.28 -36.84
N TYR B 341 -43.09 26.92 -38.07
CA TYR B 341 -43.20 27.81 -39.20
C TYR B 341 -44.57 28.41 -39.28
N ASN B 342 -45.61 27.57 -39.47
CA ASN B 342 -47.01 28.06 -39.59
C ASN B 342 -47.35 29.10 -38.57
N GLN B 343 -46.86 28.89 -37.35
CA GLN B 343 -47.08 29.83 -36.25
C GLN B 343 -46.64 31.21 -36.66
N VAL B 344 -45.42 31.29 -37.14
CA VAL B 344 -44.86 32.56 -37.53
C VAL B 344 -45.74 33.11 -38.63
N LYS B 345 -46.10 32.22 -39.59
CA LYS B 345 -46.93 32.61 -40.75
C LYS B 345 -48.18 33.22 -40.28
N THR B 346 -48.70 32.69 -39.18
CA THR B 346 -49.93 33.19 -38.62
C THR B 346 -49.79 34.62 -38.08
N ILE B 347 -48.60 35.00 -37.61
CA ILE B 347 -48.45 36.37 -37.12
C ILE B 347 -48.09 37.32 -38.28
N ALA B 348 -47.51 36.79 -39.35
CA ALA B 348 -47.29 37.61 -40.55
C ALA B 348 -48.64 37.89 -41.24
N GLN B 349 -49.60 36.99 -41.07
CA GLN B 349 -50.86 37.20 -41.72
C GLN B 349 -51.69 38.28 -41.06
N GLY B 350 -51.34 38.66 -39.84
CA GLY B 350 -52.03 39.73 -39.14
C GLY B 350 -52.49 39.37 -37.75
N ASN B 351 -52.55 38.09 -37.45
CA ASN B 351 -53.07 37.62 -36.17
C ASN B 351 -52.19 37.85 -34.94
N LEU B 352 -52.04 39.11 -34.58
CA LEU B 352 -51.22 39.48 -33.43
C LEU B 352 -51.95 40.51 -32.58
N SER B 353 -52.09 40.25 -31.28
CA SER B 353 -52.84 41.20 -30.45
C SER B 353 -51.95 42.16 -29.78
N ASN B 354 -52.42 43.39 -29.60
CA ASN B 354 -51.61 44.39 -28.93
C ASN B 354 -51.08 43.98 -27.56
N PRO B 355 -51.94 43.42 -26.70
CA PRO B 355 -51.48 42.88 -25.41
C PRO B 355 -50.38 41.82 -25.59
N ASP B 356 -50.30 41.18 -26.75
CA ASP B 356 -49.23 40.21 -26.98
C ASP B 356 -47.92 40.93 -27.11
N VAL B 357 -47.84 41.87 -28.05
CA VAL B 357 -46.63 42.67 -28.25
C VAL B 357 -46.22 43.35 -26.96
N GLN B 358 -47.19 43.87 -26.23
CA GLN B 358 -46.92 44.52 -24.97
C GLN B 358 -46.16 43.57 -24.03
N ALA B 359 -46.62 42.32 -23.92
CA ALA B 359 -45.93 41.38 -23.03
C ALA B 359 -44.50 41.06 -23.50
N ALA B 360 -44.29 41.01 -24.81
CA ALA B 360 -42.98 40.73 -25.35
C ALA B 360 -42.08 41.86 -24.96
N LYS B 361 -42.48 43.07 -25.34
CA LYS B 361 -41.72 44.23 -24.95
C LYS B 361 -41.31 44.11 -23.50
N ASN B 362 -42.20 43.67 -22.62
CA ASN B 362 -41.80 43.54 -21.25
C ASN B 362 -40.64 42.55 -21.09
N LYS B 363 -40.81 41.34 -21.61
CA LYS B 363 -39.70 40.39 -21.52
C LYS B 363 -38.38 40.99 -22.03
N LEU B 364 -38.37 41.58 -23.25
CA LEU B 364 -37.17 42.24 -23.82
C LEU B 364 -36.56 43.27 -22.88
N LYS B 365 -37.36 44.23 -22.49
CA LYS B 365 -36.88 45.27 -21.63
C LYS B 365 -36.31 44.67 -20.38
N ALA B 366 -37.12 43.92 -19.65
CA ALA B 366 -36.64 43.33 -18.40
C ALA B 366 -35.43 42.51 -18.71
N GLY B 367 -35.43 41.91 -19.87
CA GLY B 367 -34.32 41.07 -20.26
C GLY B 367 -33.03 41.84 -20.41
N TYR B 368 -33.05 42.91 -21.21
CA TYR B 368 -31.87 43.72 -21.42
C TYR B 368 -31.43 44.26 -20.07
N LEU B 369 -32.37 44.81 -19.35
CA LEU B 369 -32.04 45.30 -18.05
C LEU B 369 -31.26 44.31 -17.27
N MET B 370 -31.74 43.09 -17.25
CA MET B 370 -31.07 42.04 -16.50
C MET B 370 -29.71 41.65 -17.05
N SER B 371 -29.57 41.66 -18.37
CA SER B 371 -28.35 41.22 -18.99
C SER B 371 -27.13 42.07 -18.64
N VAL B 372 -27.35 43.36 -18.34
CA VAL B 372 -26.25 44.27 -17.97
C VAL B 372 -26.32 44.58 -16.47
N GLU B 373 -26.79 43.62 -15.71
CA GLU B 373 -26.93 43.81 -14.27
C GLU B 373 -25.58 43.70 -13.57
N SER B 374 -24.81 42.68 -13.96
CA SER B 374 -23.49 42.40 -13.36
C SER B 374 -22.49 43.14 -14.15
N SER B 375 -21.27 43.16 -13.63
CA SER B 375 -20.23 43.89 -14.31
C SER B 375 -19.68 43.20 -15.59
N GLU B 376 -19.61 41.88 -15.62
CA GLU B 376 -19.07 41.27 -16.81
C GLU B 376 -19.98 41.45 -18.01
N GLY B 377 -21.26 41.65 -17.76
CA GLY B 377 -22.23 41.79 -18.84
C GLY B 377 -22.41 43.24 -19.25
N PHE B 378 -22.02 44.15 -18.37
CA PHE B 378 -22.12 45.56 -18.66
C PHE B 378 -20.89 45.95 -19.47
N LEU B 379 -19.74 45.43 -19.08
CA LEU B 379 -18.52 45.70 -19.79
C LEU B 379 -18.70 45.29 -21.20
N ASP B 380 -19.38 44.17 -21.40
CA ASP B 380 -19.53 43.61 -22.71
C ASP B 380 -20.49 44.40 -23.58
N GLU B 381 -21.52 44.96 -22.96
CA GLU B 381 -22.49 45.74 -23.69
C GLU B 381 -21.80 47.05 -24.11
N VAL B 382 -21.21 47.75 -23.14
CA VAL B 382 -20.53 48.96 -23.46
C VAL B 382 -19.50 48.71 -24.57
N GLY B 383 -18.70 47.65 -24.43
CA GLY B 383 -17.71 47.34 -25.43
C GLY B 383 -18.32 47.09 -26.82
N SER B 384 -19.41 46.31 -26.89
CA SER B 384 -19.95 46.00 -28.21
C SER B 384 -20.62 47.22 -28.80
N GLN B 385 -21.18 48.09 -27.93
CA GLN B 385 -21.84 49.29 -28.42
C GLN B 385 -20.76 50.17 -29.01
N ALA B 386 -19.65 50.30 -28.30
CA ALA B 386 -18.58 51.11 -28.74
C ALA B 386 -18.23 50.73 -30.16
N LEU B 387 -18.09 49.43 -30.42
CA LEU B 387 -17.62 49.01 -31.73
C LEU B 387 -18.68 49.06 -32.79
N ALA B 388 -19.90 48.79 -32.41
CA ALA B 388 -20.96 48.75 -33.39
C ALA B 388 -21.48 50.14 -33.74
N ALA B 389 -21.63 50.98 -32.73
CA ALA B 389 -22.20 52.29 -32.94
C ALA B 389 -21.28 53.44 -32.59
N GLY B 390 -20.10 53.17 -32.11
CA GLY B 390 -19.21 54.25 -31.68
C GLY B 390 -19.80 55.20 -30.68
N SER B 391 -20.66 54.69 -29.80
CA SER B 391 -21.31 55.52 -28.79
C SER B 391 -21.91 54.64 -27.69
N TYR B 392 -22.43 55.29 -26.64
CA TYR B 392 -23.05 54.56 -25.52
C TYR B 392 -24.48 54.97 -25.35
N THR B 393 -25.37 54.03 -25.29
CA THR B 393 -26.78 54.33 -25.27
C THR B 393 -27.31 53.83 -23.96
N PRO B 394 -27.66 54.72 -23.08
CA PRO B 394 -28.10 54.37 -21.72
C PRO B 394 -29.32 53.47 -21.73
N PRO B 395 -29.61 52.78 -20.64
CA PRO B 395 -30.77 51.90 -20.58
C PRO B 395 -32.08 52.63 -20.87
N SER B 396 -32.23 53.83 -20.31
CA SER B 396 -33.50 54.55 -20.43
C SER B 396 -33.86 54.76 -21.85
N THR B 397 -32.84 54.88 -22.67
CA THR B 397 -33.10 55.12 -24.05
C THR B 397 -33.15 53.90 -24.92
N VAL B 398 -32.65 52.78 -24.43
CA VAL B 398 -32.83 51.53 -25.17
C VAL B 398 -34.29 51.12 -24.90
N LEU B 399 -34.71 51.26 -23.65
CA LEU B 399 -36.08 51.02 -23.29
C LEU B 399 -37.01 51.86 -24.16
N GLN B 400 -36.68 53.14 -24.29
CA GLN B 400 -37.47 54.05 -25.10
C GLN B 400 -37.51 53.59 -26.57
N GLN B 401 -36.42 53.00 -27.03
CA GLN B 401 -36.34 52.54 -28.41
C GLN B 401 -37.16 51.29 -28.65
N ILE B 402 -37.28 50.49 -27.61
CA ILE B 402 -38.04 49.28 -27.65
C ILE B 402 -39.50 49.65 -27.68
N ASP B 403 -39.88 50.66 -26.89
CA ASP B 403 -41.27 51.07 -26.90
C ASP B 403 -41.68 51.59 -28.26
N ALA B 404 -40.74 52.15 -29.01
CA ALA B 404 -41.09 52.74 -30.29
C ALA B 404 -41.47 51.77 -31.33
N VAL B 405 -41.32 50.49 -31.05
CA VAL B 405 -41.70 49.50 -32.01
C VAL B 405 -43.21 49.37 -32.06
N ALA B 406 -43.81 49.60 -33.22
CA ALA B 406 -45.27 49.44 -33.35
C ALA B 406 -45.65 47.99 -33.73
N ASP B 407 -46.87 47.59 -33.40
CA ASP B 407 -47.35 46.25 -33.71
C ASP B 407 -47.13 45.95 -35.18
N ALA B 408 -47.36 46.94 -36.01
CA ALA B 408 -47.22 46.72 -37.43
C ALA B 408 -45.80 46.33 -37.76
N ASP B 409 -44.82 46.94 -37.06
CA ASP B 409 -43.42 46.64 -37.30
C ASP B 409 -43.13 45.12 -37.07
N VAL B 410 -43.65 44.56 -35.97
CA VAL B 410 -43.48 43.17 -35.63
C VAL B 410 -44.10 42.25 -36.70
N ILE B 411 -45.24 42.66 -37.22
CA ILE B 411 -45.91 41.91 -38.26
C ILE B 411 -45.07 41.92 -39.53
N ASN B 412 -44.54 43.09 -39.89
CA ASN B 412 -43.79 43.19 -41.12
C ASN B 412 -42.55 42.35 -41.00
N ALA B 413 -42.04 42.27 -39.77
CA ALA B 413 -40.86 41.53 -39.46
C ALA B 413 -41.18 40.09 -39.87
N ALA B 414 -42.25 39.56 -39.29
CA ALA B 414 -42.74 38.25 -39.64
C ALA B 414 -42.96 38.10 -41.16
N LYS B 415 -43.54 39.11 -41.78
CA LYS B 415 -43.78 39.01 -43.21
C LYS B 415 -42.47 38.80 -43.94
N LYS B 416 -41.43 39.48 -43.43
CA LYS B 416 -40.09 39.45 -44.00
C LYS B 416 -39.43 38.09 -43.78
N PHE B 417 -39.69 37.44 -42.63
CA PHE B 417 -39.12 36.10 -42.42
C PHE B 417 -39.80 35.13 -43.36
N VAL B 418 -41.12 35.15 -43.36
CA VAL B 418 -41.90 34.24 -44.19
C VAL B 418 -41.58 34.27 -45.70
N SER B 419 -41.50 35.47 -46.28
CA SER B 419 -41.31 35.58 -47.72
C SER B 419 -39.87 35.61 -48.19
N GLY B 420 -38.92 35.54 -47.26
CA GLY B 420 -37.52 35.65 -47.63
C GLY B 420 -36.85 34.32 -47.84
N ARG B 421 -35.86 34.33 -48.73
CA ARG B 421 -35.10 33.15 -49.05
C ARG B 421 -34.53 32.61 -47.78
N LYS B 422 -34.69 31.31 -47.56
CA LYS B 422 -34.32 30.68 -46.29
C LYS B 422 -32.95 30.04 -46.19
N SER B 423 -32.54 29.76 -44.96
CA SER B 423 -31.31 29.06 -44.71
C SER B 423 -31.60 28.02 -43.67
N MET B 424 -31.20 26.78 -43.90
CA MET B 424 -31.45 25.76 -42.92
C MET B 424 -30.27 24.93 -42.57
N ALA B 425 -30.09 24.67 -41.27
CA ALA B 425 -29.14 23.65 -40.85
C ALA B 425 -29.87 22.64 -39.90
N ALA B 426 -29.61 21.36 -40.08
CA ALA B 426 -30.14 20.39 -39.17
C ALA B 426 -29.15 19.26 -39.05
N SER B 427 -29.08 18.63 -37.88
CA SER B 427 -28.24 17.47 -37.71
C SER B 427 -28.99 16.46 -36.83
N GLY B 428 -28.79 15.16 -37.09
CA GLY B 428 -29.46 14.10 -36.35
C GLY B 428 -29.84 13.01 -37.32
N ASN B 429 -30.85 12.21 -37.01
CA ASN B 429 -31.30 11.25 -37.99
C ASN B 429 -32.29 11.98 -38.80
N LEU B 430 -31.89 12.36 -40.01
CA LEU B 430 -32.72 13.26 -40.81
C LEU B 430 -33.82 12.65 -41.66
N GLY B 431 -34.01 11.34 -41.58
CA GLY B 431 -35.06 10.64 -42.32
C GLY B 431 -36.37 11.38 -42.46
N HIS B 432 -36.83 12.07 -41.45
CA HIS B 432 -38.05 12.86 -41.57
C HIS B 432 -37.86 14.38 -41.38
N THR B 433 -36.64 14.83 -41.46
CA THR B 433 -36.43 16.26 -41.42
C THR B 433 -36.62 16.73 -42.81
N PRO B 434 -37.48 17.67 -43.05
CA PRO B 434 -37.72 18.15 -44.41
C PRO B 434 -36.63 19.03 -44.95
N PHE B 435 -36.54 19.13 -46.29
CA PHE B 435 -35.60 20.03 -46.97
C PHE B 435 -36.32 21.36 -47.03
N ILE B 436 -35.64 22.44 -47.43
CA ILE B 436 -36.31 23.74 -47.50
C ILE B 436 -37.51 23.81 -48.48
N ASP B 437 -37.34 23.26 -49.68
CA ASP B 437 -38.43 23.29 -50.63
C ASP B 437 -39.58 22.50 -50.20
N GLU B 438 -39.52 21.79 -49.10
CA GLU B 438 -40.69 21.01 -48.73
C GLU B 438 -41.45 21.68 -47.66
N LEU B 439 -41.14 22.95 -47.40
CA LEU B 439 -41.84 23.65 -46.34
C LEU B 439 -43.01 24.43 -46.90
N THR C 2 6.42 13.91 -10.43
CA THR C 2 6.34 12.48 -10.88
C THR C 2 6.94 11.50 -9.81
N ASN C 3 6.30 10.35 -9.63
CA ASN C 3 6.73 9.39 -8.58
C ASN C 3 7.99 8.58 -8.90
N ILE C 4 9.12 9.01 -8.33
CA ILE C 4 10.43 8.37 -8.57
C ILE C 4 10.46 6.86 -8.28
N ARG C 5 9.49 6.41 -7.51
CA ARG C 5 9.37 5.03 -7.16
C ARG C 5 9.00 4.18 -8.41
N LYS C 6 8.64 4.85 -9.50
CA LYS C 6 8.23 4.13 -10.72
C LYS C 6 9.18 4.28 -11.93
N SER C 7 9.88 5.41 -12.04
CA SER C 7 10.73 5.69 -13.19
C SER C 7 12.26 5.44 -12.99
N HIS C 8 12.69 5.25 -11.76
CA HIS C 8 14.08 5.00 -11.47
C HIS C 8 14.46 3.54 -11.80
N PRO C 9 15.43 3.34 -12.69
CA PRO C 9 15.81 2.01 -13.17
C PRO C 9 15.86 0.94 -12.13
N LEU C 10 16.30 1.29 -10.93
CA LEU C 10 16.39 0.35 -9.82
C LEU C 10 15.05 0.06 -9.14
N MET C 11 14.38 1.11 -8.67
CA MET C 11 13.11 0.94 -7.96
C MET C 11 12.11 0.15 -8.78
N LYS C 12 11.99 0.49 -10.08
CA LYS C 12 11.12 -0.28 -10.99
C LYS C 12 11.11 -1.70 -10.52
N ILE C 13 12.27 -2.35 -10.61
CA ILE C 13 12.45 -3.73 -10.20
C ILE C 13 11.82 -3.97 -8.84
N VAL C 14 12.19 -3.14 -7.85
CA VAL C 14 11.64 -3.28 -6.50
C VAL C 14 10.11 -3.03 -6.44
N ASN C 15 9.60 -2.11 -7.28
CA ASN C 15 8.16 -1.82 -7.35
C ASN C 15 7.44 -3.05 -7.91
N ASN C 16 8.06 -3.65 -8.92
CA ASN C 16 7.53 -4.83 -9.58
C ASN C 16 7.62 -6.06 -8.70
N ALA C 17 8.60 -6.09 -7.80
CA ALA C 17 8.79 -7.26 -6.97
C ALA C 17 7.78 -7.35 -5.83
N PHE C 18 7.66 -6.32 -5.02
CA PHE C 18 6.76 -6.42 -3.88
C PHE C 18 6.08 -5.13 -3.47
N ILE C 19 5.74 -4.26 -4.41
CA ILE C 19 5.04 -3.04 -4.03
C ILE C 19 3.75 -2.83 -4.85
N ASP C 20 3.89 -2.88 -6.16
CA ASP C 20 2.79 -2.57 -7.02
C ASP C 20 2.30 -3.75 -7.79
N LEU C 21 3.10 -4.77 -7.79
CA LEU C 21 2.74 -6.02 -8.41
C LEU C 21 1.35 -6.42 -7.94
N PRO C 22 0.47 -6.68 -8.89
CA PRO C 22 -0.89 -7.13 -8.55
C PRO C 22 -0.87 -8.62 -8.21
N ALA C 23 -1.46 -8.98 -7.07
CA ALA C 23 -1.54 -10.37 -6.64
C ALA C 23 -2.98 -10.75 -6.27
N PRO C 24 -3.28 -12.05 -6.28
CA PRO C 24 -4.62 -12.53 -6.00
C PRO C 24 -5.02 -12.18 -4.60
N SER C 25 -6.23 -11.66 -4.44
CA SER C 25 -6.74 -11.22 -3.13
C SER C 25 -6.95 -12.43 -2.39
N ASN C 26 -6.62 -13.48 -3.10
CA ASN C 26 -7.01 -14.82 -2.80
C ASN C 26 -6.04 -15.84 -2.22
N ILE C 27 -4.74 -15.61 -2.32
CA ILE C 27 -3.84 -16.62 -1.88
C ILE C 27 -3.80 -16.80 -0.42
N SER C 28 -3.41 -18.02 -0.04
CA SER C 28 -3.42 -18.41 1.31
C SER C 28 -2.04 -18.83 1.72
N SER C 29 -1.91 -19.27 2.97
CA SER C 29 -0.65 -19.64 3.54
C SER C 29 0.25 -20.50 2.73
N TRP C 30 -0.30 -21.32 1.83
CA TRP C 30 0.55 -22.14 1.02
C TRP C 30 1.42 -21.35 0.04
N TRP C 31 1.22 -20.03 0.00
CA TRP C 31 2.01 -19.20 -0.91
C TRP C 31 3.16 -18.50 -0.18
N ASN C 32 3.27 -18.71 1.13
CA ASN C 32 4.32 -18.08 1.92
C ASN C 32 5.69 -18.67 1.73
N PHE C 33 5.74 -19.97 1.44
CA PHE C 33 7.01 -20.68 1.28
C PHE C 33 7.94 -20.18 0.21
N GLY C 34 7.48 -19.26 -0.61
CA GLY C 34 8.34 -18.64 -1.58
C GLY C 34 9.23 -17.61 -0.88
N SER C 35 8.66 -16.82 0.05
CA SER C 35 9.44 -15.86 0.86
C SER C 35 10.31 -16.66 1.81
N LEU C 36 9.72 -17.68 2.42
CA LEU C 36 10.45 -18.49 3.35
C LEU C 36 11.65 -19.09 2.69
N LEU C 37 11.52 -19.61 1.46
CA LEU C 37 12.68 -20.16 0.75
C LEU C 37 13.69 -19.06 0.50
N GLY C 38 13.21 -17.86 0.22
CA GLY C 38 14.11 -16.75 0.00
C GLY C 38 14.85 -16.48 1.27
N ILE C 39 14.09 -16.25 2.33
CA ILE C 39 14.67 -16.01 3.65
C ILE C 39 15.68 -17.12 3.97
N CYS C 40 15.26 -18.36 3.77
CA CYS C 40 16.13 -19.49 4.01
C CYS C 40 17.38 -19.31 3.27
N LEU C 41 17.30 -19.13 1.96
CA LEU C 41 18.49 -18.89 1.15
C LEU C 41 19.40 -17.80 1.69
N ILE C 42 18.88 -16.63 2.05
CA ILE C 42 19.84 -15.63 2.57
C ILE C 42 20.42 -15.96 3.93
N LEU C 43 19.59 -16.36 4.88
CA LEU C 43 20.03 -16.73 6.23
C LEU C 43 21.05 -17.85 6.19
N GLN C 44 20.87 -18.75 5.25
CA GLN C 44 21.78 -19.83 5.05
C GLN C 44 23.09 -19.28 4.56
N ILE C 45 23.01 -18.39 3.57
CA ILE C 45 24.19 -17.71 3.03
C ILE C 45 24.88 -16.88 4.12
N LEU C 46 24.08 -16.26 4.96
CA LEU C 46 24.58 -15.41 6.00
C LEU C 46 25.28 -16.12 7.18
N THR C 47 24.67 -17.16 7.78
CA THR C 47 25.37 -17.93 8.84
C THR C 47 26.48 -18.73 8.20
N GLY C 48 26.17 -19.41 7.10
CA GLY C 48 27.18 -20.11 6.34
C GLY C 48 28.48 -19.31 6.19
N LEU C 49 28.40 -18.02 5.87
CA LEU C 49 29.58 -17.18 5.70
C LEU C 49 30.38 -16.99 7.03
N PHE C 50 29.65 -16.76 8.11
CA PHE C 50 30.29 -16.56 9.42
C PHE C 50 30.97 -17.84 9.89
N LEU C 51 30.48 -18.98 9.47
CA LEU C 51 31.16 -20.22 9.77
C LEU C 51 32.46 -20.31 8.95
N ALA C 52 32.44 -19.80 7.71
CA ALA C 52 33.62 -19.85 6.83
C ALA C 52 34.81 -19.00 7.30
N MET C 53 34.56 -18.06 8.22
CA MET C 53 35.61 -17.21 8.78
C MET C 53 36.31 -17.93 9.94
N HIS C 54 35.93 -19.17 10.15
CA HIS C 54 36.44 -19.96 11.26
C HIS C 54 36.67 -21.40 10.85
N TYR C 55 35.90 -21.88 9.88
CA TYR C 55 36.05 -23.23 9.37
C TYR C 55 37.43 -23.36 8.68
N THR C 56 37.73 -24.54 8.18
CA THR C 56 38.99 -24.79 7.53
C THR C 56 38.79 -25.55 6.23
N SER C 57 39.04 -26.85 6.31
CA SER C 57 38.93 -27.78 5.20
C SER C 57 39.82 -28.91 5.64
N ASP C 58 41.05 -28.96 5.12
CA ASP C 58 42.01 -29.97 5.52
C ASP C 58 41.58 -31.08 6.49
N THR C 59 41.46 -32.32 5.99
CA THR C 59 40.97 -33.48 6.80
C THR C 59 41.44 -33.54 8.26
N THR C 60 42.64 -33.04 8.51
CA THR C 60 43.19 -33.04 9.85
C THR C 60 42.43 -32.08 10.78
N THR C 61 42.18 -30.87 10.29
CA THR C 61 41.53 -29.84 11.12
C THR C 61 40.03 -29.71 10.95
N ALA C 62 39.48 -30.29 9.89
CA ALA C 62 38.04 -30.19 9.61
C ALA C 62 37.14 -30.24 10.87
N PHE C 63 37.04 -31.43 11.47
CA PHE C 63 36.23 -31.64 12.68
C PHE C 63 36.61 -30.67 13.78
N SER C 64 37.92 -30.48 13.97
CA SER C 64 38.48 -29.63 15.03
C SER C 64 38.03 -28.19 14.99
N SER C 65 37.92 -27.67 13.78
CA SER C 65 37.50 -26.29 13.58
C SER C 65 36.04 -26.10 13.99
N VAL C 66 35.17 -27.00 13.55
CA VAL C 66 33.77 -26.90 13.92
C VAL C 66 33.61 -26.85 15.46
N THR C 67 34.24 -27.78 16.17
CA THR C 67 34.18 -27.78 17.64
C THR C 67 34.78 -26.47 18.18
N HIS C 68 35.86 -26.02 17.54
CA HIS C 68 36.48 -24.76 17.90
C HIS C 68 35.38 -23.70 17.89
N ILE C 69 34.64 -23.63 16.79
CA ILE C 69 33.56 -22.67 16.65
C ILE C 69 32.52 -22.82 17.77
N CYS C 70 32.04 -24.04 17.95
CA CYS C 70 30.98 -24.30 18.92
C CYS C 70 31.37 -23.95 20.35
N ARG C 71 32.62 -24.21 20.70
CA ARG C 71 33.12 -23.97 22.06
C ARG C 71 33.87 -22.65 22.25
N ASP C 72 34.80 -22.36 21.36
CA ASP C 72 35.65 -21.17 21.51
C ASP C 72 35.12 -19.86 20.92
N VAL C 73 34.67 -19.92 19.66
CA VAL C 73 34.16 -18.73 18.94
C VAL C 73 32.95 -18.12 19.63
N ASN C 74 33.09 -16.87 20.07
CA ASN C 74 31.99 -16.17 20.70
C ASN C 74 30.77 -16.44 19.88
N TYR C 75 29.78 -17.06 20.49
CA TYR C 75 28.52 -17.27 19.84
C TYR C 75 28.54 -18.21 18.63
N GLY C 76 29.71 -18.74 18.32
CA GLY C 76 29.83 -19.69 17.24
C GLY C 76 28.77 -20.78 17.27
N TRP C 77 28.37 -21.24 18.47
CA TRP C 77 27.34 -22.28 18.58
C TRP C 77 25.99 -21.91 17.90
N ILE C 78 25.37 -20.77 18.27
CA ILE C 78 24.08 -20.40 17.62
C ILE C 78 24.24 -20.32 16.15
N ILE C 79 25.36 -19.77 15.69
CA ILE C 79 25.59 -19.62 14.26
C ILE C 79 25.64 -20.98 13.60
N ARG C 80 26.45 -21.86 14.18
CA ARG C 80 26.62 -23.20 13.66
C ARG C 80 25.29 -23.95 13.61
N TYR C 81 24.53 -23.85 14.68
CA TYR C 81 23.27 -24.58 14.78
C TYR C 81 22.14 -23.99 13.99
N MET C 82 22.19 -22.68 13.77
CA MET C 82 21.21 -22.02 12.95
C MET C 82 21.47 -22.43 11.54
N HIS C 83 22.75 -22.55 11.19
CA HIS C 83 23.12 -22.97 9.85
C HIS C 83 22.61 -24.38 9.64
N ALA C 84 23.04 -25.31 10.48
CA ALA C 84 22.58 -26.72 10.36
C ALA C 84 21.04 -26.90 10.44
N ASN C 85 20.37 -26.17 11.34
CA ASN C 85 18.89 -26.26 11.42
C ASN C 85 18.17 -25.50 10.29
N GLY C 86 18.73 -24.37 9.87
CA GLY C 86 18.16 -23.64 8.77
C GLY C 86 18.16 -24.53 7.54
N ALA C 87 19.17 -25.43 7.46
CA ALA C 87 19.30 -26.32 6.33
C ALA C 87 18.12 -27.26 6.22
N SER C 88 17.63 -27.71 7.37
CA SER C 88 16.51 -28.61 7.40
C SER C 88 15.23 -27.86 7.03
N MET C 89 15.07 -26.69 7.63
CA MET C 89 13.95 -25.81 7.34
C MET C 89 13.87 -25.50 5.87
N PHE C 90 15.03 -25.27 5.24
CA PHE C 90 15.11 -25.01 3.80
C PHE C 90 14.54 -26.21 3.03
N PHE C 91 14.59 -27.40 3.64
CA PHE C 91 13.96 -28.56 2.99
C PHE C 91 12.49 -28.67 3.28
N ILE C 92 12.10 -28.42 4.53
CA ILE C 92 10.66 -28.43 4.88
C ILE C 92 9.90 -27.49 3.90
N CYS C 93 10.44 -26.30 3.70
CA CYS C 93 9.80 -25.34 2.81
C CYS C 93 9.84 -25.74 1.38
N LEU C 94 11.00 -26.18 0.92
CA LEU C 94 11.18 -26.65 -0.44
C LEU C 94 10.11 -27.72 -0.68
N TYR C 95 9.95 -28.58 0.31
CA TYR C 95 8.98 -29.66 0.23
C TYR C 95 7.58 -29.16 0.17
N MET C 96 7.23 -28.31 1.12
CA MET C 96 5.90 -27.71 1.15
C MET C 96 5.56 -26.96 -0.21
N HIS C 97 6.57 -26.22 -0.75
CA HIS C 97 6.46 -25.40 -1.98
C HIS C 97 6.07 -26.26 -3.13
N VAL C 98 6.81 -27.33 -3.33
CA VAL C 98 6.53 -28.27 -4.39
C VAL C 98 5.14 -28.88 -4.15
N GLY C 99 4.80 -29.11 -2.88
CA GLY C 99 3.52 -29.65 -2.52
C GLY C 99 2.43 -28.72 -3.02
N ARG C 100 2.44 -27.49 -2.48
CA ARG C 100 1.49 -26.46 -2.88
C ARG C 100 1.30 -26.48 -4.37
N GLY C 101 2.44 -26.57 -5.07
CA GLY C 101 2.50 -26.56 -6.51
C GLY C 101 1.65 -27.58 -7.21
N LEU C 102 1.80 -28.87 -6.87
CA LEU C 102 1.02 -29.96 -7.50
C LEU C 102 -0.42 -29.84 -7.22
N TYR C 103 -0.74 -29.71 -5.95
CA TYR C 103 -2.11 -29.65 -5.56
C TYR C 103 -2.81 -28.64 -6.39
N TYR C 104 -2.32 -27.41 -6.34
CA TYR C 104 -2.96 -26.31 -7.02
C TYR C 104 -2.75 -26.13 -8.52
N GLY C 105 -1.98 -27.01 -9.15
CA GLY C 105 -1.80 -26.94 -10.58
C GLY C 105 -0.83 -25.88 -11.08
N SER C 106 -0.15 -25.21 -10.14
CA SER C 106 0.81 -24.18 -10.47
C SER C 106 1.78 -24.59 -11.57
N TYR C 107 2.10 -25.86 -11.62
CA TYR C 107 3.03 -26.37 -12.62
C TYR C 107 2.71 -26.07 -14.07
N THR C 108 1.51 -25.55 -14.33
CA THR C 108 1.14 -25.19 -15.68
C THR C 108 2.05 -24.04 -16.23
N PHE C 109 2.74 -23.30 -15.34
CA PHE C 109 3.74 -22.26 -15.76
C PHE C 109 5.01 -23.02 -16.03
N LEU C 110 5.16 -23.57 -17.21
CA LEU C 110 6.30 -24.45 -17.52
C LEU C 110 7.65 -23.95 -17.10
N GLU C 111 8.06 -22.81 -17.68
CA GLU C 111 9.35 -22.22 -17.36
C GLU C 111 9.55 -22.04 -15.88
N THR C 112 8.57 -21.44 -15.20
CA THR C 112 8.70 -21.23 -13.77
C THR C 112 8.88 -22.55 -13.02
N TRP C 113 7.96 -23.48 -13.21
CA TRP C 113 8.06 -24.83 -12.60
C TRP C 113 9.42 -25.43 -12.87
N ASN C 114 9.83 -25.41 -14.13
CA ASN C 114 11.10 -25.97 -14.47
C ASN C 114 12.28 -25.32 -13.81
N ILE C 115 12.27 -24.00 -13.68
CA ILE C 115 13.37 -23.37 -13.00
C ILE C 115 13.35 -23.85 -11.59
N GLY C 116 12.16 -24.03 -11.03
CA GLY C 116 12.04 -24.55 -9.69
C GLY C 116 12.61 -25.97 -9.50
N VAL C 117 12.59 -26.78 -10.55
CA VAL C 117 13.15 -28.11 -10.43
C VAL C 117 14.65 -27.98 -10.39
N ILE C 118 15.15 -27.05 -11.21
CA ILE C 118 16.56 -26.74 -11.24
C ILE C 118 16.96 -26.19 -9.86
N LEU C 119 16.06 -25.42 -9.26
CA LEU C 119 16.31 -24.93 -7.93
C LEU C 119 16.32 -26.06 -6.92
N LEU C 120 15.54 -27.10 -7.15
CA LEU C 120 15.51 -28.22 -6.21
C LEU C 120 16.81 -29.03 -6.23
N LEU C 121 17.19 -29.52 -7.40
CA LEU C 121 18.43 -30.28 -7.55
C LEU C 121 19.62 -29.49 -7.00
N THR C 122 19.71 -28.20 -7.30
CA THR C 122 20.85 -27.44 -6.79
C THR C 122 20.94 -27.32 -5.28
N VAL C 123 19.85 -26.98 -4.58
CA VAL C 123 19.92 -26.94 -3.12
C VAL C 123 20.13 -28.38 -2.55
N MET C 124 19.68 -29.40 -3.28
CA MET C 124 19.94 -30.76 -2.83
C MET C 124 21.43 -30.99 -2.96
N ALA C 125 21.96 -30.77 -4.17
CA ALA C 125 23.39 -30.91 -4.42
C ALA C 125 24.19 -30.08 -3.45
N THR C 126 23.71 -28.88 -3.12
CA THR C 126 24.39 -28.06 -2.14
C THR C 126 24.40 -28.69 -0.75
N ALA C 127 23.20 -28.95 -0.21
CA ALA C 127 23.09 -29.49 1.15
C ALA C 127 23.84 -30.80 1.35
N PHE C 128 23.93 -31.59 0.27
CA PHE C 128 24.71 -32.81 0.31
C PHE C 128 26.14 -32.42 0.66
N MET C 129 26.79 -31.61 -0.17
CA MET C 129 28.16 -31.18 0.10
C MET C 129 28.30 -30.54 1.47
N GLY C 130 27.28 -29.78 1.87
CA GLY C 130 27.23 -29.17 3.18
C GLY C 130 27.62 -30.14 4.29
N TYR C 131 26.89 -31.24 4.45
CA TYR C 131 27.18 -32.16 5.56
C TYR C 131 28.45 -32.99 5.52
N VAL C 132 29.14 -32.99 4.38
CA VAL C 132 30.41 -33.69 4.28
C VAL C 132 31.48 -32.87 5.06
N LEU C 133 31.29 -31.56 5.07
CA LEU C 133 32.23 -30.62 5.69
C LEU C 133 32.81 -30.89 7.12
N PRO C 134 31.95 -31.10 8.14
CA PRO C 134 32.45 -31.33 9.51
C PRO C 134 33.33 -32.57 9.59
N TRP C 135 33.27 -33.39 8.55
CA TRP C 135 34.11 -34.58 8.45
C TRP C 135 33.84 -35.63 9.52
N GLY C 136 32.55 -35.83 9.81
CA GLY C 136 32.12 -36.84 10.76
C GLY C 136 31.92 -38.20 10.11
N GLN C 137 31.42 -39.17 10.88
CA GLN C 137 31.23 -40.50 10.32
C GLN C 137 30.22 -40.45 9.19
N MET C 138 29.05 -39.86 9.46
CA MET C 138 28.02 -39.75 8.43
C MET C 138 28.55 -39.00 7.24
N SER C 139 29.35 -37.97 7.51
CA SER C 139 29.98 -37.17 6.46
C SER C 139 30.84 -38.03 5.53
N PHE C 140 31.64 -38.92 6.10
CA PHE C 140 32.53 -39.72 5.27
C PHE C 140 31.85 -40.74 4.38
N TRP C 141 31.01 -41.59 4.97
CA TRP C 141 30.31 -42.62 4.20
C TRP C 141 29.08 -42.09 3.55
N GLY C 142 28.52 -41.04 4.13
CA GLY C 142 27.45 -40.34 3.48
C GLY C 142 28.08 -39.89 2.18
N ALA C 143 29.23 -39.22 2.28
CA ALA C 143 29.97 -38.77 1.09
C ALA C 143 30.45 -39.93 0.22
N THR C 144 30.40 -41.15 0.73
CA THR C 144 30.85 -42.30 -0.01
C THR C 144 29.69 -43.08 -0.64
N VAL C 145 28.75 -43.52 0.20
CA VAL C 145 27.59 -44.27 -0.27
C VAL C 145 26.94 -43.60 -1.44
N ILE C 146 26.74 -42.28 -1.31
CA ILE C 146 26.13 -41.47 -2.35
C ILE C 146 27.03 -41.38 -3.58
N THR C 147 27.96 -40.42 -3.60
CA THR C 147 28.85 -40.22 -4.75
C THR C 147 29.06 -41.43 -5.64
N ASN C 148 29.40 -42.57 -5.01
CA ASN C 148 29.62 -43.83 -5.72
C ASN C 148 28.64 -44.08 -6.85
N LEU C 149 27.35 -44.00 -6.53
CA LEU C 149 26.24 -44.13 -7.51
C LEU C 149 26.58 -43.85 -8.98
N LEU C 150 27.42 -42.85 -9.21
CA LEU C 150 27.83 -42.53 -10.56
C LEU C 150 28.69 -43.67 -11.15
N SER C 151 29.10 -44.60 -10.29
CA SER C 151 29.88 -45.76 -10.70
C SER C 151 28.98 -46.82 -11.32
N ALA C 152 27.68 -46.55 -11.32
CA ALA C 152 26.69 -47.46 -11.89
C ALA C 152 26.47 -47.10 -13.34
N ILE C 153 26.91 -45.91 -13.72
CA ILE C 153 26.81 -45.45 -15.09
C ILE C 153 27.73 -46.30 -15.97
N PRO C 154 27.12 -46.99 -16.93
CA PRO C 154 27.83 -47.85 -17.87
C PRO C 154 29.13 -47.26 -18.46
N TYR C 155 30.15 -48.10 -18.60
CA TYR C 155 31.37 -47.76 -19.29
C TYR C 155 32.29 -46.69 -18.68
N ILE C 156 31.70 -45.62 -18.14
CA ILE C 156 32.52 -44.52 -17.60
C ILE C 156 32.27 -44.19 -16.14
N GLY C 157 31.34 -44.90 -15.51
CA GLY C 157 31.01 -44.66 -14.13
C GLY C 157 32.21 -44.52 -13.25
N THR C 158 33.11 -45.51 -13.34
CA THR C 158 34.35 -45.53 -12.55
C THR C 158 35.11 -44.20 -12.68
N ASN C 159 35.49 -43.86 -13.91
CA ASN C 159 36.23 -42.62 -14.21
C ASN C 159 35.68 -41.39 -13.49
N LEU C 160 34.38 -41.15 -13.66
CA LEU C 160 33.73 -39.98 -13.07
C LEU C 160 33.81 -39.98 -11.55
N VAL C 161 33.45 -41.09 -10.92
CA VAL C 161 33.47 -41.14 -9.45
C VAL C 161 34.83 -40.85 -8.85
N GLU C 162 35.89 -41.22 -9.57
CA GLU C 162 37.25 -40.95 -9.10
C GLU C 162 37.68 -39.54 -9.48
N TRP C 163 37.06 -39.02 -10.54
CA TRP C 163 37.35 -37.65 -10.94
C TRP C 163 36.73 -36.68 -9.95
N ILE C 164 35.54 -37.01 -9.45
CA ILE C 164 34.86 -36.18 -8.47
C ILE C 164 35.52 -36.33 -7.10
N TRP C 165 36.33 -37.39 -6.98
CA TRP C 165 36.99 -37.73 -5.71
C TRP C 165 38.37 -37.12 -5.53
N GLY C 166 39.14 -37.06 -6.60
CA GLY C 166 40.48 -36.51 -6.54
C GLY C 166 41.51 -37.54 -6.14
N GLY C 167 41.03 -38.77 -6.00
CA GLY C 167 41.86 -39.91 -5.64
C GLY C 167 41.22 -41.24 -6.04
N PHE C 168 41.28 -42.22 -5.13
CA PHE C 168 40.72 -43.56 -5.34
C PHE C 168 39.70 -43.83 -4.28
N SER C 169 39.60 -42.87 -3.38
CA SER C 169 38.65 -42.89 -2.30
C SER C 169 38.38 -41.45 -1.92
N VAL C 170 37.63 -41.26 -0.84
CA VAL C 170 37.32 -39.94 -0.34
C VAL C 170 38.43 -39.51 0.62
N ASP C 171 39.13 -38.42 0.30
CA ASP C 171 40.15 -37.83 1.19
C ASP C 171 40.61 -36.44 0.75
N LYS C 172 41.79 -36.02 1.20
CA LYS C 172 42.37 -34.70 0.86
C LYS C 172 41.59 -33.92 -0.21
N ALA C 173 41.73 -34.37 -1.45
CA ALA C 173 41.12 -33.75 -2.61
C ALA C 173 39.61 -33.55 -2.53
N THR C 174 38.94 -34.42 -1.78
CA THR C 174 37.48 -34.40 -1.67
C THR C 174 36.85 -33.41 -0.69
N LEU C 175 37.48 -33.15 0.45
CA LEU C 175 36.89 -32.19 1.40
C LEU C 175 37.01 -30.73 0.91
N THR C 176 38.19 -30.32 0.44
CA THR C 176 38.42 -28.94 -0.08
C THR C 176 37.47 -28.62 -1.26
N ARG C 177 37.41 -29.56 -2.20
CA ARG C 177 36.51 -29.56 -3.35
C ARG C 177 35.12 -29.22 -2.88
N PHE C 178 34.53 -30.11 -2.08
CA PHE C 178 33.17 -29.94 -1.57
C PHE C 178 32.91 -28.62 -0.87
N PHE C 179 33.88 -28.17 -0.06
CA PHE C 179 33.75 -26.87 0.63
C PHE C 179 33.57 -25.72 -0.36
N ALA C 180 34.47 -25.68 -1.35
CA ALA C 180 34.45 -24.68 -2.42
C ALA C 180 33.12 -24.72 -3.19
N PHE C 181 32.68 -25.92 -3.57
CA PHE C 181 31.41 -26.07 -4.25
C PHE C 181 30.26 -25.68 -3.31
N HIS C 182 30.33 -26.08 -2.05
CA HIS C 182 29.30 -25.69 -1.10
C HIS C 182 29.27 -24.16 -0.89
N PHE C 183 30.35 -23.48 -1.31
CA PHE C 183 30.47 -22.03 -1.17
C PHE C 183 29.87 -21.31 -2.42
N ILE C 184 30.26 -21.74 -3.61
CA ILE C 184 29.79 -21.11 -4.84
C ILE C 184 28.35 -21.45 -5.27
N LEU C 185 27.87 -22.64 -4.92
CA LEU C 185 26.51 -23.00 -5.31
C LEU C 185 25.35 -22.06 -4.88
N PRO C 186 25.23 -21.74 -3.59
CA PRO C 186 24.14 -20.88 -3.12
C PRO C 186 24.10 -19.52 -3.83
N PHE C 187 25.24 -19.04 -4.32
CA PHE C 187 25.23 -17.80 -5.09
C PHE C 187 24.57 -18.07 -6.41
N ILE C 188 25.08 -19.07 -7.14
CA ILE C 188 24.47 -19.50 -8.41
C ILE C 188 22.94 -19.73 -8.22
N ILE C 189 22.56 -20.50 -7.17
CA ILE C 189 21.14 -20.75 -6.86
C ILE C 189 20.43 -19.40 -6.80
N MET C 190 20.93 -18.51 -5.95
CA MET C 190 20.38 -17.17 -5.80
C MET C 190 20.09 -16.47 -7.17
N ALA C 191 21.01 -16.61 -8.12
CA ALA C 191 20.77 -16.06 -9.46
C ALA C 191 19.55 -16.74 -10.06
N ILE C 192 19.63 -18.08 -10.24
CA ILE C 192 18.54 -18.92 -10.78
C ILE C 192 17.23 -18.57 -10.15
N ALA C 193 17.21 -18.35 -8.84
CA ALA C 193 15.99 -17.91 -8.18
C ALA C 193 15.40 -16.70 -8.86
N MET C 194 16.22 -15.69 -9.12
CA MET C 194 15.72 -14.46 -9.78
C MET C 194 15.09 -14.73 -11.15
N VAL C 195 15.68 -15.66 -11.90
CA VAL C 195 15.14 -16.02 -13.21
C VAL C 195 13.83 -16.77 -13.00
N HIS C 196 13.80 -17.58 -11.96
CA HIS C 196 12.60 -18.28 -11.56
C HIS C 196 11.54 -17.20 -11.36
N LEU C 197 11.86 -16.25 -10.48
CA LEU C 197 10.96 -15.16 -10.20
C LEU C 197 10.64 -14.30 -11.43
N LEU C 198 11.62 -14.11 -12.33
CA LEU C 198 11.39 -13.34 -13.57
C LEU C 198 10.23 -13.96 -14.35
N PHE C 199 10.40 -15.23 -14.73
CA PHE C 199 9.34 -15.99 -15.42
C PHE C 199 8.03 -16.02 -14.67
N LEU C 200 8.07 -15.97 -13.34
CA LEU C 200 6.82 -15.94 -12.58
C LEU C 200 6.02 -14.63 -12.79
N HIS C 201 6.73 -13.52 -12.92
CA HIS C 201 6.07 -12.23 -13.06
C HIS C 201 5.38 -12.07 -14.40
N GLU C 202 5.74 -12.95 -15.31
CA GLU C 202 5.17 -12.95 -16.64
C GLU C 202 3.67 -13.34 -16.61
N THR C 203 3.25 -14.08 -15.58
CA THR C 203 1.88 -14.54 -15.55
C THR C 203 1.19 -14.10 -14.28
N GLY C 204 1.99 -13.76 -13.29
CA GLY C 204 1.44 -13.42 -12.01
C GLY C 204 1.20 -14.75 -11.33
N SER C 205 0.66 -14.70 -10.11
CA SER C 205 0.48 -15.89 -9.31
C SER C 205 -0.79 -16.69 -9.54
N ASN C 206 -0.70 -18.00 -9.41
CA ASN C 206 -1.89 -18.85 -9.45
C ASN C 206 -2.55 -18.73 -8.06
N ASN C 207 -3.72 -19.35 -7.84
CA ASN C 207 -4.40 -19.20 -6.57
C ASN C 207 -5.18 -20.43 -6.22
N PRO C 208 -5.72 -20.46 -4.99
CA PRO C 208 -6.39 -21.65 -4.48
C PRO C 208 -7.47 -22.22 -5.39
N THR C 209 -8.08 -21.42 -6.24
CA THR C 209 -9.16 -21.94 -7.11
C THR C 209 -8.74 -22.36 -8.53
N GLY C 210 -7.56 -21.94 -8.95
CA GLY C 210 -7.05 -22.22 -10.29
C GLY C 210 -7.87 -21.50 -11.37
N ILE C 211 -8.70 -20.57 -10.93
CA ILE C 211 -9.57 -19.92 -11.85
C ILE C 211 -8.94 -18.78 -12.62
N SER C 212 -8.57 -17.73 -11.92
CA SER C 212 -8.00 -16.55 -12.54
C SER C 212 -8.53 -15.38 -11.83
N SER C 213 -7.62 -14.69 -11.17
CA SER C 213 -7.90 -13.60 -10.28
C SER C 213 -7.82 -12.23 -10.88
N ASP C 214 -7.50 -12.14 -12.19
CA ASP C 214 -7.42 -10.82 -12.89
C ASP C 214 -8.61 -9.93 -12.54
N VAL C 215 -9.72 -10.55 -12.23
CA VAL C 215 -10.93 -9.86 -11.93
C VAL C 215 -10.95 -9.33 -10.52
N ASP C 216 -9.93 -9.68 -9.75
CA ASP C 216 -9.85 -9.30 -8.35
C ASP C 216 -8.42 -9.33 -7.84
N LYS C 217 -7.57 -8.46 -8.34
CA LYS C 217 -6.20 -8.40 -7.89
C LYS C 217 -6.03 -7.35 -6.80
N ILE C 218 -5.10 -7.57 -5.87
CA ILE C 218 -4.75 -6.57 -4.85
C ILE C 218 -3.31 -6.29 -4.92
N PRO C 219 -2.92 -5.12 -4.42
CA PRO C 219 -1.55 -4.68 -4.50
C PRO C 219 -0.73 -5.45 -3.50
N PHE C 220 0.50 -5.83 -3.88
CA PHE C 220 1.40 -6.50 -2.97
C PHE C 220 1.59 -5.58 -1.76
N HIS C 221 1.77 -4.24 -2.02
CA HIS C 221 1.80 -3.21 -0.97
C HIS C 221 0.72 -3.55 0.05
N PRO C 222 0.66 -2.99 1.22
CA PRO C 222 0.23 -3.67 2.41
C PRO C 222 0.21 -5.19 2.31
N TYR C 223 -0.98 -5.68 2.05
CA TYR C 223 -1.31 -7.09 1.95
C TYR C 223 -0.30 -8.21 2.04
N TYR C 224 0.50 -8.41 0.99
CA TYR C 224 1.43 -9.52 1.00
C TYR C 224 2.76 -9.22 1.55
N THR C 225 3.04 -7.96 1.84
CA THR C 225 4.30 -7.70 2.49
C THR C 225 4.14 -8.07 3.96
N ILE C 226 3.06 -7.61 4.58
CA ILE C 226 2.87 -7.93 5.99
C ILE C 226 2.50 -9.39 6.20
N LYS C 227 1.83 -9.98 5.23
CA LYS C 227 1.47 -11.36 5.37
C LYS C 227 2.72 -12.18 5.10
N ASP C 228 3.78 -11.53 4.64
CA ASP C 228 5.05 -12.25 4.48
C ASP C 228 5.90 -12.09 5.72
N ILE C 229 5.79 -10.92 6.36
CA ILE C 229 6.50 -10.65 7.60
C ILE C 229 6.03 -11.64 8.69
N LEU C 230 4.73 -11.61 9.02
CA LEU C 230 4.16 -12.55 10.01
C LEU C 230 4.71 -13.91 9.71
N GLY C 231 4.50 -14.34 8.48
CA GLY C 231 4.95 -15.62 8.02
C GLY C 231 6.38 -15.89 8.35
N ALA C 232 7.27 -14.97 8.02
CA ALA C 232 8.68 -15.13 8.30
C ALA C 232 8.93 -15.26 9.80
N LEU C 233 8.14 -14.56 10.61
CA LEU C 233 8.27 -14.64 12.06
C LEU C 233 8.00 -16.09 12.50
N LEU C 234 6.98 -16.70 11.90
CA LEU C 234 6.65 -18.09 12.17
C LEU C 234 7.84 -18.99 11.81
N LEU C 235 8.51 -18.69 10.70
CA LEU C 235 9.66 -19.48 10.28
C LEU C 235 10.78 -19.29 11.24
N ILE C 236 10.83 -18.14 11.88
CA ILE C 236 11.88 -17.89 12.85
C ILE C 236 11.57 -18.68 14.11
N LEU C 237 10.30 -18.70 14.50
CA LEU C 237 9.92 -19.44 15.69
C LEU C 237 10.40 -20.87 15.57
N ALA C 238 10.01 -21.51 14.45
CA ALA C 238 10.42 -22.89 14.20
C ALA C 238 11.96 -23.06 14.20
N LEU C 239 12.67 -22.34 13.32
CA LEU C 239 14.12 -22.44 13.31
C LEU C 239 14.71 -22.24 14.70
N MET C 240 14.20 -21.26 15.45
CA MET C 240 14.74 -21.05 16.80
C MET C 240 14.36 -22.16 17.80
N LEU C 241 13.18 -22.74 17.64
CA LEU C 241 12.77 -23.84 18.50
C LEU C 241 13.78 -24.94 18.42
N LEU C 242 14.20 -25.29 17.22
CA LEU C 242 15.23 -26.31 17.06
C LEU C 242 16.49 -25.84 17.76
N VAL C 243 17.19 -24.90 17.13
CA VAL C 243 18.45 -24.35 17.64
C VAL C 243 18.53 -24.18 19.16
N LEU C 244 17.50 -23.58 19.74
CA LEU C 244 17.51 -23.25 21.15
C LEU C 244 16.90 -24.25 22.14
N PHE C 245 16.25 -25.30 21.64
CA PHE C 245 15.68 -26.28 22.54
C PHE C 245 16.01 -27.69 22.16
N ALA C 246 16.16 -27.95 20.87
CA ALA C 246 16.41 -29.31 20.40
C ALA C 246 17.44 -29.40 19.29
N PRO C 247 18.59 -28.76 19.47
CA PRO C 247 19.62 -28.67 18.41
C PRO C 247 19.90 -29.92 17.56
N ASP C 248 19.90 -31.11 18.15
CA ASP C 248 20.27 -32.31 17.39
C ASP C 248 19.14 -33.26 17.08
N LEU C 249 17.92 -32.79 17.25
CA LEU C 249 16.73 -33.61 17.06
C LEU C 249 16.64 -34.17 15.64
N LEU C 250 17.08 -33.39 14.67
CA LEU C 250 17.01 -33.79 13.26
C LEU C 250 18.39 -34.15 12.76
N GLY C 251 19.34 -34.22 13.68
CA GLY C 251 20.71 -34.49 13.32
C GLY C 251 21.22 -35.83 13.80
N ASP C 252 21.84 -36.56 12.89
CA ASP C 252 22.41 -37.87 13.18
C ASP C 252 23.60 -37.76 14.16
N PRO C 253 23.42 -38.29 15.37
CA PRO C 253 24.46 -38.27 16.41
C PRO C 253 25.49 -39.32 16.12
N ASP C 254 26.51 -39.00 15.34
CA ASP C 254 27.57 -39.92 14.97
C ASP C 254 28.30 -39.26 13.85
N ASN C 255 27.84 -38.05 13.50
CA ASN C 255 28.57 -37.21 12.58
C ASN C 255 29.50 -36.46 13.52
N TYR C 256 29.23 -36.70 14.81
CA TYR C 256 30.13 -36.36 15.89
C TYR C 256 31.09 -37.56 15.76
N THR C 257 32.15 -37.65 16.55
CA THR C 257 33.16 -38.72 16.33
C THR C 257 33.69 -38.69 14.87
N PRO C 258 34.92 -38.18 14.68
CA PRO C 258 35.57 -38.07 13.36
C PRO C 258 35.40 -39.23 12.40
N ALA C 259 35.99 -39.07 11.22
CA ALA C 259 35.88 -40.08 10.16
C ALA C 259 36.69 -41.31 10.47
N ASN C 260 36.86 -42.17 9.47
CA ASN C 260 37.57 -43.43 9.64
C ASN C 260 37.27 -44.37 8.49
N PRO C 261 38.05 -44.32 7.43
CA PRO C 261 37.82 -45.20 6.26
C PRO C 261 37.81 -46.72 6.60
N LEU C 262 38.18 -47.07 7.85
CA LEU C 262 38.22 -48.46 8.30
C LEU C 262 36.85 -48.93 8.81
N ASN C 263 36.15 -48.05 9.52
CA ASN C 263 34.85 -48.36 10.14
C ASN C 263 33.61 -48.55 9.20
N THR C 264 32.56 -47.75 9.46
CA THR C 264 31.23 -47.82 8.79
C THR C 264 30.33 -48.41 9.83
N PRO C 265 29.44 -47.61 10.36
CA PRO C 265 28.56 -48.03 11.44
C PRO C 265 27.18 -48.53 11.01
N PRO C 266 27.06 -49.82 10.68
CA PRO C 266 25.80 -50.45 10.29
C PRO C 266 24.55 -49.73 10.77
N HIS C 267 24.08 -48.86 9.90
CA HIS C 267 22.94 -47.99 10.14
C HIS C 267 23.18 -47.05 8.93
N ILE C 268 23.74 -45.86 9.14
CA ILE C 268 24.02 -44.88 8.07
C ILE C 268 22.93 -44.63 7.01
N LYS C 269 22.43 -43.40 7.02
CA LYS C 269 21.43 -42.99 6.09
C LYS C 269 21.77 -41.54 5.82
N PRO C 270 21.43 -41.04 4.64
CA PRO C 270 21.66 -39.62 4.36
C PRO C 270 20.78 -38.79 5.31
N GLU C 271 20.96 -37.47 5.37
CA GLU C 271 20.11 -36.63 6.22
C GLU C 271 18.63 -36.86 5.88
N TRP C 272 17.75 -36.69 6.86
CA TRP C 272 16.32 -37.00 6.68
C TRP C 272 15.70 -36.69 5.33
N TYR C 273 16.02 -35.52 4.81
CA TYR C 273 15.45 -35.08 3.56
C TYR C 273 15.84 -35.88 2.30
N PHE C 274 16.55 -36.98 2.45
CA PHE C 274 16.89 -37.81 1.28
C PHE C 274 16.39 -39.21 1.54
N LEU C 275 15.70 -39.39 2.66
CA LEU C 275 15.26 -40.72 3.05
C LEU C 275 14.32 -41.35 2.07
N PHE C 276 13.31 -40.61 1.64
CA PHE C 276 12.36 -41.13 0.66
C PHE C 276 13.11 -41.61 -0.59
N ALA C 277 14.14 -40.86 -0.99
CA ALA C 277 14.94 -41.16 -2.17
C ALA C 277 15.79 -42.38 -1.91
N TYR C 278 16.37 -42.42 -0.71
CA TYR C 278 17.21 -43.53 -0.26
C TYR C 278 16.37 -44.81 -0.34
N ALA C 279 15.21 -44.79 0.30
CA ALA C 279 14.32 -45.94 0.27
C ALA C 279 14.12 -46.45 -1.16
N ILE C 280 13.77 -45.55 -2.08
CA ILE C 280 13.55 -45.94 -3.49
C ILE C 280 14.75 -46.73 -4.07
N LEU C 281 15.93 -46.10 -4.05
CA LEU C 281 17.13 -46.69 -4.61
C LEU C 281 17.39 -48.13 -4.19
N ARG C 282 17.41 -48.40 -2.88
CA ARG C 282 17.73 -49.75 -2.41
C ARG C 282 16.54 -50.70 -2.42
N SER C 283 15.36 -50.18 -2.72
CA SER C 283 14.18 -51.01 -2.87
C SER C 283 14.21 -51.62 -4.26
N ILE C 284 15.41 -51.68 -4.82
CA ILE C 284 15.66 -52.25 -6.15
C ILE C 284 16.97 -53.05 -6.12
N PRO C 285 16.91 -54.34 -6.44
CA PRO C 285 18.09 -55.18 -6.48
C PRO C 285 18.89 -54.89 -7.74
N ASN C 286 19.31 -53.64 -7.91
CA ASN C 286 20.17 -53.28 -9.01
C ASN C 286 21.03 -52.02 -8.83
N LYS C 287 22.29 -52.14 -9.23
CA LYS C 287 23.20 -51.02 -9.19
C LYS C 287 22.67 -49.99 -10.18
N LEU C 288 22.47 -50.40 -11.43
CA LEU C 288 21.97 -49.49 -12.46
C LEU C 288 20.55 -49.07 -12.23
N GLY C 289 19.69 -50.04 -11.97
CA GLY C 289 18.29 -49.78 -11.72
C GLY C 289 18.04 -48.94 -10.50
N GLY C 290 18.78 -49.22 -9.42
CA GLY C 290 18.61 -48.51 -8.18
C GLY C 290 18.84 -47.03 -8.34
N VAL C 291 19.95 -46.68 -8.98
CA VAL C 291 20.31 -45.28 -9.20
C VAL C 291 19.45 -44.67 -10.29
N LEU C 292 19.07 -45.47 -11.27
CA LEU C 292 18.24 -44.99 -12.35
C LEU C 292 16.91 -44.61 -11.70
N ALA C 293 16.38 -45.51 -10.88
CA ALA C 293 15.14 -45.23 -10.18
C ALA C 293 15.26 -44.03 -9.23
N LEU C 294 16.42 -43.86 -8.62
CA LEU C 294 16.64 -42.73 -7.70
C LEU C 294 16.52 -41.41 -8.45
N ALA C 295 17.09 -41.38 -9.65
CA ALA C 295 17.05 -40.19 -10.46
C ALA C 295 15.60 -39.86 -10.82
N PHE C 296 14.91 -40.83 -11.43
CA PHE C 296 13.51 -40.67 -11.85
C PHE C 296 12.69 -40.16 -10.66
N SER C 297 13.02 -40.63 -9.46
CA SER C 297 12.32 -40.21 -8.24
C SER C 297 12.15 -38.69 -8.09
N ILE C 298 13.12 -37.93 -8.60
CA ILE C 298 13.07 -36.47 -8.54
C ILE C 298 12.80 -35.83 -9.90
N LEU C 299 13.48 -36.36 -10.92
CA LEU C 299 13.33 -35.84 -12.29
C LEU C 299 11.94 -36.06 -12.87
N ILE C 300 11.04 -36.63 -12.08
CA ILE C 300 9.70 -36.89 -12.55
C ILE C 300 8.84 -35.64 -12.41
N LEU C 301 9.29 -34.72 -11.56
CA LEU C 301 8.56 -33.47 -11.37
C LEU C 301 8.46 -32.76 -12.73
N ALA C 302 9.57 -32.76 -13.47
CA ALA C 302 9.63 -32.20 -14.79
C ALA C 302 8.72 -32.98 -15.76
N LEU C 303 8.10 -34.06 -15.30
CA LEU C 303 7.21 -34.83 -16.15
C LEU C 303 5.77 -34.53 -15.86
N ILE C 304 5.47 -34.15 -14.62
CA ILE C 304 4.11 -33.85 -14.19
C ILE C 304 3.17 -33.07 -15.18
N PRO C 305 3.58 -31.87 -15.62
CA PRO C 305 2.82 -31.12 -16.62
C PRO C 305 2.46 -31.92 -17.87
N LEU C 306 3.27 -32.87 -18.29
CA LEU C 306 2.90 -33.62 -19.48
C LEU C 306 1.78 -34.61 -19.19
N LEU C 307 1.43 -34.77 -17.92
CA LEU C 307 0.34 -35.67 -17.52
C LEU C 307 -0.72 -34.92 -16.79
N HIS C 308 -0.98 -33.69 -17.22
CA HIS C 308 -2.12 -33.00 -16.69
C HIS C 308 -3.20 -33.40 -17.65
N THR C 309 -4.30 -33.87 -17.10
CA THR C 309 -5.32 -34.52 -17.86
C THR C 309 -6.66 -33.86 -17.56
N SER C 310 -6.74 -33.23 -16.40
CA SER C 310 -7.95 -32.58 -15.93
C SER C 310 -8.29 -31.28 -16.68
N LYS C 311 -9.59 -30.97 -16.75
CA LYS C 311 -10.05 -29.73 -17.37
C LYS C 311 -10.06 -28.56 -16.37
N GLN C 312 -9.86 -28.87 -15.10
CA GLN C 312 -9.72 -27.83 -14.08
C GLN C 312 -8.27 -27.73 -13.67
N ARG C 313 -7.85 -26.57 -13.17
CA ARG C 313 -6.46 -26.37 -12.85
C ARG C 313 -6.08 -26.77 -11.42
N SER C 314 -6.78 -26.23 -10.43
CA SER C 314 -6.50 -26.57 -9.02
C SER C 314 -7.23 -27.78 -8.70
N MET C 315 -6.81 -28.46 -7.63
CA MET C 315 -7.56 -29.62 -7.15
C MET C 315 -8.62 -29.20 -6.16
N MET C 316 -8.82 -27.89 -5.98
CA MET C 316 -9.80 -27.37 -5.01
C MET C 316 -11.16 -28.00 -5.12
N PHE C 317 -11.58 -28.26 -6.37
CA PHE C 317 -12.87 -28.93 -6.62
C PHE C 317 -12.72 -30.37 -7.20
N ARG C 318 -11.76 -31.13 -6.72
CA ARG C 318 -11.50 -32.44 -7.29
C ARG C 318 -11.27 -33.58 -6.27
N PRO C 319 -12.34 -34.02 -5.61
CA PRO C 319 -12.21 -35.03 -4.55
C PRO C 319 -11.36 -36.24 -4.94
N LEU C 320 -11.64 -36.87 -6.06
CA LEU C 320 -10.85 -38.01 -6.52
C LEU C 320 -9.34 -37.77 -6.45
N SER C 321 -8.89 -36.66 -7.04
CA SER C 321 -7.44 -36.36 -7.11
C SER C 321 -6.94 -35.91 -5.76
N GLN C 322 -7.81 -35.23 -5.03
CA GLN C 322 -7.53 -34.78 -3.72
C GLN C 322 -7.14 -36.01 -2.89
N CYS C 323 -7.78 -37.13 -3.15
CA CYS C 323 -7.47 -38.33 -2.40
C CYS C 323 -6.15 -38.91 -2.80
N LEU C 324 -5.93 -39.00 -4.10
CA LEU C 324 -4.65 -39.50 -4.56
C LEU C 324 -3.48 -38.58 -4.14
N PHE C 325 -3.75 -37.29 -3.92
CA PHE C 325 -2.68 -36.33 -3.49
C PHE C 325 -2.20 -36.71 -2.09
N TRP C 326 -3.14 -36.88 -1.18
CA TRP C 326 -2.78 -37.23 0.15
C TRP C 326 -2.16 -38.61 0.25
N ALA C 327 -2.66 -39.53 -0.57
CA ALA C 327 -2.07 -40.86 -0.62
C ALA C 327 -0.61 -40.72 -1.01
N LEU C 328 -0.31 -39.76 -1.89
CA LEU C 328 1.08 -39.49 -2.31
C LEU C 328 1.90 -38.99 -1.13
N VAL C 329 1.38 -37.99 -0.43
CA VAL C 329 2.09 -37.41 0.73
C VAL C 329 2.42 -38.47 1.78
N ALA C 330 1.38 -39.17 2.24
CA ALA C 330 1.51 -40.24 3.25
C ALA C 330 2.49 -41.29 2.76
N ASP C 331 2.34 -41.68 1.50
CA ASP C 331 3.29 -42.61 0.90
C ASP C 331 4.74 -42.06 0.91
N LEU C 332 4.92 -40.75 0.77
CA LEU C 332 6.26 -40.19 0.83
C LEU C 332 6.77 -40.24 2.28
N LEU C 333 5.83 -40.01 3.21
CA LEU C 333 6.10 -40.11 4.64
C LEU C 333 6.46 -41.56 4.97
N THR C 334 5.92 -42.49 4.20
CA THR C 334 6.26 -43.92 4.33
C THR C 334 7.72 -44.15 3.91
N LEU C 335 8.04 -43.74 2.69
CA LEU C 335 9.38 -43.86 2.14
C LEU C 335 10.41 -43.24 3.06
N THR C 336 10.06 -42.09 3.64
CA THR C 336 10.93 -41.41 4.58
C THR C 336 11.20 -42.35 5.76
N TRP C 337 10.13 -42.84 6.37
CA TRP C 337 10.22 -43.79 7.48
C TRP C 337 11.08 -45.06 7.17
N ILE C 338 10.74 -45.76 6.08
CA ILE C 338 11.51 -46.93 5.64
C ILE C 338 12.98 -46.55 5.43
N GLY C 339 13.22 -45.53 4.62
CA GLY C 339 14.58 -45.05 4.41
C GLY C 339 15.34 -45.00 5.72
N GLY C 340 14.66 -44.58 6.78
CA GLY C 340 15.26 -44.49 8.11
C GLY C 340 15.51 -45.82 8.83
N GLN C 341 15.07 -46.93 8.26
CA GLN C 341 15.20 -48.25 8.88
C GLN C 341 16.23 -49.14 8.20
N PRO C 342 16.68 -50.20 8.88
CA PRO C 342 17.65 -51.14 8.29
C PRO C 342 17.00 -52.00 7.21
N VAL C 343 17.78 -52.43 6.22
CA VAL C 343 17.27 -53.28 5.15
C VAL C 343 16.99 -54.71 5.62
N GLU C 344 15.92 -54.86 6.42
CA GLU C 344 15.53 -56.17 6.96
C GLU C 344 14.03 -56.51 6.73
N HIS C 345 13.56 -57.58 7.37
CA HIS C 345 12.24 -58.15 7.09
C HIS C 345 10.97 -57.45 6.63
N PRO C 346 10.26 -56.71 7.49
CA PRO C 346 9.01 -56.06 7.04
C PRO C 346 9.46 -54.97 6.10
N TYR C 347 10.14 -54.01 6.70
CA TYR C 347 10.78 -52.90 6.06
C TYR C 347 11.19 -53.02 4.59
N ILE C 348 11.70 -54.19 4.15
CA ILE C 348 12.08 -54.35 2.73
C ILE C 348 10.85 -54.35 1.82
N THR C 349 10.03 -55.38 1.92
CA THR C 349 8.85 -55.51 1.10
C THR C 349 7.91 -54.27 1.14
N ILE C 350 7.73 -53.66 2.31
CA ILE C 350 6.86 -52.50 2.37
C ILE C 350 7.42 -51.27 1.66
N GLY C 351 8.73 -51.05 1.80
CA GLY C 351 9.42 -49.95 1.11
C GLY C 351 9.50 -50.21 -0.40
N GLN C 352 9.41 -51.48 -0.75
CA GLN C 352 9.40 -51.92 -2.13
C GLN C 352 8.02 -51.63 -2.73
N LEU C 353 6.99 -51.71 -1.89
CA LEU C 353 5.62 -51.46 -2.35
C LEU C 353 5.38 -49.99 -2.47
N ALA C 354 5.90 -49.24 -1.50
CA ALA C 354 5.76 -47.80 -1.46
C ALA C 354 6.38 -47.18 -2.71
N SER C 355 7.56 -47.67 -3.11
CA SER C 355 8.23 -47.23 -4.36
C SER C 355 7.32 -47.38 -5.57
N VAL C 356 6.88 -48.62 -5.83
CA VAL C 356 5.95 -48.89 -6.93
C VAL C 356 4.76 -47.96 -6.83
N LEU C 357 4.14 -47.89 -5.65
CA LEU C 357 3.01 -46.98 -5.45
C LEU C 357 3.37 -45.56 -5.98
N TYR C 358 4.40 -44.95 -5.39
CA TYR C 358 4.89 -43.64 -5.82
C TYR C 358 4.80 -43.49 -7.35
N PHE C 359 5.59 -44.27 -8.07
CA PHE C 359 5.60 -44.19 -9.53
C PHE C 359 4.28 -44.52 -10.20
N LEU C 360 3.56 -45.50 -9.68
CA LEU C 360 2.27 -45.83 -10.28
C LEU C 360 1.21 -44.74 -10.01
N LEU C 361 1.26 -44.16 -8.81
CA LEU C 361 0.36 -43.06 -8.43
C LEU C 361 0.56 -41.83 -9.34
N ILE C 362 1.77 -41.29 -9.38
CA ILE C 362 2.07 -40.12 -10.24
C ILE C 362 1.95 -40.41 -11.76
N LEU C 363 2.34 -41.60 -12.18
CA LEU C 363 2.32 -41.94 -13.60
C LEU C 363 0.99 -42.54 -14.16
N VAL C 364 0.15 -43.11 -13.29
CA VAL C 364 -1.07 -43.73 -13.79
C VAL C 364 -2.31 -43.32 -13.02
N LEU C 365 -2.21 -43.30 -11.70
CA LEU C 365 -3.37 -43.02 -10.89
C LEU C 365 -3.89 -41.58 -10.97
N MET C 366 -3.05 -40.59 -10.70
CA MET C 366 -3.50 -39.21 -10.75
C MET C 366 -4.02 -38.76 -12.14
N PRO C 367 -3.27 -39.10 -13.20
CA PRO C 367 -3.75 -38.84 -14.56
C PRO C 367 -5.11 -39.52 -14.85
N THR C 368 -5.35 -40.69 -14.31
CA THR C 368 -6.65 -41.28 -14.58
C THR C 368 -7.75 -40.61 -13.73
N ALA C 369 -7.46 -40.38 -12.45
CA ALA C 369 -8.40 -39.70 -11.59
C ALA C 369 -8.88 -38.45 -12.30
N GLY C 370 -7.99 -37.81 -13.02
CA GLY C 370 -8.31 -36.58 -13.71
C GLY C 370 -9.33 -36.75 -14.78
N THR C 371 -9.09 -37.71 -15.67
CA THR C 371 -10.01 -38.03 -16.75
C THR C 371 -11.40 -38.46 -16.23
N ILE C 372 -11.44 -39.28 -15.19
CA ILE C 372 -12.75 -39.68 -14.64
C ILE C 372 -13.52 -38.47 -14.14
N GLU C 373 -12.84 -37.53 -13.54
CA GLU C 373 -13.51 -36.35 -13.05
C GLU C 373 -14.08 -35.56 -14.24
N ASN C 374 -13.33 -35.52 -15.33
CA ASN C 374 -13.82 -34.83 -16.50
C ASN C 374 -15.12 -35.46 -16.87
N LYS C 375 -15.07 -36.79 -17.12
CA LYS C 375 -16.25 -37.54 -17.48
C LYS C 375 -17.38 -37.38 -16.54
N LEU C 376 -17.11 -37.29 -15.23
CA LEU C 376 -18.21 -37.15 -14.25
C LEU C 376 -18.93 -35.81 -14.42
N LEU C 377 -18.14 -34.75 -14.66
CA LEU C 377 -18.69 -33.40 -14.84
C LEU C 377 -19.37 -33.18 -16.21
N LYS C 378 -19.15 -34.12 -17.14
CA LYS C 378 -19.69 -34.06 -18.52
C LYS C 378 -18.81 -33.22 -19.46
N TRP C 379 -17.54 -33.07 -19.07
CA TRP C 379 -16.52 -32.33 -19.80
C TRP C 379 -15.73 -33.16 -20.78
N SER D 1 24.42 -59.39 21.09
CA SER D 1 24.79 -60.00 19.80
C SER D 1 23.53 -60.10 18.93
N ASP D 2 23.21 -59.00 18.23
CA ASP D 2 22.01 -58.91 17.34
C ASP D 2 20.73 -58.37 18.03
N LEU D 3 20.55 -58.72 19.29
CA LEU D 3 19.44 -58.22 20.08
C LEU D 3 19.99 -57.08 20.91
N GLU D 4 19.14 -56.16 21.36
CA GLU D 4 19.61 -55.08 22.23
C GLU D 4 18.54 -54.48 23.14
N LEU D 5 18.99 -53.66 24.10
CA LEU D 5 18.10 -52.96 25.03
C LEU D 5 18.49 -51.48 25.10
N HIS D 6 17.48 -50.62 25.26
CA HIS D 6 17.67 -49.16 25.34
C HIS D 6 17.39 -48.59 26.75
N PRO D 7 18.07 -47.50 27.12
CA PRO D 7 17.99 -46.92 28.46
C PRO D 7 16.63 -46.35 28.90
N PRO D 8 16.48 -46.13 30.21
CA PRO D 8 15.26 -45.55 30.78
C PRO D 8 15.40 -44.01 30.81
N SER D 9 14.46 -43.32 31.46
CA SER D 9 14.50 -41.85 31.55
C SER D 9 14.86 -41.34 32.94
N TYR D 10 16.15 -41.36 33.25
CA TYR D 10 16.59 -40.85 34.56
C TYR D 10 16.26 -39.36 34.58
N PRO D 11 15.47 -38.91 35.56
CA PRO D 11 15.06 -37.50 35.63
C PRO D 11 16.17 -36.50 35.91
N TRP D 12 17.13 -36.35 34.99
CA TRP D 12 18.24 -35.40 35.13
C TRP D 12 17.77 -33.99 35.57
N SER D 13 18.67 -33.26 36.20
CA SER D 13 18.35 -31.92 36.67
C SER D 13 18.34 -30.93 35.51
N HIS D 14 18.59 -31.45 34.32
CA HIS D 14 18.63 -30.66 33.09
C HIS D 14 17.81 -31.31 31.93
N ARG D 15 16.81 -32.13 32.29
CA ARG D 15 15.97 -32.79 31.30
C ARG D 15 14.81 -31.88 30.92
N GLY D 16 14.30 -31.14 31.90
CA GLY D 16 13.21 -30.19 31.67
C GLY D 16 13.60 -29.11 30.66
N LEU D 17 12.60 -28.48 30.05
CA LEU D 17 12.86 -27.47 29.02
C LEU D 17 13.86 -26.34 29.30
N LEU D 18 13.59 -25.56 30.34
CA LEU D 18 14.45 -24.43 30.68
C LEU D 18 15.35 -24.80 31.85
N SER D 19 15.86 -26.02 31.84
CA SER D 19 16.65 -26.51 32.98
C SER D 19 18.16 -26.43 32.89
N SER D 20 18.76 -25.63 33.78
CA SER D 20 20.22 -25.51 33.84
C SER D 20 20.85 -26.78 34.36
N LEU D 21 22.15 -26.91 34.12
CA LEU D 21 22.90 -28.04 34.65
C LEU D 21 23.15 -27.77 36.14
N ASP D 22 23.45 -28.84 36.88
CA ASP D 22 23.80 -28.66 38.28
C ASP D 22 25.30 -28.42 38.33
N HIS D 23 25.71 -27.16 38.50
CA HIS D 23 27.13 -26.80 38.54
C HIS D 23 27.93 -27.50 39.68
N THR D 24 27.27 -27.75 40.82
CA THR D 24 27.90 -28.47 41.93
C THR D 24 28.15 -29.88 41.45
N SER D 25 27.19 -30.40 40.69
CA SER D 25 27.31 -31.75 40.17
C SER D 25 28.24 -31.85 38.96
N ILE D 26 28.52 -30.73 38.30
CA ILE D 26 29.45 -30.76 37.17
C ILE D 26 30.84 -30.89 37.74
N ARG D 27 31.03 -30.26 38.91
CA ARG D 27 32.29 -30.27 39.64
C ARG D 27 32.71 -31.71 39.96
N ARG D 28 31.98 -32.34 40.87
CA ARG D 28 32.27 -33.72 41.27
C ARG D 28 32.57 -34.59 40.05
N GLY D 29 31.86 -34.34 38.96
CA GLY D 29 32.04 -35.07 37.73
C GLY D 29 33.43 -34.93 37.13
N PHE D 30 33.94 -33.69 37.10
CA PHE D 30 35.29 -33.47 36.60
C PHE D 30 36.21 -34.30 37.46
N GLN D 31 36.00 -34.25 38.78
CA GLN D 31 36.78 -35.07 39.69
C GLN D 31 36.75 -36.52 39.21
N VAL D 32 35.55 -37.09 39.01
CA VAL D 32 35.43 -38.46 38.51
C VAL D 32 36.25 -38.65 37.23
N TYR D 33 36.26 -37.62 36.37
CA TYR D 33 37.05 -37.70 35.14
C TYR D 33 38.57 -37.80 35.44
N LYS D 34 39.08 -36.82 36.18
CA LYS D 34 40.51 -36.74 36.52
C LYS D 34 41.10 -37.99 37.19
N GLN D 35 40.51 -38.41 38.31
CA GLN D 35 41.01 -39.57 39.10
C GLN D 35 40.82 -40.91 38.38
N VAL D 36 39.64 -41.12 37.80
CA VAL D 36 39.31 -42.39 37.14
C VAL D 36 39.55 -42.47 35.59
N CYS D 37 38.66 -41.86 34.82
CA CYS D 37 38.70 -41.95 33.35
C CYS D 37 39.98 -41.44 32.67
N SER D 38 40.48 -40.30 33.15
CA SER D 38 41.63 -39.61 32.54
C SER D 38 42.86 -40.44 32.18
N SER D 39 42.98 -41.65 32.78
CA SER D 39 44.13 -42.51 32.47
C SER D 39 43.84 -43.55 31.39
N CYS D 40 42.79 -43.29 30.61
CA CYS D 40 42.38 -44.17 29.53
C CYS D 40 41.60 -43.37 28.50
N HIS D 41 40.92 -42.34 28.97
CA HIS D 41 40.05 -41.54 28.11
C HIS D 41 40.55 -40.16 27.75
N SER D 42 40.92 -39.99 26.48
CA SER D 42 41.30 -38.69 25.97
C SER D 42 40.09 -37.72 26.04
N MET D 43 40.37 -36.44 26.28
CA MET D 43 39.33 -35.42 26.23
C MET D 43 39.91 -34.17 25.56
N ASP D 44 40.37 -34.38 24.32
CA ASP D 44 41.06 -33.38 23.49
C ASP D 44 40.47 -31.96 23.38
N TYR D 45 39.18 -31.80 23.66
CA TYR D 45 38.53 -30.50 23.44
C TYR D 45 38.28 -29.60 24.66
N VAL D 46 38.12 -30.18 25.84
CA VAL D 46 37.89 -29.35 27.01
C VAL D 46 39.23 -28.88 27.58
N ALA D 47 39.23 -27.77 28.33
CA ALA D 47 40.45 -27.22 28.90
C ALA D 47 40.17 -26.72 30.30
N TYR D 48 41.23 -26.38 31.01
CA TYR D 48 41.08 -25.91 32.38
C TYR D 48 40.34 -24.59 32.45
N ARG D 49 40.60 -23.73 31.47
CA ARG D 49 39.90 -22.44 31.42
C ARG D 49 38.39 -22.64 31.18
N HIS D 50 38.02 -23.62 30.36
CA HIS D 50 36.61 -23.90 30.11
C HIS D 50 35.89 -24.13 31.43
N LEU D 51 36.63 -24.63 32.43
CA LEU D 51 36.05 -24.90 33.73
C LEU D 51 35.83 -23.64 34.57
N VAL D 52 36.60 -22.58 34.26
CA VAL D 52 36.57 -21.30 35.01
C VAL D 52 35.20 -20.67 35.33
N GLY D 53 34.37 -20.50 34.34
CA GLY D 53 33.09 -19.89 34.61
C GLY D 53 32.12 -20.90 35.18
N VAL D 54 32.27 -22.13 34.74
CA VAL D 54 31.36 -23.21 35.07
C VAL D 54 31.32 -23.61 36.52
N CYS D 55 32.30 -24.42 36.91
CA CYS D 55 32.36 -24.98 38.25
C CYS D 55 33.35 -24.26 39.18
N TYR D 56 34.64 -24.37 38.86
CA TYR D 56 35.73 -23.80 39.68
C TYR D 56 35.84 -22.26 39.65
N THR D 57 36.92 -21.73 40.22
CA THR D 57 37.19 -20.29 40.13
C THR D 57 38.59 -20.05 39.59
N GLU D 58 38.93 -18.78 39.42
CA GLU D 58 40.21 -18.38 38.85
C GLU D 58 41.42 -19.13 39.36
N ASP D 59 41.77 -18.87 40.62
CA ASP D 59 42.93 -19.50 41.24
C ASP D 59 42.80 -21.02 41.25
N GLU D 60 41.59 -21.53 41.50
CA GLU D 60 41.37 -22.99 41.55
C GLU D 60 41.71 -23.67 40.24
N ALA D 61 41.29 -23.06 39.13
CA ALA D 61 41.58 -23.59 37.83
C ALA D 61 43.10 -23.69 37.61
N LYS D 62 43.81 -22.60 37.94
CA LYS D 62 45.27 -22.56 37.82
C LYS D 62 45.87 -23.78 38.51
N ALA D 63 45.48 -23.97 39.77
CA ALA D 63 45.99 -25.06 40.62
C ALA D 63 45.78 -26.47 40.03
N LEU D 64 44.58 -26.74 39.53
CA LEU D 64 44.27 -28.04 38.96
C LEU D 64 45.05 -28.26 37.67
N ALA D 65 45.34 -27.14 36.98
CA ALA D 65 46.11 -27.17 35.74
C ALA D 65 47.55 -27.51 36.02
N GLU D 66 48.04 -27.05 37.18
CA GLU D 66 49.43 -27.27 37.61
C GLU D 66 49.74 -28.67 38.14
N GLU D 67 48.71 -29.47 38.38
CA GLU D 67 48.87 -30.82 38.91
C GLU D 67 49.25 -31.89 37.85
N VAL D 68 49.72 -31.43 36.69
CA VAL D 68 50.18 -32.33 35.63
C VAL D 68 51.42 -31.67 35.06
N GLU D 69 51.99 -32.25 34.01
CA GLU D 69 53.16 -31.66 33.35
C GLU D 69 53.13 -31.92 31.87
N VAL D 70 52.87 -30.87 31.11
CA VAL D 70 52.73 -30.98 29.66
C VAL D 70 54.00 -30.56 28.93
N GLN D 71 54.17 -31.09 27.73
CA GLN D 71 55.34 -30.78 26.89
C GLN D 71 55.20 -29.45 26.16
N ASP D 72 55.81 -28.39 26.71
CA ASP D 72 55.73 -27.03 26.14
C ASP D 72 56.65 -26.83 24.92
N GLY D 73 56.51 -25.67 24.25
CA GLY D 73 57.27 -25.33 23.05
C GLY D 73 58.78 -25.47 23.17
N PRO D 74 59.44 -25.76 22.04
CA PRO D 74 60.90 -25.97 22.01
C PRO D 74 61.70 -24.73 22.36
N ASN D 75 62.90 -24.89 22.88
CA ASN D 75 63.69 -23.74 23.29
C ASN D 75 65.15 -23.69 22.80
N GLU D 76 65.45 -22.60 22.09
CA GLU D 76 66.79 -22.27 21.57
C GLU D 76 67.69 -23.42 21.08
N ASP D 77 67.72 -24.52 21.82
CA ASP D 77 68.49 -25.70 21.43
C ASP D 77 67.56 -26.69 20.75
N GLY D 78 66.28 -26.32 20.66
CA GLY D 78 65.28 -27.22 20.11
C GLY D 78 64.99 -28.28 21.14
N GLU D 79 64.59 -27.82 22.33
CA GLU D 79 64.42 -28.68 23.50
C GLU D 79 63.11 -29.44 23.62
N MET D 80 62.13 -28.77 24.22
CA MET D 80 60.82 -29.34 24.54
C MET D 80 60.88 -30.03 25.90
N PHE D 81 60.89 -29.19 26.93
CA PHE D 81 60.96 -29.57 28.33
C PHE D 81 59.58 -29.96 28.87
N MET D 82 59.33 -29.62 30.13
CA MET D 82 58.04 -29.85 30.80
C MET D 82 57.76 -28.61 31.66
N ARG D 83 56.50 -28.37 32.02
CA ARG D 83 56.14 -27.18 32.78
C ARG D 83 54.89 -27.42 33.65
N PRO D 84 54.79 -26.71 34.79
CA PRO D 84 53.68 -26.85 35.76
C PRO D 84 52.24 -27.08 35.23
N GLY D 85 51.68 -26.10 34.56
CA GLY D 85 50.30 -26.19 34.10
C GLY D 85 49.75 -24.79 34.03
N LYS D 86 49.17 -24.46 32.90
CA LYS D 86 48.74 -23.10 32.65
C LYS D 86 47.28 -22.80 32.99
N LEU D 87 46.41 -23.14 32.03
CA LEU D 87 44.98 -22.83 32.05
C LEU D 87 44.63 -22.97 30.58
N SER D 88 45.57 -22.51 29.77
CA SER D 88 45.50 -22.49 28.32
C SER D 88 45.17 -23.81 27.69
N ASP D 89 46.08 -24.76 27.82
CA ASP D 89 45.86 -26.03 27.17
C ASP D 89 44.86 -26.98 27.77
N TYR D 90 44.53 -27.98 26.98
CA TYR D 90 43.44 -28.87 27.28
C TYR D 90 43.81 -30.05 28.17
N PHE D 91 43.09 -31.14 27.97
CA PHE D 91 43.34 -32.37 28.67
C PHE D 91 43.82 -33.46 27.69
N PRO D 92 44.85 -33.21 26.86
CA PRO D 92 45.35 -34.30 26.01
C PRO D 92 46.16 -35.27 26.91
N LYS D 93 45.57 -36.39 27.27
CA LYS D 93 46.26 -37.24 28.21
C LYS D 93 46.84 -38.65 27.94
N PRO D 94 46.04 -39.70 28.21
CA PRO D 94 46.51 -41.10 28.20
C PRO D 94 47.61 -41.56 27.24
N TYR D 95 47.33 -41.60 25.94
CA TYR D 95 48.29 -42.16 24.98
C TYR D 95 48.65 -41.23 23.82
N PRO D 96 49.88 -41.37 23.32
CA PRO D 96 50.30 -40.66 22.12
C PRO D 96 49.59 -41.28 20.92
N ASN D 97 50.22 -42.26 20.28
CA ASN D 97 49.60 -42.98 19.14
C ASN D 97 48.27 -43.65 19.55
N PRO D 98 47.30 -43.73 18.63
CA PRO D 98 45.99 -44.32 18.93
C PRO D 98 46.08 -45.81 19.22
N GLU D 99 47.03 -46.48 18.56
CA GLU D 99 47.24 -47.90 18.68
C GLU D 99 47.86 -48.22 20.04
N ALA D 100 48.42 -47.20 20.69
CA ALA D 100 48.98 -47.35 22.02
C ALA D 100 47.86 -47.46 23.04
N ALA D 101 46.64 -47.10 22.63
CA ALA D 101 45.49 -47.27 23.49
C ALA D 101 45.13 -48.74 23.40
N ARG D 102 45.36 -49.31 22.22
CA ARG D 102 45.08 -50.71 21.95
C ARG D 102 46.10 -51.63 22.60
N ALA D 103 47.35 -51.19 22.63
CA ALA D 103 48.40 -51.97 23.28
C ALA D 103 48.15 -52.10 24.78
N ALA D 104 47.57 -51.05 25.40
CA ALA D 104 47.26 -51.11 26.85
C ALA D 104 45.98 -51.93 27.08
N ASN D 105 44.83 -51.27 27.05
CA ASN D 105 43.56 -51.99 27.12
C ASN D 105 43.62 -52.93 25.93
N ASN D 106 43.38 -54.22 26.15
CA ASN D 106 43.49 -55.18 25.05
C ASN D 106 42.63 -54.83 23.85
N GLY D 107 43.30 -54.53 22.73
CA GLY D 107 42.67 -54.16 21.46
C GLY D 107 41.37 -53.36 21.49
N ALA D 108 41.28 -52.39 22.40
CA ALA D 108 40.06 -51.57 22.55
C ALA D 108 40.35 -50.05 22.66
N LEU D 109 39.54 -49.24 21.97
CA LEU D 109 39.70 -47.81 21.98
C LEU D 109 38.72 -47.14 22.91
N PRO D 110 39.18 -46.63 24.06
CA PRO D 110 38.35 -45.84 24.96
C PRO D 110 38.24 -44.46 24.30
N PRO D 111 37.12 -44.18 23.61
CA PRO D 111 37.01 -42.99 22.80
C PRO D 111 36.93 -41.70 23.59
N ASP D 112 37.27 -40.60 22.91
CA ASP D 112 37.26 -39.27 23.47
C ASP D 112 36.00 -39.02 24.30
N LEU D 113 36.12 -38.30 25.41
CA LEU D 113 34.95 -38.04 26.27
C LEU D 113 34.18 -36.77 26.00
N SER D 114 34.83 -35.82 25.32
CA SER D 114 34.18 -34.57 24.90
C SER D 114 32.99 -34.96 24.07
N TYR D 115 33.19 -35.93 23.19
CA TYR D 115 32.13 -36.56 22.38
C TYR D 115 30.93 -36.93 23.26
N ILE D 116 30.96 -38.24 23.57
CA ILE D 116 30.02 -39.00 24.43
C ILE D 116 28.52 -38.80 24.48
N VAL D 117 28.09 -37.79 25.22
CA VAL D 117 26.68 -37.56 25.42
C VAL D 117 25.91 -37.25 24.11
N ARG D 118 26.62 -36.77 23.09
CA ARG D 118 25.97 -36.45 21.81
C ARG D 118 26.37 -37.43 20.69
N ALA D 119 27.30 -38.33 20.99
CA ALA D 119 27.77 -39.30 20.00
C ALA D 119 27.11 -40.69 20.17
N ARG D 120 26.44 -40.87 21.31
CA ARG D 120 25.75 -42.12 21.59
C ARG D 120 24.25 -41.85 21.81
N HIS D 121 23.43 -42.66 21.13
CA HIS D 121 21.96 -42.60 21.26
C HIS D 121 21.48 -42.80 22.70
N GLY D 122 20.67 -41.88 23.18
CA GLY D 122 20.18 -41.93 24.55
C GLY D 122 20.89 -40.86 25.36
N GLY D 123 22.10 -40.51 24.93
CA GLY D 123 22.88 -39.48 25.56
C GLY D 123 23.41 -39.85 26.91
N GLU D 124 23.08 -39.05 27.92
CA GLU D 124 23.53 -39.27 29.28
C GLU D 124 23.09 -40.62 29.80
N ASP D 125 21.82 -40.94 29.58
CA ASP D 125 21.24 -42.16 30.11
C ASP D 125 21.93 -43.42 29.65
N TYR D 126 22.44 -43.42 28.42
CA TYR D 126 23.16 -44.59 27.91
C TYR D 126 24.49 -44.73 28.61
N VAL D 127 25.13 -43.60 28.92
CA VAL D 127 26.38 -43.64 29.65
C VAL D 127 26.08 -43.88 31.11
N PHE D 128 25.01 -43.26 31.63
CA PHE D 128 24.62 -43.54 33.00
C PHE D 128 24.31 -45.01 33.16
N SER D 129 23.45 -45.54 32.28
CA SER D 129 23.10 -46.95 32.34
C SER D 129 24.28 -47.88 32.08
N LEU D 130 25.13 -47.54 31.09
CA LEU D 130 26.32 -48.37 30.77
C LEU D 130 27.30 -48.48 31.96
N LEU D 131 27.40 -47.42 32.76
CA LEU D 131 28.25 -47.43 33.93
C LEU D 131 27.59 -48.17 35.11
N THR D 132 26.41 -47.70 35.54
CA THR D 132 25.70 -48.35 36.64
C THR D 132 24.95 -49.60 36.20
N GLY D 133 25.07 -49.96 34.94
CA GLY D 133 24.38 -51.14 34.43
C GLY D 133 25.10 -52.39 34.82
N TYR D 134 26.36 -52.50 34.40
CA TYR D 134 27.21 -53.65 34.68
C TYR D 134 26.56 -54.84 35.37
N CYS D 135 26.23 -55.86 34.61
CA CYS D 135 25.64 -57.06 35.18
C CYS D 135 26.43 -58.33 34.81
N GLU D 136 25.89 -59.48 35.19
CA GLU D 136 26.57 -60.77 35.02
C GLU D 136 25.95 -61.64 33.90
N PRO D 137 26.82 -62.28 33.11
CA PRO D 137 26.39 -63.09 31.95
C PRO D 137 25.59 -64.31 32.33
N PRO D 138 24.39 -64.45 31.78
CA PRO D 138 23.56 -65.63 32.05
C PRO D 138 24.02 -66.80 31.18
N THR D 139 23.17 -67.81 31.02
CA THR D 139 23.50 -69.01 30.24
C THR D 139 23.92 -68.74 28.78
N GLY D 140 24.00 -69.78 27.97
CA GLY D 140 24.51 -69.63 26.61
C GLY D 140 25.81 -68.91 26.85
N VAL D 141 25.95 -67.73 26.31
CA VAL D 141 27.10 -66.88 26.63
C VAL D 141 28.50 -67.46 26.40
N SER D 142 29.49 -66.62 26.64
CA SER D 142 30.90 -66.96 26.54
C SER D 142 31.64 -65.78 27.15
N LEU D 143 32.58 -65.23 26.39
CA LEU D 143 33.47 -64.11 26.73
C LEU D 143 34.83 -64.61 26.27
N ARG D 144 35.73 -63.71 25.92
CA ARG D 144 37.06 -64.13 25.55
C ARG D 144 37.89 -64.12 26.81
N GLU D 145 38.57 -63.01 27.05
CA GLU D 145 39.38 -62.84 28.25
C GLU D 145 38.47 -62.14 29.26
N GLY D 146 38.73 -60.86 29.47
CA GLY D 146 37.89 -60.03 30.31
C GLY D 146 37.10 -59.07 29.43
N LEU D 147 36.45 -59.60 28.39
CA LEU D 147 35.58 -58.77 27.58
C LEU D 147 34.28 -58.65 28.38
N TYR D 148 34.36 -57.95 29.51
CA TYR D 148 33.25 -57.82 30.48
C TYR D 148 31.82 -57.82 29.94
N PHE D 149 30.85 -58.02 30.83
CA PHE D 149 29.46 -58.07 30.42
C PHE D 149 28.71 -56.78 30.71
N ASN D 150 27.90 -56.39 29.73
CA ASN D 150 27.09 -55.20 29.84
C ASN D 150 25.93 -55.34 28.89
N PRO D 151 24.71 -55.21 29.42
CA PRO D 151 23.49 -55.31 28.61
C PRO D 151 23.28 -54.04 27.76
N TYR D 152 23.40 -52.89 28.39
CA TYR D 152 23.32 -51.64 27.69
C TYR D 152 24.60 -51.48 26.87
N PHE D 153 24.76 -52.31 25.85
CA PHE D 153 25.93 -52.27 24.97
C PHE D 153 25.68 -53.10 23.73
N PRO D 154 26.05 -52.56 22.58
CA PRO D 154 25.92 -53.26 21.30
C PRO D 154 26.67 -54.58 21.28
N GLY D 155 25.95 -55.70 21.33
CA GLY D 155 26.57 -57.01 21.29
C GLY D 155 26.84 -57.58 22.66
N GLN D 156 26.81 -56.73 23.68
CA GLN D 156 27.06 -57.10 25.06
C GLN D 156 28.53 -57.41 25.43
N ALA D 157 29.39 -57.49 24.42
CA ALA D 157 30.82 -57.80 24.63
C ALA D 157 31.80 -56.59 24.60
N ILE D 158 31.79 -55.78 25.67
CA ILE D 158 32.68 -54.62 25.80
C ILE D 158 34.13 -55.06 26.09
N GLY D 159 35.06 -54.11 26.11
CA GLY D 159 36.45 -54.39 26.45
C GLY D 159 36.86 -53.51 27.62
N MET D 160 35.88 -52.75 28.12
CA MET D 160 36.07 -51.79 29.19
C MET D 160 35.81 -52.37 30.60
N ALA D 161 36.82 -52.28 31.48
CA ALA D 161 36.68 -52.75 32.86
C ALA D 161 35.74 -51.80 33.57
N PRO D 162 34.91 -52.31 34.48
CA PRO D 162 33.92 -51.49 35.20
C PRO D 162 34.50 -50.62 36.33
N PRO D 163 35.12 -49.47 36.03
CA PRO D 163 35.77 -48.67 37.08
C PRO D 163 34.77 -47.76 37.74
N ILE D 164 33.74 -48.35 38.32
CA ILE D 164 32.71 -47.60 38.96
C ILE D 164 32.91 -47.54 40.49
N TYR D 165 32.46 -48.58 41.19
CA TYR D 165 32.46 -48.60 42.67
C TYR D 165 33.77 -48.34 43.44
N ASN D 166 34.94 -48.55 42.83
CA ASN D 166 36.20 -48.18 43.49
C ASN D 166 35.96 -46.77 44.06
N GLU D 167 35.43 -46.70 45.30
CA GLU D 167 35.09 -45.43 45.94
C GLU D 167 36.27 -44.47 46.11
N VAL D 168 36.46 -43.59 45.13
CA VAL D 168 37.48 -42.55 45.23
C VAL D 168 36.72 -41.32 45.68
N LEU D 169 37.40 -40.33 46.24
CA LEU D 169 36.69 -39.19 46.80
C LEU D 169 37.45 -37.88 46.74
N GLU D 170 36.74 -36.84 47.18
CA GLU D 170 37.21 -35.45 47.34
C GLU D 170 36.02 -34.55 47.12
N PHE D 171 34.84 -35.13 47.37
CA PHE D 171 33.60 -34.41 47.23
C PHE D 171 33.54 -33.40 48.38
N ASP D 172 34.29 -32.31 48.22
CA ASP D 172 34.40 -31.24 49.23
C ASP D 172 33.07 -30.92 49.91
N ASP D 173 33.16 -30.64 51.22
CA ASP D 173 32.02 -30.33 52.07
C ASP D 173 31.34 -31.61 52.60
N GLY D 174 31.30 -32.65 51.76
CA GLY D 174 30.77 -33.94 52.17
C GLY D 174 29.77 -34.55 51.21
N THR D 175 30.23 -35.51 50.41
CA THR D 175 29.33 -36.22 49.49
C THR D 175 29.73 -37.71 49.36
N PRO D 176 28.81 -38.61 49.74
CA PRO D 176 29.04 -40.06 49.64
C PRO D 176 29.34 -40.52 48.22
N ALA D 177 30.53 -41.04 47.99
CA ALA D 177 30.90 -41.52 46.66
C ALA D 177 30.41 -42.96 46.40
N THR D 178 29.09 -43.12 46.35
CA THR D 178 28.49 -44.42 46.02
C THR D 178 28.53 -44.57 44.52
N MET D 179 28.32 -45.79 44.03
CA MET D 179 28.36 -46.04 42.61
C MET D 179 27.47 -45.07 41.87
N SER D 180 26.19 -45.05 42.23
CA SER D 180 25.20 -44.19 41.58
C SER D 180 25.45 -42.69 41.66
N GLN D 181 25.92 -42.23 42.82
CA GLN D 181 26.24 -40.82 43.00
C GLN D 181 27.40 -40.48 42.11
N VAL D 182 28.35 -41.42 41.99
CA VAL D 182 29.51 -41.22 41.13
C VAL D 182 29.15 -41.20 39.63
N ALA D 183 28.16 -42.00 39.22
CA ALA D 183 27.76 -42.08 37.80
C ALA D 183 26.97 -40.84 37.32
N LYS D 184 26.06 -40.35 38.17
CA LYS D 184 25.26 -39.16 37.85
C LYS D 184 26.19 -37.99 37.59
N ASP D 185 27.15 -37.82 38.49
CA ASP D 185 28.11 -36.74 38.41
C ASP D 185 29.02 -36.76 37.17
N VAL D 186 29.52 -37.94 36.76
CA VAL D 186 30.35 -38.06 35.54
C VAL D 186 29.52 -37.64 34.35
N CYS D 187 28.33 -38.20 34.28
CA CYS D 187 27.44 -37.90 33.20
C CYS D 187 27.14 -36.44 33.20
N THR D 188 26.73 -35.89 34.34
CA THR D 188 26.38 -34.48 34.42
C THR D 188 27.49 -33.61 33.91
N PHE D 189 28.73 -33.96 34.27
CA PHE D 189 29.90 -33.27 33.75
C PHE D 189 30.04 -33.55 32.25
N LEU D 190 29.85 -34.81 31.85
CA LEU D 190 29.98 -35.20 30.44
C LEU D 190 28.96 -34.49 29.54
N ARG D 191 27.78 -34.20 30.08
CA ARG D 191 26.79 -33.44 29.36
C ARG D 191 27.45 -32.11 29.05
N TRP D 192 27.90 -31.42 30.11
CA TRP D 192 28.57 -30.12 29.97
C TRP D 192 29.86 -30.15 29.12
N ALA D 193 30.55 -31.29 29.07
CA ALA D 193 31.76 -31.40 28.26
C ALA D 193 31.41 -31.53 26.77
N ALA D 194 30.14 -31.74 26.46
CA ALA D 194 29.69 -31.90 25.09
C ALA D 194 28.95 -30.68 24.60
N GLU D 195 28.13 -30.13 25.48
CA GLU D 195 27.32 -28.96 25.16
C GLU D 195 27.49 -27.91 26.26
N PRO D 196 28.62 -27.21 26.26
CA PRO D 196 28.90 -26.16 27.25
C PRO D 196 27.86 -25.04 27.21
N GLU D 197 27.47 -24.65 25.99
CA GLU D 197 26.51 -23.59 25.73
C GLU D 197 25.16 -23.89 26.34
N HIS D 198 24.96 -25.17 26.68
CA HIS D 198 23.73 -25.72 27.23
C HIS D 198 22.83 -24.79 28.02
N ASP D 199 23.34 -24.16 29.07
CA ASP D 199 22.51 -23.30 29.89
C ASP D 199 22.13 -21.97 29.24
N HIS D 200 23.05 -21.37 28.50
CA HIS D 200 22.81 -20.07 27.85
C HIS D 200 21.76 -20.27 26.77
N ARG D 201 21.99 -21.31 26.00
CA ARG D 201 21.10 -21.77 24.99
C ARG D 201 19.66 -21.68 25.50
N LYS D 202 19.36 -22.39 26.58
CA LYS D 202 18.02 -22.39 27.15
C LYS D 202 17.59 -21.07 27.81
N ARG D 203 18.55 -20.28 28.26
CA ARG D 203 18.24 -18.98 28.82
C ARG D 203 17.68 -18.09 27.69
N MET D 204 18.34 -18.16 26.54
CA MET D 204 17.92 -17.43 25.37
C MET D 204 16.62 -17.98 24.91
N GLY D 205 16.55 -19.30 24.86
CA GLY D 205 15.32 -19.99 24.48
C GLY D 205 14.12 -19.45 25.25
N LEU D 206 14.30 -19.15 26.53
CA LEU D 206 13.23 -18.56 27.34
C LEU D 206 12.82 -17.20 26.77
N LYS D 207 13.82 -16.35 26.53
CA LYS D 207 13.58 -15.04 25.95
C LYS D 207 12.92 -15.18 24.57
N MET D 208 13.39 -16.13 23.77
CA MET D 208 12.84 -16.41 22.45
C MET D 208 11.36 -16.72 22.55
N LEU D 209 10.97 -17.53 23.53
CA LEU D 209 9.56 -17.82 23.73
C LEU D 209 8.86 -16.60 24.26
N LEU D 210 9.45 -15.96 25.24
CA LEU D 210 8.88 -14.77 25.86
C LEU D 210 8.72 -13.61 24.83
N MET D 211 9.71 -13.46 23.93
CA MET D 211 9.66 -12.43 22.90
C MET D 211 8.62 -12.71 21.88
N MET D 212 8.65 -13.91 21.32
CA MET D 212 7.69 -14.33 20.32
C MET D 212 6.27 -14.25 20.92
N GLY D 213 6.18 -14.40 22.24
CA GLY D 213 4.90 -14.35 22.95
C GLY D 213 4.25 -12.98 22.92
N LEU D 214 5.05 -11.94 22.70
CA LEU D 214 4.55 -10.57 22.55
C LEU D 214 4.43 -10.26 21.03
N LEU D 215 5.45 -10.67 20.26
CA LEU D 215 5.53 -10.42 18.81
C LEU D 215 4.53 -11.14 17.91
N LEU D 216 4.45 -12.46 18.03
CA LEU D 216 3.51 -13.21 17.22
C LEU D 216 2.11 -12.61 17.25
N PRO D 217 1.51 -12.43 18.43
CA PRO D 217 0.21 -11.77 18.47
C PRO D 217 0.27 -10.39 17.81
N LEU D 218 1.22 -9.56 18.21
CA LEU D 218 1.34 -8.20 17.63
C LEU D 218 1.48 -8.15 16.08
N VAL D 219 2.54 -8.75 15.52
CA VAL D 219 2.74 -8.79 14.07
C VAL D 219 1.58 -9.47 13.36
N TYR D 220 0.68 -10.06 14.12
CA TYR D 220 -0.48 -10.73 13.57
C TYR D 220 -1.63 -9.74 13.61
N ALA D 221 -1.74 -8.98 14.68
CA ALA D 221 -2.80 -7.97 14.78
C ALA D 221 -2.58 -6.88 13.73
N MET D 222 -1.32 -6.69 13.34
CA MET D 222 -0.92 -5.71 12.33
C MET D 222 -1.43 -6.11 10.95
N LYS D 223 -1.23 -7.38 10.62
CA LYS D 223 -1.68 -7.92 9.36
C LYS D 223 -3.20 -7.91 9.31
N ARG D 224 -3.87 -8.14 10.46
CA ARG D 224 -5.33 -8.09 10.45
C ARG D 224 -5.81 -6.72 10.03
N HIS D 225 -5.36 -5.70 10.75
CA HIS D 225 -5.65 -4.29 10.46
C HIS D 225 -5.69 -4.05 8.95
N LYS D 226 -4.56 -4.31 8.32
CA LYS D 226 -4.47 -4.07 6.90
C LYS D 226 -5.39 -4.94 6.04
N TRP D 227 -5.61 -6.17 6.42
CA TRP D 227 -6.48 -6.99 5.64
C TRP D 227 -7.95 -6.75 5.97
N SER D 228 -8.25 -6.02 7.04
CA SER D 228 -9.65 -5.85 7.47
C SER D 228 -10.46 -5.12 6.42
N VAL D 229 -9.77 -4.27 5.65
CA VAL D 229 -10.36 -3.53 4.54
C VAL D 229 -10.88 -4.52 3.55
N LEU D 230 -10.06 -5.52 3.25
CA LEU D 230 -10.49 -6.59 2.36
C LEU D 230 -11.48 -7.51 3.04
N LYS D 231 -11.25 -7.90 4.28
CA LYS D 231 -12.16 -8.87 4.89
C LYS D 231 -13.64 -8.46 5.01
N SER D 232 -13.91 -7.18 5.26
CA SER D 232 -15.32 -6.78 5.39
C SER D 232 -15.86 -6.08 4.15
N ARG D 233 -15.14 -6.19 3.04
CA ARG D 233 -15.56 -5.51 1.83
C ARG D 233 -16.85 -6.06 1.33
N LYS D 234 -17.71 -5.17 0.84
CA LYS D 234 -18.99 -5.62 0.31
C LYS D 234 -19.17 -5.49 -1.22
N LEU D 235 -19.54 -6.57 -1.87
CA LEU D 235 -19.78 -6.52 -3.29
C LEU D 235 -21.26 -6.37 -3.58
N ALA D 236 -21.56 -5.68 -4.70
CA ALA D 236 -22.92 -5.61 -5.27
C ALA D 236 -22.74 -5.69 -6.77
N TYR D 237 -23.58 -6.46 -7.44
CA TYR D 237 -23.53 -6.55 -8.90
C TYR D 237 -24.74 -5.86 -9.47
N ARG D 238 -24.55 -4.81 -10.22
CA ARG D 238 -25.70 -4.09 -10.75
C ARG D 238 -25.73 -3.95 -12.26
N PRO D 239 -26.15 -4.99 -12.97
CA PRO D 239 -26.14 -5.00 -14.44
C PRO D 239 -27.21 -4.11 -14.93
N PRO D 240 -27.13 -3.64 -16.18
CA PRO D 240 -28.18 -2.82 -16.78
C PRO D 240 -29.49 -3.59 -16.91
N LYS D 241 -30.62 -2.91 -16.68
CA LYS D 241 -32.01 -3.46 -16.76
C LYS D 241 -32.33 -4.55 -15.65
N SER E 1 -31.79 6.61 -10.11
CA SER E 1 -31.58 5.12 -9.97
C SER E 1 -30.29 4.76 -9.27
N HIS E 2 -29.26 5.58 -9.45
CA HIS E 2 -28.03 5.33 -8.70
C HIS E 2 -28.30 5.82 -7.26
N THR E 3 -29.47 6.43 -7.07
CA THR E 3 -29.87 6.90 -5.76
C THR E 3 -30.59 5.80 -4.95
N ASP E 4 -30.58 4.59 -5.49
CA ASP E 4 -31.11 3.43 -4.82
C ASP E 4 -29.92 2.83 -4.05
N ILE E 5 -28.71 3.31 -4.36
CA ILE E 5 -27.49 2.73 -3.81
C ILE E 5 -27.17 3.23 -2.41
N LYS E 6 -27.61 2.46 -1.41
CA LYS E 6 -27.26 2.75 -0.03
C LYS E 6 -26.04 1.90 0.28
N VAL E 7 -25.17 2.40 1.16
CA VAL E 7 -24.00 1.64 1.58
C VAL E 7 -24.44 0.63 2.63
N PRO E 8 -24.11 -0.65 2.42
CA PRO E 8 -24.53 -1.74 3.32
C PRO E 8 -24.10 -1.49 4.77
N ASP E 9 -24.94 -1.88 5.73
CA ASP E 9 -24.61 -1.69 7.14
C ASP E 9 -23.36 -2.44 7.66
N PHE E 10 -22.54 -1.76 8.48
CA PHE E 10 -21.28 -2.29 8.98
C PHE E 10 -21.20 -2.48 10.48
N SER E 11 -22.27 -2.16 11.20
CA SER E 11 -22.26 -2.24 12.65
C SER E 11 -21.55 -3.51 13.12
N ASP E 12 -21.59 -4.51 12.27
CA ASP E 12 -21.04 -5.82 12.53
C ASP E 12 -19.54 -5.88 12.55
N TYR E 13 -18.88 -4.78 12.25
CA TYR E 13 -17.43 -4.77 12.14
C TYR E 13 -16.84 -3.58 12.79
N ARG E 14 -17.67 -2.58 13.04
CA ARG E 14 -17.24 -1.32 13.62
C ARG E 14 -16.66 -1.37 15.01
N ARG E 15 -15.62 -0.57 15.25
CA ARG E 15 -15.08 -0.39 16.57
C ARG E 15 -16.21 0.25 17.37
N PRO E 16 -16.28 -0.04 18.67
CA PRO E 16 -17.41 0.42 19.51
C PRO E 16 -17.58 1.93 19.66
N GLU E 17 -16.50 2.69 19.50
CA GLU E 17 -16.61 4.14 19.67
C GLU E 17 -17.26 4.77 18.46
N VAL E 18 -17.51 3.92 17.48
CA VAL E 18 -18.00 4.33 16.16
C VAL E 18 -19.38 3.72 15.78
N LEU E 19 -20.09 3.15 16.72
CA LEU E 19 -21.39 2.54 16.42
C LEU E 19 -22.53 3.53 16.25
N ASP E 20 -22.42 4.66 16.90
CA ASP E 20 -23.47 5.66 16.87
C ASP E 20 -23.44 6.56 15.63
N SER E 21 -24.55 6.56 14.89
CA SER E 21 -24.71 7.41 13.70
C SER E 21 -24.84 8.88 14.09
N THR E 22 -25.11 9.10 15.35
CA THR E 22 -25.31 10.44 15.85
C THR E 22 -24.07 11.00 16.53
N LYS E 23 -23.04 10.16 16.65
CA LYS E 23 -21.79 10.59 17.28
C LYS E 23 -20.67 10.86 16.28
N SER E 24 -20.05 12.03 16.41
CA SER E 24 -18.93 12.39 15.60
C SER E 24 -17.81 11.45 15.85
N SER E 25 -17.17 10.99 14.78
CA SER E 25 -16.07 10.06 14.91
C SER E 25 -14.75 10.77 15.23
N LYS E 26 -14.74 12.10 15.13
CA LYS E 26 -13.54 12.87 15.45
C LYS E 26 -13.14 12.70 16.93
N GLU E 27 -14.12 12.39 17.78
CA GLU E 27 -13.86 12.22 19.21
C GLU E 27 -12.98 11.02 19.47
N SER E 28 -13.28 9.91 18.79
CA SER E 28 -12.51 8.68 18.97
C SER E 28 -11.40 8.54 17.94
N SER E 29 -11.20 9.59 17.15
CA SER E 29 -10.19 9.60 16.09
C SER E 29 -8.83 9.33 16.66
N GLU E 30 -8.50 10.06 17.71
CA GLU E 30 -7.22 9.97 18.36
C GLU E 30 -7.04 8.60 19.02
N ALA E 31 -8.04 8.22 19.81
CA ALA E 31 -8.00 6.96 20.53
C ALA E 31 -7.82 5.76 19.61
N ARG E 32 -8.58 5.74 18.54
CA ARG E 32 -8.53 4.62 17.62
C ARG E 32 -7.19 4.50 16.91
N LYS E 33 -6.70 5.59 16.34
CA LYS E 33 -5.39 5.59 15.67
C LYS E 33 -4.28 5.28 16.69
N GLY E 34 -4.39 5.91 17.86
CA GLY E 34 -3.43 5.72 18.91
C GLY E 34 -3.18 4.26 19.16
N PHE E 35 -4.26 3.52 19.38
CA PHE E 35 -4.19 2.10 19.67
C PHE E 35 -3.40 1.29 18.64
N SER E 36 -3.81 1.39 17.37
CA SER E 36 -3.16 0.63 16.28
C SER E 36 -1.69 1.03 16.08
N TYR E 37 -1.40 2.31 16.26
CA TYR E 37 -0.03 2.78 16.18
C TYR E 37 0.78 2.28 17.40
N LEU E 38 0.16 2.31 18.59
CA LEU E 38 0.81 1.76 19.76
C LEU E 38 1.17 0.28 19.46
N VAL E 39 0.22 -0.44 18.87
CA VAL E 39 0.42 -1.84 18.46
C VAL E 39 1.68 -1.99 17.61
N THR E 40 1.83 -1.18 16.58
CA THR E 40 3.03 -1.27 15.75
C THR E 40 4.29 -0.71 16.44
N ALA E 41 4.12 0.35 17.25
CA ALA E 41 5.27 0.91 18.00
C ALA E 41 5.89 -0.20 18.87
N THR E 42 5.05 -0.83 19.69
CA THR E 42 5.46 -1.95 20.54
C THR E 42 6.14 -3.00 19.67
N THR E 43 5.43 -3.47 18.64
CA THR E 43 5.97 -4.45 17.67
C THR E 43 7.39 -4.13 17.25
N THR E 44 7.57 -2.95 16.71
CA THR E 44 8.86 -2.55 16.23
C THR E 44 9.85 -2.47 17.40
N VAL E 45 9.39 -2.04 18.57
CA VAL E 45 10.26 -2.05 19.76
C VAL E 45 10.74 -3.50 20.00
N GLY E 46 9.83 -4.45 19.79
CA GLY E 46 10.14 -5.88 19.92
C GLY E 46 11.19 -6.36 18.91
N VAL E 47 11.00 -6.04 17.63
CA VAL E 47 12.01 -6.40 16.61
C VAL E 47 13.34 -5.73 16.95
N ALA E 48 13.28 -4.48 17.38
CA ALA E 48 14.46 -3.71 17.76
C ALA E 48 15.33 -4.52 18.72
N TYR E 49 14.71 -4.96 19.82
CA TYR E 49 15.42 -5.75 20.81
C TYR E 49 16.08 -6.95 20.18
N ALA E 50 15.32 -7.68 19.37
CA ALA E 50 15.83 -8.89 18.73
C ALA E 50 16.88 -8.62 17.65
N ALA E 51 16.75 -7.50 16.95
CA ALA E 51 17.68 -7.18 15.89
C ALA E 51 19.00 -6.82 16.54
N LYS E 52 18.92 -6.06 17.62
CA LYS E 52 20.10 -5.71 18.35
C LYS E 52 20.89 -7.00 18.58
N ASN E 53 20.31 -7.86 19.43
CA ASN E 53 20.93 -9.09 19.87
C ASN E 53 21.55 -9.98 18.82
N VAL E 54 20.77 -10.43 17.85
CA VAL E 54 21.32 -11.29 16.80
C VAL E 54 22.48 -10.60 16.06
N VAL E 55 22.31 -9.32 15.75
CA VAL E 55 23.35 -8.57 15.08
C VAL E 55 24.62 -8.48 15.98
N SER E 56 24.42 -8.15 17.26
CA SER E 56 25.52 -8.10 18.24
C SER E 56 26.28 -9.44 18.28
N GLN E 57 25.54 -10.52 18.53
CA GLN E 57 26.11 -11.84 18.56
C GLN E 57 26.94 -12.14 17.32
N PHE E 58 26.43 -11.76 16.15
CA PHE E 58 27.16 -11.92 14.89
C PHE E 58 28.40 -11.04 14.83
N VAL E 59 28.29 -9.83 15.35
CA VAL E 59 29.42 -8.89 15.42
C VAL E 59 30.53 -9.53 16.26
N SER E 60 30.16 -9.96 17.47
CA SER E 60 31.10 -10.53 18.42
C SER E 60 31.81 -11.84 17.99
N SER E 61 31.27 -12.54 16.99
CA SER E 61 31.90 -13.78 16.54
C SER E 61 33.18 -13.57 15.72
N MET E 62 33.57 -12.32 15.52
CA MET E 62 34.79 -12.03 14.76
C MET E 62 35.78 -11.35 15.69
N SER E 63 35.24 -10.79 16.76
CA SER E 63 35.93 -9.95 17.72
C SER E 63 37.30 -10.44 18.25
N ALA E 64 37.33 -11.70 18.71
CA ALA E 64 38.53 -12.29 19.29
C ALA E 64 38.07 -13.57 19.93
N SER E 65 38.40 -14.68 19.29
CA SER E 65 38.04 -16.02 19.73
C SER E 65 38.55 -16.27 21.15
N ALA E 66 37.65 -16.57 22.11
CA ALA E 66 38.05 -16.82 23.51
C ALA E 66 39.36 -17.60 23.70
N ASP E 67 39.77 -18.34 22.67
CA ASP E 67 41.03 -19.10 22.69
C ASP E 67 42.31 -18.23 22.43
N VAL E 68 42.22 -17.28 21.49
CA VAL E 68 43.35 -16.42 21.10
C VAL E 68 43.77 -15.36 22.19
N LEU E 69 43.41 -15.61 23.45
CA LEU E 69 43.71 -14.64 24.50
C LEU E 69 44.91 -14.96 25.41
N ALA E 70 45.70 -15.96 25.03
CA ALA E 70 46.86 -16.38 25.80
C ALA E 70 48.02 -15.34 25.84
N MET E 71 48.99 -15.60 26.76
CA MET E 71 50.30 -14.84 26.94
C MET E 71 50.47 -13.76 28.06
N SER E 72 51.33 -14.06 29.06
CA SER E 72 51.48 -13.18 30.23
C SER E 72 52.89 -12.65 30.63
N LYS E 73 53.70 -13.48 31.33
CA LYS E 73 55.02 -13.06 31.83
C LYS E 73 56.20 -13.88 31.29
N ILE E 74 57.27 -13.18 30.87
CA ILE E 74 58.48 -13.83 30.35
C ILE E 74 59.72 -13.39 31.13
N GLU E 75 60.65 -14.32 31.36
CA GLU E 75 61.85 -14.02 32.14
C GLU E 75 63.14 -14.12 31.31
N ILE E 76 63.87 -13.01 31.25
CA ILE E 76 65.06 -12.87 30.41
C ILE E 76 66.37 -12.69 31.19
N LYS E 77 67.38 -13.48 30.84
CA LYS E 77 68.69 -13.38 31.49
C LYS E 77 69.50 -12.24 30.84
N LEU E 78 69.78 -11.20 31.64
CA LEU E 78 70.49 -10.00 31.16
C LEU E 78 71.95 -10.22 30.74
N SER E 79 72.66 -11.13 31.41
CA SER E 79 74.07 -11.42 31.08
C SER E 79 74.29 -12.05 29.69
N ASP E 80 73.19 -12.45 29.03
CA ASP E 80 73.23 -13.04 27.69
C ASP E 80 73.21 -11.97 26.59
N ILE E 81 72.83 -10.75 26.97
CA ILE E 81 72.76 -9.62 26.05
C ILE E 81 73.95 -8.67 26.36
N PRO E 82 75.03 -8.76 25.58
CA PRO E 82 76.23 -7.93 25.80
C PRO E 82 75.98 -6.44 25.48
N GLU E 83 76.90 -5.57 25.88
CA GLU E 83 76.79 -4.12 25.60
C GLU E 83 76.64 -3.77 24.11
N GLY E 84 75.64 -2.96 23.78
CA GLY E 84 75.43 -2.50 22.41
C GLY E 84 74.47 -3.29 21.52
N LYS E 85 73.98 -4.43 22.00
CA LYS E 85 73.08 -5.29 21.20
C LYS E 85 71.61 -5.23 21.61
N ASN E 86 70.72 -5.26 20.62
CA ASN E 86 69.28 -5.28 20.84
C ASN E 86 68.78 -6.72 20.69
N MET E 87 68.31 -7.31 21.78
CA MET E 87 67.81 -8.69 21.73
C MET E 87 66.28 -8.72 21.71
N ALA E 88 65.73 -9.41 20.71
CA ALA E 88 64.29 -9.53 20.55
C ALA E 88 63.78 -10.92 20.95
N PHE E 89 62.67 -10.95 21.68
CA PHE E 89 62.03 -12.20 22.11
C PHE E 89 60.58 -12.12 21.63
N LYS E 90 59.80 -13.18 21.86
CA LYS E 90 58.38 -13.15 21.51
C LYS E 90 57.55 -13.04 22.79
N TRP E 91 56.67 -12.03 22.85
CA TRP E 91 55.85 -11.79 24.05
C TRP E 91 54.45 -11.26 23.70
N ARG E 92 53.43 -12.03 24.07
CA ARG E 92 52.04 -11.71 23.78
C ARG E 92 51.78 -11.68 22.28
N GLY E 93 52.48 -12.56 21.55
CA GLY E 93 52.38 -12.64 20.10
C GLY E 93 53.08 -11.51 19.36
N LYS E 94 53.76 -10.63 20.10
CA LYS E 94 54.44 -9.46 19.52
C LYS E 94 55.92 -9.42 19.92
N PRO E 95 56.75 -8.76 19.10
CA PRO E 95 58.18 -8.60 19.40
C PRO E 95 58.44 -7.74 20.65
N LEU E 96 59.34 -8.21 21.51
CA LEU E 96 59.73 -7.50 22.73
C LEU E 96 61.23 -7.27 22.66
N PHE E 97 61.64 -6.02 22.74
CA PHE E 97 63.06 -5.69 22.66
C PHE E 97 63.65 -5.45 24.05
N VAL E 98 64.77 -6.11 24.35
CA VAL E 98 65.52 -5.87 25.58
C VAL E 98 66.94 -5.46 25.13
N ARG E 99 67.29 -4.19 25.38
CA ARG E 99 68.54 -3.63 24.85
C ARG E 99 69.55 -3.13 25.88
N HIS E 100 70.80 -3.60 25.75
CA HIS E 100 71.88 -3.18 26.62
C HIS E 100 72.51 -1.93 26.00
N ARG E 101 72.26 -0.78 26.61
CA ARG E 101 72.81 0.47 26.11
C ARG E 101 74.19 0.74 26.71
N THR E 102 75.08 1.31 25.91
CA THR E 102 76.43 1.61 26.37
C THR E 102 76.42 2.94 27.10
N LYS E 103 77.51 3.25 27.81
CA LYS E 103 77.62 4.52 28.53
C LYS E 103 77.34 5.71 27.58
N LYS E 104 77.84 5.62 26.34
CA LYS E 104 77.64 6.65 25.33
C LYS E 104 76.17 6.90 24.97
N GLU E 105 75.40 5.82 24.79
CA GLU E 105 73.98 5.93 24.46
C GLU E 105 73.15 6.57 25.59
N ILE E 106 73.43 6.20 26.84
CA ILE E 106 72.73 6.77 28.00
C ILE E 106 72.87 8.29 28.04
N ASP E 107 74.10 8.77 27.86
CA ASP E 107 74.41 10.20 27.87
C ASP E 107 73.74 10.95 26.71
N GLN E 108 73.69 10.32 25.55
CA GLN E 108 73.07 10.90 24.34
C GLN E 108 71.55 11.15 24.52
N GLU E 109 70.86 10.20 25.16
CA GLU E 109 69.43 10.33 25.41
C GLU E 109 69.11 11.39 26.48
N ALA E 110 70.01 11.53 27.45
CA ALA E 110 69.86 12.52 28.51
C ALA E 110 70.10 13.93 27.99
N ALA E 111 70.82 14.06 26.87
CA ALA E 111 71.13 15.36 26.29
C ALA E 111 70.05 15.89 25.33
N VAL E 112 69.11 15.04 24.94
CA VAL E 112 68.03 15.40 24.00
C VAL E 112 67.08 16.51 24.52
N GLU E 113 66.80 17.50 23.67
CA GLU E 113 65.90 18.63 24.03
C GLU E 113 64.44 18.15 24.13
N VAL E 114 63.99 17.88 25.36
CA VAL E 114 62.65 17.34 25.64
C VAL E 114 61.42 18.09 25.11
N SER E 115 61.39 19.42 25.26
CA SER E 115 60.23 20.20 24.80
C SER E 115 60.03 20.19 23.27
N GLN E 116 61.05 19.76 22.53
CA GLN E 116 60.97 19.66 21.07
C GLN E 116 60.35 18.34 20.58
N LEU E 117 60.12 17.42 21.51
CA LEU E 117 59.57 16.10 21.18
C LEU E 117 58.07 16.10 20.91
N ARG E 118 57.66 15.23 19.99
CA ARG E 118 56.24 15.05 19.63
C ARG E 118 55.46 14.45 20.81
N ASP E 119 56.11 13.50 21.51
CA ASP E 119 55.58 12.89 22.74
C ASP E 119 56.65 13.13 23.81
N PRO E 120 56.56 14.28 24.50
CA PRO E 120 57.54 14.67 25.54
C PRO E 120 57.71 13.67 26.68
N GLN E 121 58.92 13.12 26.82
CA GLN E 121 59.27 12.18 27.91
C GLN E 121 60.79 12.15 28.09
N HIS E 122 61.25 12.22 29.34
CA HIS E 122 62.68 12.13 29.62
C HIS E 122 63.08 10.66 29.54
N ASP E 123 64.30 10.39 29.09
CA ASP E 123 64.77 9.01 28.97
C ASP E 123 64.74 8.26 30.30
N LEU E 124 65.11 8.95 31.38
CA LEU E 124 65.15 8.36 32.72
C LEU E 124 63.76 8.01 33.29
N GLU E 125 62.69 8.37 32.57
CA GLU E 125 61.34 8.02 33.01
C GLU E 125 60.78 6.93 32.09
N ARG E 126 61.66 6.44 31.22
CA ARG E 126 61.30 5.39 30.26
C ARG E 126 62.09 4.10 30.54
N VAL E 127 63.03 4.18 31.47
CA VAL E 127 63.83 3.03 31.88
C VAL E 127 63.94 2.99 33.40
N LYS E 128 64.27 1.81 33.96
CA LYS E 128 64.47 1.69 35.41
C LYS E 128 65.97 1.72 35.71
N LYS E 129 66.74 1.00 34.89
CA LYS E 129 68.20 1.04 34.95
C LYS E 129 68.66 1.67 33.62
N PRO E 130 69.41 2.77 33.69
CA PRO E 130 69.88 3.48 32.49
C PRO E 130 70.57 2.61 31.43
N GLU E 131 71.23 1.53 31.85
CA GLU E 131 71.89 0.64 30.89
C GLU E 131 70.92 -0.36 30.20
N TRP E 132 69.64 -0.31 30.54
CA TRP E 132 68.65 -1.23 29.95
C TRP E 132 67.38 -0.54 29.48
N VAL E 133 67.12 -0.60 28.18
CA VAL E 133 65.86 -0.09 27.63
C VAL E 133 65.05 -1.29 27.13
N ILE E 134 63.83 -1.44 27.67
CA ILE E 134 62.94 -2.55 27.26
C ILE E 134 61.71 -2.00 26.55
N LEU E 135 61.49 -2.45 25.32
CA LEU E 135 60.42 -1.91 24.52
C LEU E 135 59.60 -2.94 23.75
N ILE E 136 58.36 -2.57 23.42
CA ILE E 136 57.49 -3.39 22.60
C ILE E 136 57.90 -3.13 21.15
N GLY E 137 58.33 -4.16 20.45
CA GLY E 137 58.79 -4.03 19.08
C GLY E 137 57.69 -3.72 18.08
N VAL E 138 56.86 -2.73 18.40
CA VAL E 138 55.72 -2.35 17.57
C VAL E 138 55.69 -0.83 17.34
N CYS E 139 55.80 -0.42 16.07
CA CYS E 139 55.76 1.00 15.68
C CYS E 139 54.38 1.61 15.90
N THR E 140 54.34 2.79 16.51
CA THR E 140 53.08 3.46 16.86
C THR E 140 52.25 4.01 15.67
N HIS E 141 52.84 3.99 14.47
CA HIS E 141 52.14 4.46 13.28
C HIS E 141 51.19 3.39 12.79
N LEU E 142 51.75 2.33 12.21
CA LEU E 142 50.92 1.24 11.68
C LEU E 142 51.35 -0.18 12.09
N GLY E 143 51.98 -0.30 13.26
CA GLY E 143 52.31 -1.61 13.81
C GLY E 143 53.42 -2.44 13.20
N CYS E 144 54.25 -1.86 12.34
CA CYS E 144 55.40 -2.60 11.78
C CYS E 144 56.47 -2.81 12.84
N VAL E 145 57.51 -3.58 12.51
CA VAL E 145 58.59 -3.86 13.46
C VAL E 145 59.82 -2.98 13.22
N PRO E 146 60.11 -2.10 14.18
CA PRO E 146 61.27 -1.18 14.09
C PRO E 146 62.58 -1.94 14.10
N ILE E 147 63.50 -1.53 13.23
CA ILE E 147 64.80 -2.20 13.08
C ILE E 147 65.92 -1.62 13.95
N ALA E 148 66.57 -2.51 14.70
CA ALA E 148 67.64 -2.13 15.60
C ALA E 148 68.86 -1.53 14.92
N ASN E 149 69.37 -0.44 15.51
CA ASN E 149 70.58 0.26 15.06
C ASN E 149 70.59 0.78 13.61
N ALA E 150 69.47 1.35 13.21
CA ALA E 150 69.33 1.97 11.90
C ALA E 150 68.63 3.29 12.14
N GLY E 151 68.77 4.23 11.21
CA GLY E 151 68.14 5.53 11.38
C GLY E 151 69.11 6.62 11.78
N ASP E 152 68.59 7.85 11.83
CA ASP E 152 69.40 9.03 12.14
C ASP E 152 69.75 9.18 13.61
N PHE E 153 69.11 8.41 14.47
CA PHE E 153 69.28 8.59 15.91
C PHE E 153 69.88 7.41 16.68
N GLY E 154 70.50 6.48 15.94
CA GLY E 154 71.17 5.32 16.53
C GLY E 154 70.30 4.48 17.46
N GLY E 155 69.02 4.38 17.12
CA GLY E 155 68.09 3.60 17.92
C GLY E 155 67.33 2.63 17.05
N TYR E 156 66.26 3.10 16.43
CA TYR E 156 65.42 2.24 15.60
C TYR E 156 64.89 2.93 14.36
N TYR E 157 64.63 2.13 13.34
CA TYR E 157 64.08 2.61 12.09
C TYR E 157 62.94 1.69 11.65
N CYS E 158 61.77 2.26 11.46
CA CYS E 158 60.65 1.50 10.94
C CYS E 158 60.58 1.76 9.43
N PRO E 159 60.82 0.72 8.63
CA PRO E 159 60.89 0.84 7.17
C PRO E 159 59.57 1.05 6.42
N CYS E 160 58.44 0.72 7.03
CA CYS E 160 57.16 0.83 6.35
C CYS E 160 56.80 2.22 5.85
N HIS E 161 57.01 3.24 6.69
CA HIS E 161 56.75 4.63 6.28
C HIS E 161 57.82 5.63 6.74
N GLY E 162 58.96 5.10 7.19
CA GLY E 162 60.11 5.91 7.58
C GLY E 162 60.14 6.56 8.97
N SER E 163 59.78 5.81 10.02
CA SER E 163 59.81 6.35 11.39
C SER E 163 61.16 6.12 12.08
N HIS E 164 61.77 7.20 12.55
CA HIS E 164 63.08 7.12 13.20
C HIS E 164 62.91 7.28 14.71
N TYR E 165 63.38 6.30 15.46
CA TYR E 165 63.32 6.37 16.91
C TYR E 165 64.75 6.41 17.49
N ASP E 166 64.90 6.95 18.71
CA ASP E 166 66.22 6.99 19.36
C ASP E 166 66.46 5.76 20.26
N ALA E 167 67.58 5.74 21.00
CA ALA E 167 67.90 4.61 21.87
C ALA E 167 67.00 4.53 23.11
N SER E 168 66.12 5.51 23.25
CA SER E 168 65.17 5.53 24.35
C SER E 168 63.83 5.01 23.84
N GLY E 169 63.74 4.87 22.51
CA GLY E 169 62.53 4.40 21.86
C GLY E 169 61.57 5.52 21.50
N ARG E 170 62.03 6.76 21.62
CA ARG E 170 61.21 7.96 21.33
C ARG E 170 61.17 8.32 19.84
N ILE E 171 60.01 8.79 19.37
CA ILE E 171 59.86 9.19 17.97
C ILE E 171 60.51 10.55 17.68
N ARG E 172 61.31 10.62 16.62
CA ARG E 172 62.05 11.84 16.28
C ARG E 172 61.84 12.34 14.84
N LYS E 173 61.46 11.44 13.95
CA LYS E 173 61.23 11.79 12.54
C LYS E 173 60.28 10.76 11.93
N GLY E 174 59.53 11.14 10.92
CA GLY E 174 58.57 10.23 10.32
C GLY E 174 57.16 10.45 10.85
N PRO E 175 56.21 9.66 10.38
CA PRO E 175 54.79 9.82 10.73
C PRO E 175 54.32 9.28 12.09
N ALA E 176 55.08 8.39 12.73
CA ALA E 176 54.66 7.80 14.03
C ALA E 176 54.27 8.86 15.07
N PRO E 177 53.07 8.72 15.63
CA PRO E 177 52.55 9.69 16.60
C PRO E 177 53.10 9.61 18.04
N LEU E 178 53.49 8.42 18.52
CA LEU E 178 53.95 8.29 19.91
C LEU E 178 55.23 7.46 20.06
N ASN E 179 55.80 7.47 21.26
CA ASN E 179 56.97 6.67 21.54
C ASN E 179 56.59 5.19 21.67
N LEU E 180 57.51 4.31 21.27
CA LEU E 180 57.30 2.86 21.39
C LEU E 180 56.88 2.55 22.82
N GLU E 181 56.01 1.56 23.01
CA GLU E 181 55.53 1.28 24.34
C GLU E 181 56.53 0.62 25.26
N VAL E 182 56.62 1.17 26.47
CA VAL E 182 57.46 0.60 27.52
C VAL E 182 56.52 -0.28 28.33
N PRO E 183 56.76 -1.58 28.32
CA PRO E 183 55.90 -2.51 29.03
C PRO E 183 56.14 -2.47 30.53
N SER E 184 55.22 -3.06 31.29
CA SER E 184 55.34 -3.15 32.74
C SER E 184 56.52 -4.13 33.05
N TYR E 185 57.55 -3.64 33.78
CA TYR E 185 58.72 -4.50 34.10
C TYR E 185 59.49 -4.15 35.41
N GLU E 186 60.27 -5.13 35.92
CA GLU E 186 61.07 -4.96 37.14
C GLU E 186 62.29 -5.89 37.14
N PHE E 187 63.32 -5.50 37.88
CA PHE E 187 64.53 -6.33 37.99
C PHE E 187 64.50 -7.14 39.31
N THR E 188 64.51 -8.47 39.19
CA THR E 188 64.49 -9.34 40.38
C THR E 188 65.90 -9.58 40.89
N SER E 189 66.88 -9.20 40.08
CA SER E 189 68.29 -9.31 40.43
C SER E 189 69.18 -8.62 39.41
N ASP E 190 70.49 -8.73 39.61
CA ASP E 190 71.47 -8.12 38.70
C ASP E 190 71.50 -8.79 37.32
N ASP E 191 71.07 -10.04 37.26
CA ASP E 191 71.08 -10.81 36.00
C ASP E 191 69.68 -11.06 35.39
N MET E 192 68.63 -10.96 36.19
CA MET E 192 67.28 -11.27 35.71
C MET E 192 66.32 -10.09 35.60
N VAL E 193 65.51 -10.11 34.55
CA VAL E 193 64.46 -9.12 34.35
C VAL E 193 63.16 -9.87 33.96
N ILE E 194 62.05 -9.54 34.63
CA ILE E 194 60.75 -10.17 34.36
C ILE E 194 59.77 -9.15 33.75
N VAL E 195 59.29 -9.43 32.54
CA VAL E 195 58.37 -8.53 31.86
C VAL E 195 56.92 -9.03 31.95
N GLY E 196 55.99 -8.12 32.27
CA GLY E 196 54.58 -8.47 32.36
C GLY E 196 53.91 -8.12 33.68
N VAL F 6 -34.50 -43.41 -21.13
CA VAL F 6 -34.84 -43.19 -19.70
C VAL F 6 -34.80 -44.52 -18.94
N SER F 7 -33.91 -44.61 -17.96
CA SER F 7 -33.76 -45.85 -17.19
C SER F 7 -33.80 -45.59 -15.70
N ALA F 8 -33.98 -46.65 -14.94
CA ALA F 8 -33.87 -46.55 -13.52
C ALA F 8 -32.40 -46.28 -13.25
N SER F 9 -31.53 -46.99 -13.98
CA SER F 9 -30.08 -46.83 -13.85
C SER F 9 -29.49 -45.52 -14.47
N SER F 10 -30.20 -44.93 -15.44
CA SER F 10 -29.74 -43.65 -15.98
C SER F 10 -29.82 -42.60 -14.90
N ARG F 11 -30.78 -42.78 -13.98
CA ARG F 11 -30.93 -41.87 -12.86
C ARG F 11 -29.78 -42.09 -11.90
N TRP F 12 -29.21 -43.29 -11.97
CA TRP F 12 -28.06 -43.69 -11.14
C TRP F 12 -26.83 -42.97 -11.65
N LEU F 13 -26.59 -43.02 -12.95
CA LEU F 13 -25.47 -42.31 -13.51
C LEU F 13 -25.71 -40.83 -13.17
N GLU F 14 -26.91 -40.33 -13.47
CA GLU F 14 -27.25 -38.96 -13.10
C GLU F 14 -27.00 -38.75 -11.61
N GLY F 15 -27.39 -39.73 -10.80
CA GLY F 15 -27.15 -39.68 -9.37
C GLY F 15 -25.65 -39.64 -8.99
N ILE F 16 -24.79 -40.38 -9.73
CA ILE F 16 -23.35 -40.37 -9.45
C ILE F 16 -22.82 -39.01 -9.82
N ARG F 17 -23.31 -38.48 -10.93
CA ARG F 17 -22.94 -37.15 -11.39
C ARG F 17 -23.40 -36.07 -10.42
N LYS F 18 -24.67 -36.10 -10.01
CA LYS F 18 -25.16 -35.11 -9.05
C LYS F 18 -24.34 -35.22 -7.83
N TRP F 19 -23.91 -36.44 -7.53
CA TRP F 19 -23.09 -36.70 -6.32
C TRP F 19 -21.74 -36.02 -6.42
N TYR F 20 -21.03 -36.26 -7.52
CA TYR F 20 -19.73 -35.67 -7.74
C TYR F 20 -19.83 -34.18 -7.70
N TYR F 21 -20.80 -33.65 -8.41
CA TYR F 21 -21.04 -32.21 -8.46
C TYR F 21 -21.02 -31.67 -7.06
N ASN F 22 -21.94 -32.13 -6.22
CA ASN F 22 -21.99 -31.62 -4.87
C ASN F 22 -20.70 -31.77 -4.12
N ALA F 23 -19.92 -32.78 -4.49
CA ALA F 23 -18.66 -33.06 -3.82
C ALA F 23 -17.61 -32.11 -4.32
N ALA F 24 -17.52 -31.99 -5.64
CA ALA F 24 -16.62 -31.05 -6.27
C ALA F 24 -16.69 -29.70 -5.54
N GLY F 25 -17.88 -29.27 -5.15
CA GLY F 25 -17.99 -28.13 -4.26
C GLY F 25 -18.03 -26.70 -4.77
N PHE F 26 -17.66 -26.45 -6.04
CA PHE F 26 -17.70 -25.09 -6.54
C PHE F 26 -19.02 -24.41 -6.34
N ASN F 27 -20.09 -25.19 -6.32
CA ASN F 27 -21.41 -24.60 -6.15
C ASN F 27 -21.63 -23.85 -4.84
N LYS F 28 -20.77 -24.12 -3.84
CA LYS F 28 -20.91 -23.50 -2.52
C LYS F 28 -20.36 -22.11 -2.57
N LEU F 29 -19.54 -21.88 -3.59
CA LEU F 29 -18.90 -20.61 -3.87
C LEU F 29 -19.69 -19.87 -4.92
N GLY F 30 -20.85 -20.41 -5.30
CA GLY F 30 -21.71 -19.77 -6.28
C GLY F 30 -21.29 -19.93 -7.73
N LEU F 31 -20.15 -20.58 -7.97
CA LEU F 31 -19.68 -20.85 -9.35
C LEU F 31 -20.61 -21.76 -10.13
N MET F 32 -20.33 -21.85 -11.41
CA MET F 32 -21.08 -22.70 -12.33
C MET F 32 -19.98 -23.59 -12.86
N ARG F 33 -20.31 -24.77 -13.36
CA ARG F 33 -19.23 -25.64 -13.86
C ARG F 33 -18.23 -24.90 -14.79
N ASP F 34 -18.76 -24.18 -15.78
CA ASP F 34 -17.93 -23.49 -16.77
C ASP F 34 -17.09 -22.37 -16.21
N ASP F 35 -17.47 -21.85 -15.04
CA ASP F 35 -16.67 -20.80 -14.37
C ASP F 35 -15.37 -21.35 -13.82
N THR F 36 -15.15 -22.65 -13.94
CA THR F 36 -14.01 -23.22 -13.29
C THR F 36 -13.09 -23.88 -14.27
N ILE F 37 -13.39 -23.76 -15.55
CA ILE F 37 -12.50 -24.37 -16.52
C ILE F 37 -11.10 -23.72 -16.52
N HIS F 38 -10.06 -24.52 -16.74
CA HIS F 38 -8.69 -23.99 -16.91
C HIS F 38 -8.67 -23.08 -18.10
N GLU F 39 -8.09 -21.88 -17.99
CA GLU F 39 -8.03 -21.00 -19.19
C GLU F 39 -6.90 -21.35 -20.11
N ASN F 40 -7.21 -21.82 -21.30
CA ASN F 40 -6.16 -22.00 -22.28
C ASN F 40 -6.53 -21.21 -23.59
N ASP F 41 -5.72 -21.31 -24.62
CA ASP F 41 -6.05 -20.57 -25.81
C ASP F 41 -7.50 -20.74 -26.21
N ASP F 42 -7.91 -21.98 -26.45
CA ASP F 42 -9.30 -22.25 -26.84
C ASP F 42 -10.26 -21.63 -25.84
N VAL F 43 -10.08 -21.93 -24.55
CA VAL F 43 -10.95 -21.35 -23.54
C VAL F 43 -10.91 -19.82 -23.52
N LYS F 44 -9.75 -19.23 -23.79
CA LYS F 44 -9.63 -17.77 -23.79
C LYS F 44 -10.44 -17.20 -24.92
N GLU F 45 -10.42 -17.87 -26.06
CA GLU F 45 -11.14 -17.39 -27.23
C GLU F 45 -12.60 -17.48 -27.04
N ALA F 46 -13.07 -18.51 -26.34
CA ALA F 46 -14.48 -18.64 -26.13
C ALA F 46 -14.92 -17.58 -25.11
N ILE F 47 -14.13 -17.38 -24.07
CA ILE F 47 -14.42 -16.27 -23.13
C ILE F 47 -14.59 -14.95 -23.93
N ARG F 48 -13.82 -14.81 -24.99
CA ARG F 48 -13.89 -13.61 -25.81
C ARG F 48 -15.18 -13.51 -26.57
N ARG F 49 -15.73 -14.65 -26.95
CA ARG F 49 -16.91 -14.64 -27.76
C ARG F 49 -18.22 -14.48 -27.01
N LEU F 50 -18.16 -14.43 -25.68
CA LEU F 50 -19.41 -14.34 -24.95
C LEU F 50 -20.01 -12.97 -25.12
N PRO F 51 -21.34 -12.95 -25.14
CA PRO F 51 -22.10 -11.72 -25.28
C PRO F 51 -21.98 -10.92 -23.94
N GLU F 52 -22.20 -9.62 -23.97
CA GLU F 52 -21.97 -8.85 -22.76
C GLU F 52 -22.50 -9.40 -21.46
N ASN F 53 -23.79 -9.63 -21.40
CA ASN F 53 -24.38 -10.14 -20.19
C ASN F 53 -23.71 -11.41 -19.65
N LEU F 54 -23.46 -12.41 -20.50
CA LEU F 54 -22.78 -13.62 -19.97
C LEU F 54 -21.44 -13.26 -19.40
N TYR F 55 -20.60 -12.67 -20.21
CA TYR F 55 -19.32 -12.19 -19.73
C TYR F 55 -19.46 -11.42 -18.38
N ASP F 56 -20.37 -10.48 -18.31
CA ASP F 56 -20.46 -9.72 -17.09
C ASP F 56 -20.83 -10.57 -15.92
N ASP F 57 -21.80 -11.46 -16.13
CA ASP F 57 -22.23 -12.42 -15.10
C ASP F 57 -21.10 -13.34 -14.69
N ARG F 58 -20.39 -13.87 -15.67
CA ARG F 58 -19.22 -14.71 -15.33
C ARG F 58 -18.20 -13.96 -14.47
N VAL F 59 -17.96 -12.69 -14.79
CA VAL F 59 -17.03 -11.87 -14.01
C VAL F 59 -17.56 -11.73 -12.60
N PHE F 60 -18.83 -11.43 -12.47
CA PHE F 60 -19.33 -11.26 -11.13
C PHE F 60 -19.28 -12.51 -10.35
N ARG F 61 -19.52 -13.64 -10.99
CA ARG F 61 -19.45 -14.88 -10.26
C ARG F 61 -18.08 -15.10 -9.72
N ILE F 62 -17.11 -15.23 -10.62
CA ILE F 62 -15.76 -15.47 -10.23
C ILE F 62 -15.26 -14.45 -9.20
N LYS F 63 -15.79 -13.23 -9.21
CA LYS F 63 -15.35 -12.25 -8.24
C LYS F 63 -15.88 -12.65 -6.92
N ARG F 64 -17.13 -13.10 -6.91
CA ARG F 64 -17.82 -13.51 -5.68
C ARG F 64 -17.12 -14.70 -5.01
N ALA F 65 -16.61 -15.62 -5.85
CA ALA F 65 -15.88 -16.81 -5.36
C ALA F 65 -14.51 -16.40 -4.86
N LEU F 66 -13.75 -15.73 -5.68
CA LEU F 66 -12.45 -15.32 -5.23
C LEU F 66 -12.62 -14.58 -3.92
N ASP F 67 -13.73 -13.87 -3.77
CA ASP F 67 -13.93 -13.13 -2.55
C ASP F 67 -14.16 -14.08 -1.40
N LEU F 68 -15.13 -14.97 -1.57
CA LEU F 68 -15.40 -16.02 -0.58
C LEU F 68 -14.10 -16.76 -0.26
N SER F 69 -13.47 -17.32 -1.28
CA SER F 69 -12.24 -18.05 -1.08
C SER F 69 -11.25 -17.33 -0.20
N MET F 70 -11.28 -16.01 -0.22
CA MET F 70 -10.33 -15.27 0.60
C MET F 70 -10.77 -15.22 2.07
N ARG F 71 -12.07 -15.10 2.31
CA ARG F 71 -12.58 -15.08 3.65
C ARG F 71 -12.71 -16.52 4.13
N GLN F 72 -12.42 -17.46 3.20
CA GLN F 72 -12.58 -18.91 3.44
C GLN F 72 -13.97 -19.37 3.87
N GLN F 73 -14.94 -18.62 3.39
CA GLN F 73 -16.32 -18.89 3.65
C GLN F 73 -16.96 -19.50 2.42
N ILE F 74 -18.28 -19.62 2.46
CA ILE F 74 -19.05 -20.13 1.35
C ILE F 74 -20.44 -19.48 1.43
N LEU F 75 -21.28 -19.75 0.46
CA LEU F 75 -22.57 -19.15 0.48
C LEU F 75 -23.53 -19.93 1.34
N PRO F 76 -24.56 -19.26 1.86
CA PRO F 76 -25.64 -19.97 2.54
C PRO F 76 -26.08 -21.13 1.61
N LYS F 77 -26.48 -22.26 2.17
CA LYS F 77 -26.83 -23.42 1.36
C LYS F 77 -27.90 -23.17 0.28
N GLU F 78 -28.89 -22.34 0.61
CA GLU F 78 -29.99 -22.08 -0.32
C GLU F 78 -29.57 -21.23 -1.50
N GLN F 79 -28.31 -20.82 -1.50
CA GLN F 79 -27.80 -20.03 -2.63
C GLN F 79 -26.70 -20.72 -3.40
N TRP F 80 -26.48 -21.99 -3.17
CA TRP F 80 -25.47 -22.73 -3.89
C TRP F 80 -26.00 -23.03 -5.24
N THR F 81 -25.11 -23.28 -6.18
CA THR F 81 -25.56 -23.57 -7.51
C THR F 81 -26.12 -24.95 -7.56
N LYS F 82 -27.42 -25.00 -7.81
CA LYS F 82 -28.11 -26.23 -7.91
C LYS F 82 -27.73 -26.87 -9.22
N TYR F 83 -27.11 -28.05 -9.13
CA TYR F 83 -26.81 -28.91 -10.29
C TYR F 83 -28.09 -28.89 -11.05
N GLU F 84 -28.05 -29.08 -12.37
CA GLU F 84 -29.31 -29.13 -13.16
C GLU F 84 -29.88 -27.73 -13.43
N GLU F 85 -29.47 -26.75 -12.62
CA GLU F 85 -29.81 -25.36 -12.87
C GLU F 85 -28.51 -24.76 -13.29
N ASP F 86 -27.53 -25.63 -13.50
CA ASP F 86 -26.20 -25.23 -13.89
C ASP F 86 -26.14 -25.08 -15.37
N LYS F 87 -26.07 -23.83 -15.82
CA LYS F 87 -26.07 -23.56 -17.25
C LYS F 87 -24.69 -23.72 -17.86
N SER F 88 -24.64 -24.51 -18.92
CA SER F 88 -23.39 -24.83 -19.62
C SER F 88 -23.09 -23.73 -20.64
N TYR F 89 -23.12 -22.47 -20.19
CA TYR F 89 -23.03 -21.32 -21.07
C TYR F 89 -21.80 -21.19 -21.95
N LEU F 90 -20.72 -21.86 -21.61
CA LEU F 90 -19.52 -21.71 -22.40
C LEU F 90 -19.26 -22.89 -23.41
N GLU F 91 -19.85 -24.07 -23.15
CA GLU F 91 -19.65 -25.23 -24.04
C GLU F 91 -19.83 -25.00 -25.55
N PRO F 92 -20.95 -24.39 -25.96
CA PRO F 92 -21.17 -24.18 -27.40
C PRO F 92 -19.98 -23.34 -28.00
N TYR F 93 -19.51 -22.29 -27.31
CA TYR F 93 -18.45 -21.52 -27.90
C TYR F 93 -17.16 -22.33 -27.90
N LEU F 94 -16.89 -22.97 -26.77
CA LEU F 94 -15.68 -23.73 -26.65
C LEU F 94 -15.68 -24.79 -27.72
N LYS F 95 -16.87 -25.34 -28.00
CA LYS F 95 -16.93 -26.43 -28.93
C LYS F 95 -16.67 -25.94 -30.33
N GLU F 96 -17.15 -24.72 -30.61
CA GLU F 96 -16.99 -24.12 -31.94
C GLU F 96 -15.55 -23.71 -32.18
N VAL F 97 -14.89 -23.19 -31.12
CA VAL F 97 -13.48 -22.76 -31.20
C VAL F 97 -12.60 -23.96 -31.44
N ILE F 98 -12.92 -25.08 -30.80
CA ILE F 98 -12.18 -26.30 -31.02
C ILE F 98 -12.37 -26.83 -32.46
N ARG F 99 -13.59 -26.76 -32.97
CA ARG F 99 -13.87 -27.23 -34.33
C ARG F 99 -13.02 -26.52 -35.35
N GLU F 100 -12.93 -25.19 -35.21
CA GLU F 100 -12.21 -24.43 -36.19
C GLU F 100 -10.72 -24.63 -36.10
N ARG F 101 -10.24 -24.90 -34.89
CA ARG F 101 -8.81 -25.18 -34.70
C ARG F 101 -8.48 -26.47 -35.39
N LYS F 102 -9.32 -27.47 -35.17
CA LYS F 102 -9.13 -28.75 -35.76
C LYS F 102 -9.19 -28.67 -37.28
N GLU F 103 -10.05 -27.84 -37.83
CA GLU F 103 -10.07 -27.68 -39.27
C GLU F 103 -8.68 -27.16 -39.78
N ARG F 104 -8.14 -26.18 -39.05
CA ARG F 104 -6.85 -25.67 -39.35
C ARG F 104 -5.86 -26.81 -39.25
N GLU F 105 -5.79 -27.43 -38.08
CA GLU F 105 -4.89 -28.54 -37.86
C GLU F 105 -4.94 -29.54 -38.98
N GLU F 106 -6.11 -29.71 -39.55
CA GLU F 106 -6.33 -30.66 -40.60
C GLU F 106 -5.85 -30.13 -41.92
N TRP F 107 -5.87 -28.84 -42.09
CA TRP F 107 -5.47 -28.27 -43.34
C TRP F 107 -3.96 -28.29 -43.43
N ALA F 108 -3.33 -28.18 -42.29
CA ALA F 108 -1.89 -28.13 -42.22
C ALA F 108 -1.20 -29.47 -42.59
N LYS F 109 -1.99 -30.52 -42.81
CA LYS F 109 -1.41 -31.83 -43.05
C LYS F 109 -1.19 -32.14 -44.51
N LYS F 110 -2.02 -31.55 -45.37
CA LYS F 110 -1.98 -31.88 -46.80
C LYS F 110 -0.89 -31.14 -47.56
N GLY G 1 5.62 -8.61 -17.35
CA GLY G 1 4.96 -8.00 -16.15
C GLY G 1 3.58 -7.43 -16.46
N ARG G 2 2.71 -7.36 -15.47
CA ARG G 2 1.38 -6.84 -15.71
C ARG G 2 0.92 -5.89 -14.63
N GLN G 3 0.44 -4.71 -15.04
CA GLN G 3 0.10 -3.64 -14.10
C GLN G 3 -1.37 -3.46 -13.93
N PHE G 4 -1.79 -2.81 -12.86
CA PHE G 4 -3.20 -2.51 -12.73
C PHE G 4 -3.53 -1.51 -13.83
N GLY G 5 -4.73 -1.62 -14.40
CA GLY G 5 -5.13 -0.73 -15.45
C GLY G 5 -5.05 -1.44 -16.79
N HIS G 6 -4.23 -2.48 -16.86
CA HIS G 6 -4.12 -3.30 -18.06
C HIS G 6 -4.40 -4.78 -17.76
N LEU G 7 -5.17 -5.06 -16.71
CA LEU G 7 -5.38 -6.44 -16.36
C LEU G 7 -6.46 -7.05 -17.14
N THR G 8 -7.70 -6.66 -16.85
CA THR G 8 -8.86 -7.20 -17.56
C THR G 8 -10.11 -6.28 -17.51
N ARG G 9 -11.20 -6.71 -18.14
CA ARG G 9 -12.41 -5.90 -18.28
C ARG G 9 -13.49 -6.19 -17.25
N VAL G 10 -13.94 -5.17 -16.53
CA VAL G 10 -14.97 -5.39 -15.57
C VAL G 10 -16.16 -4.48 -15.69
N ARG G 11 -17.30 -5.12 -15.92
CA ARG G 11 -18.61 -4.48 -15.99
C ARG G 11 -19.23 -3.84 -14.79
N HIS G 12 -20.27 -4.38 -14.22
CA HIS G 12 -20.97 -3.47 -13.32
C HIS G 12 -20.95 -3.69 -11.80
N VAL G 13 -19.75 -3.76 -11.22
CA VAL G 13 -19.68 -4.11 -9.83
C VAL G 13 -19.24 -3.08 -8.84
N ILE G 14 -20.10 -2.85 -7.86
CA ILE G 14 -19.79 -1.92 -6.82
C ILE G 14 -19.06 -2.61 -5.70
N THR G 15 -18.10 -1.94 -5.07
CA THR G 15 -17.39 -2.51 -3.95
C THR G 15 -17.32 -1.51 -2.85
N TYR G 16 -18.06 -1.78 -1.78
CA TYR G 16 -17.98 -0.96 -0.60
C TYR G 16 -16.91 -1.51 0.29
N SER G 17 -16.14 -0.62 0.90
CA SER G 17 -15.08 -1.00 1.87
C SER G 17 -14.98 0.00 2.99
N LEU G 18 -14.28 -0.40 4.05
CA LEU G 18 -14.16 0.45 5.22
C LEU G 18 -12.71 0.58 5.72
N SER G 19 -12.40 1.77 6.25
CA SER G 19 -11.08 2.12 6.81
C SER G 19 -10.76 1.16 7.94
N PRO G 20 -9.51 0.75 8.04
CA PRO G 20 -9.09 -0.17 9.11
C PRO G 20 -9.17 0.47 10.47
N PHE G 21 -9.03 1.78 10.50
CA PHE G 21 -9.09 2.49 11.74
C PHE G 21 -10.54 2.67 12.17
N GLU G 22 -11.47 2.15 11.38
CA GLU G 22 -12.88 2.32 11.69
C GLU G 22 -13.59 1.00 12.10
N GLN G 23 -12.90 -0.12 11.89
CA GLN G 23 -13.43 -1.43 12.18
C GLN G 23 -12.51 -2.24 13.12
N ARG G 24 -12.97 -3.42 13.53
CA ARG G 24 -12.17 -4.30 14.39
C ARG G 24 -11.34 -5.23 13.55
N ALA G 25 -10.14 -5.54 14.04
CA ALA G 25 -9.23 -6.47 13.36
C ALA G 25 -9.61 -7.93 13.65
N PHE G 26 -10.39 -8.14 14.71
CA PHE G 26 -10.83 -9.46 15.12
C PHE G 26 -12.32 -9.45 15.42
N PRO G 27 -13.15 -9.15 14.41
CA PRO G 27 -14.63 -9.03 14.56
C PRO G 27 -15.23 -9.94 15.60
N HIS G 28 -15.45 -11.20 15.23
CA HIS G 28 -15.99 -12.18 16.16
C HIS G 28 -15.04 -13.35 16.11
N TYR G 29 -13.81 -13.11 16.56
CA TYR G 29 -12.73 -14.07 16.45
C TYR G 29 -13.08 -15.50 16.80
N PHE G 30 -13.66 -15.69 17.99
CA PHE G 30 -14.00 -17.03 18.45
C PHE G 30 -15.43 -17.39 18.08
N SER G 31 -16.34 -16.45 18.34
CA SER G 31 -17.75 -16.61 18.03
C SER G 31 -17.96 -17.21 16.63
N LYS G 32 -17.38 -16.57 15.62
CA LYS G 32 -17.50 -17.05 14.22
C LYS G 32 -16.30 -17.88 13.76
N GLY G 33 -15.16 -17.72 14.44
CA GLY G 33 -13.95 -18.44 14.08
C GLY G 33 -14.04 -19.96 14.20
N ILE G 34 -14.19 -20.46 15.43
CA ILE G 34 -14.25 -21.90 15.69
C ILE G 34 -15.25 -22.63 14.77
N PRO G 35 -16.52 -22.24 14.78
CA PRO G 35 -17.51 -22.88 13.93
C PRO G 35 -16.99 -23.09 12.52
N ASN G 36 -16.31 -22.08 11.97
CA ASN G 36 -15.80 -22.15 10.60
C ASN G 36 -14.67 -23.16 10.38
N VAL G 37 -13.70 -23.20 11.28
CA VAL G 37 -12.62 -24.18 11.16
C VAL G 37 -13.17 -25.62 11.38
N LEU G 38 -14.22 -25.75 12.20
CA LEU G 38 -14.88 -27.03 12.32
C LEU G 38 -15.39 -27.36 10.89
N ARG G 39 -16.16 -26.41 10.33
CA ARG G 39 -16.75 -26.54 9.02
C ARG G 39 -15.73 -26.89 7.91
N ARG G 40 -14.56 -26.24 7.92
CA ARG G 40 -13.52 -26.52 6.91
C ARG G 40 -12.85 -27.88 7.20
N THR G 41 -12.70 -28.23 8.47
CA THR G 41 -12.11 -29.51 8.84
C THR G 41 -13.03 -30.62 8.35
N ARG G 42 -14.31 -30.45 8.69
CA ARG G 42 -15.32 -31.42 8.31
C ARG G 42 -15.31 -31.60 6.82
N ALA G 43 -15.36 -30.46 6.13
CA ALA G 43 -15.37 -30.44 4.69
C ALA G 43 -14.20 -31.19 4.06
N CYS G 44 -13.12 -31.42 4.82
CA CYS G 44 -11.96 -32.07 4.23
C CYS G 44 -11.40 -33.32 4.90
N ILE G 45 -11.89 -33.69 6.09
CA ILE G 45 -11.33 -34.86 6.77
C ILE G 45 -11.19 -36.03 5.82
N LEU G 46 -12.30 -36.41 5.21
CA LEU G 46 -12.34 -37.59 4.37
C LEU G 46 -11.37 -37.72 3.22
N ARG G 47 -10.75 -36.64 2.77
CA ARG G 47 -9.77 -36.77 1.69
C ARG G 47 -8.36 -36.67 2.18
N VAL G 48 -8.17 -35.99 3.31
CA VAL G 48 -6.84 -35.85 3.90
C VAL G 48 -6.50 -36.98 4.88
N ALA G 49 -7.36 -37.20 5.89
CA ALA G 49 -7.15 -38.22 6.93
C ALA G 49 -6.89 -39.70 6.49
N PRO G 50 -7.78 -40.32 5.71
CA PRO G 50 -7.59 -41.73 5.33
C PRO G 50 -6.17 -42.21 4.97
N PRO G 51 -5.43 -41.55 4.07
CA PRO G 51 -4.10 -42.04 3.69
C PRO G 51 -3.15 -42.03 4.85
N PHE G 52 -3.35 -41.10 5.80
CA PHE G 52 -2.48 -40.99 6.96
C PHE G 52 -2.69 -42.10 8.02
N VAL G 53 -3.94 -42.49 8.26
CA VAL G 53 -4.17 -43.59 9.17
C VAL G 53 -3.64 -44.86 8.52
N ALA G 54 -3.78 -44.97 7.19
CA ALA G 54 -3.24 -46.12 6.46
C ALA G 54 -1.77 -46.21 6.73
N PHE G 55 -1.05 -45.09 6.57
CA PHE G 55 0.37 -45.07 6.91
C PHE G 55 0.48 -45.41 8.40
N TYR G 56 -0.30 -44.73 9.23
CA TYR G 56 -0.28 -45.03 10.67
C TYR G 56 -0.41 -46.54 10.98
N LEU G 57 -1.38 -47.23 10.37
CA LEU G 57 -1.53 -48.66 10.63
C LEU G 57 -0.32 -49.46 10.17
N VAL G 58 0.20 -49.10 9.00
CA VAL G 58 1.36 -49.80 8.42
C VAL G 58 2.66 -49.54 9.19
N TYR G 59 2.74 -48.38 9.85
CA TYR G 59 3.90 -48.03 10.65
C TYR G 59 3.99 -48.84 11.95
N THR G 60 2.87 -48.96 12.67
CA THR G 60 2.88 -49.69 13.95
C THR G 60 2.99 -51.20 13.75
N TRP G 61 2.29 -51.72 12.75
CA TRP G 61 2.38 -53.13 12.42
C TRP G 61 3.76 -53.46 11.88
N GLY G 62 4.36 -52.53 11.15
CA GLY G 62 5.66 -52.72 10.53
C GLY G 62 6.80 -52.88 11.51
N THR G 63 6.83 -52.05 12.55
CA THR G 63 7.87 -52.15 13.56
C THR G 63 7.61 -53.38 14.41
N GLN G 64 6.34 -53.59 14.75
CA GLN G 64 5.90 -54.77 15.50
C GLN G 64 6.55 -56.02 14.97
N GLU G 65 6.20 -56.36 13.74
CA GLU G 65 6.74 -57.51 13.06
C GLU G 65 8.28 -57.49 12.92
N PHE G 66 8.88 -56.31 13.03
CA PHE G 66 10.32 -56.23 12.92
C PHE G 66 11.01 -56.77 14.16
N GLU G 67 10.39 -56.54 15.31
CA GLU G 67 10.94 -57.01 16.60
C GLU G 67 10.57 -58.46 16.81
N LYS G 68 9.31 -58.76 16.55
CA LYS G 68 8.78 -60.11 16.70
C LYS G 68 9.38 -61.05 15.65
N SER G 69 10.18 -60.51 14.74
CA SER G 69 10.80 -61.33 13.71
C SER G 69 12.13 -61.90 14.22
N LYS G 70 12.85 -61.10 15.01
CA LYS G 70 14.14 -61.48 15.53
C LYS G 70 14.06 -61.85 16.99
N ARG G 71 13.65 -60.88 17.81
CA ARG G 71 13.50 -61.10 19.25
C ARG G 71 12.63 -62.34 19.48
N LYS G 72 11.41 -62.31 18.95
CA LYS G 72 10.53 -63.46 19.02
C LYS G 72 11.18 -64.74 18.38
N ASN G 73 12.04 -64.55 17.34
CA ASN G 73 12.77 -65.67 16.67
C ASN G 73 13.04 -67.00 17.37
N PRO G 74 13.70 -66.92 18.50
CA PRO G 74 13.68 -67.98 19.49
C PRO G 74 12.64 -67.47 20.55
N ALA G 75 11.41 -68.01 20.67
CA ALA G 75 10.82 -69.16 19.95
C ALA G 75 11.28 -70.56 20.35
N ALA G 76 11.17 -71.50 19.43
CA ALA G 76 11.52 -72.88 19.74
C ALA G 76 12.69 -73.44 18.91
N TYR G 77 13.61 -74.10 19.61
CA TYR G 77 14.74 -74.78 18.98
C TYR G 77 15.01 -75.94 19.93
N GLU G 78 14.08 -76.91 19.94
CA GLU G 78 14.10 -77.99 20.96
C GLU G 78 14.59 -79.39 20.56
N ASN G 79 15.73 -79.78 21.13
CA ASN G 79 16.34 -81.09 20.90
C ASN G 79 17.40 -81.38 21.94
N PRO H 3 24.65 -47.02 66.10
CA PRO H 3 25.54 -45.84 65.96
C PRO H 3 26.96 -46.09 65.37
N LYS H 4 27.88 -46.69 66.15
CA LYS H 4 29.26 -46.94 65.65
C LYS H 4 29.39 -48.07 64.61
N GLU H 5 28.46 -49.02 64.66
CA GLU H 5 28.43 -50.13 63.70
C GLU H 5 28.00 -49.63 62.32
N GLU H 6 27.10 -48.63 62.31
CA GLU H 6 26.59 -48.01 61.07
C GLU H 6 27.68 -47.18 60.36
N GLU H 7 28.67 -46.71 61.14
CA GLU H 7 29.78 -45.92 60.61
C GLU H 7 30.69 -46.78 59.71
N GLU H 8 31.03 -47.97 60.19
CA GLU H 8 31.84 -48.90 59.41
C GLU H 8 31.03 -49.34 58.19
N GLU H 9 29.71 -49.47 58.36
CA GLU H 9 28.79 -49.84 57.28
C GLU H 9 28.87 -48.84 56.11
N GLU H 10 29.07 -47.56 56.43
CA GLU H 10 29.15 -46.49 55.42
C GLU H 10 30.45 -46.51 54.57
N GLU H 11 31.60 -46.31 55.22
CA GLU H 11 32.91 -46.28 54.53
C GLU H 11 33.35 -47.63 53.94
N GLU H 12 32.53 -48.67 54.13
CA GLU H 12 32.82 -50.01 53.62
C GLU H 12 31.71 -50.54 52.68
N LEU H 13 30.49 -50.02 52.81
CA LEU H 13 29.35 -50.43 51.97
C LEU H 13 28.45 -49.25 51.59
N VAL H 14 27.14 -49.54 51.49
CA VAL H 14 26.09 -48.53 51.17
C VAL H 14 26.07 -48.04 49.70
N ASP H 15 24.87 -48.10 49.08
CA ASP H 15 24.64 -47.59 47.71
C ASP H 15 23.14 -47.63 47.42
N PRO H 16 22.55 -46.46 47.12
CA PRO H 16 21.12 -46.35 46.83
C PRO H 16 20.61 -47.20 45.65
N LEU H 17 21.52 -47.60 44.75
CA LEU H 17 21.13 -48.41 43.58
C LEU H 17 20.67 -49.82 43.96
N THR H 18 21.43 -50.47 44.83
CA THR H 18 21.08 -51.82 45.23
C THR H 18 19.82 -51.87 46.10
N THR H 19 19.70 -50.93 47.05
CA THR H 19 18.47 -50.87 47.88
C THR H 19 17.21 -50.71 47.00
N VAL H 20 17.34 -49.92 45.93
CA VAL H 20 16.25 -49.73 44.99
C VAL H 20 16.07 -50.90 44.01
N ARG H 21 17.18 -51.37 43.41
CA ARG H 21 17.14 -52.53 42.52
C ARG H 21 16.33 -53.67 43.13
N GLU H 22 16.74 -54.11 44.33
CA GLU H 22 16.06 -55.19 45.08
C GLU H 22 14.58 -54.88 45.37
N GLN H 23 14.27 -53.61 45.61
CA GLN H 23 12.89 -53.18 45.86
C GLN H 23 12.07 -53.17 44.55
N CYS H 24 12.75 -52.92 43.43
CA CYS H 24 12.10 -52.92 42.11
C CYS H 24 12.02 -54.34 41.55
N GLU H 25 13.03 -55.15 41.87
CA GLU H 25 13.15 -56.56 41.45
C GLU H 25 12.03 -57.37 42.09
N GLN H 26 11.18 -56.66 42.82
CA GLN H 26 10.09 -57.25 43.59
C GLN H 26 8.69 -57.22 42.94
N LEU H 27 8.33 -56.12 42.26
CA LEU H 27 6.98 -56.00 41.68
C LEU H 27 6.65 -56.86 40.45
N GLU H 28 5.37 -57.21 40.37
CA GLU H 28 4.77 -58.06 39.34
C GLU H 28 5.59 -58.40 38.09
N LYS H 29 5.72 -57.43 37.19
CA LYS H 29 6.43 -57.61 35.91
C LYS H 29 7.86 -58.15 36.07
N CYS H 30 8.51 -57.82 37.18
CA CYS H 30 9.87 -58.28 37.44
C CYS H 30 9.95 -59.74 37.87
N VAL H 31 9.23 -60.09 38.95
CA VAL H 31 9.23 -61.49 39.42
C VAL H 31 8.79 -62.40 38.29
N LYS H 32 7.93 -61.87 37.42
CA LYS H 32 7.46 -62.60 36.27
C LYS H 32 8.56 -62.71 35.22
N ALA H 33 9.25 -61.60 34.94
CA ALA H 33 10.33 -61.58 33.94
C ALA H 33 11.58 -62.34 34.42
N ARG H 34 11.69 -62.51 35.74
CA ARG H 34 12.78 -63.28 36.31
C ARG H 34 12.40 -64.75 36.25
N GLU H 35 11.12 -65.07 36.49
CA GLU H 35 10.66 -66.47 36.44
C GLU H 35 10.56 -66.99 35.00
N ARG H 36 10.61 -66.09 34.02
CA ARG H 36 10.66 -66.47 32.62
C ARG H 36 12.14 -66.68 32.32
N LEU H 37 12.97 -65.93 33.05
CA LEU H 37 14.42 -66.00 32.93
C LEU H 37 15.00 -67.20 33.69
N GLU H 38 14.42 -67.50 34.87
CA GLU H 38 14.84 -68.66 35.65
C GLU H 38 14.40 -69.95 34.99
N LEU H 39 13.22 -69.92 34.36
CA LEU H 39 12.72 -71.09 33.63
C LEU H 39 13.68 -71.44 32.51
N CYS H 40 14.15 -70.42 31.79
CA CYS H 40 15.10 -70.63 30.72
C CYS H 40 16.51 -70.92 31.28
N ASP H 41 16.84 -70.28 32.40
CA ASP H 41 18.12 -70.50 33.10
C ASP H 41 18.25 -72.01 33.36
N GLU H 42 17.30 -72.56 34.11
CA GLU H 42 17.25 -73.98 34.36
C GLU H 42 17.24 -74.71 33.00
N ARG H 43 16.32 -74.33 32.12
CA ARG H 43 16.14 -74.96 30.77
C ARG H 43 17.39 -75.23 29.90
N VAL H 44 18.35 -74.30 29.91
CA VAL H 44 19.57 -74.46 29.10
C VAL H 44 20.73 -75.07 29.91
N SER H 45 20.70 -74.86 31.22
CA SER H 45 21.68 -75.47 32.10
C SER H 45 21.11 -76.80 32.65
N SER H 46 19.89 -77.13 32.21
CA SER H 46 19.25 -78.41 32.53
C SER H 46 19.89 -79.39 31.57
N ARG H 47 19.61 -79.23 30.29
CA ARG H 47 20.32 -80.01 29.29
C ARG H 47 21.63 -79.26 29.11
N SER H 48 22.36 -79.17 30.22
CA SER H 48 23.63 -78.44 30.37
C SER H 48 24.72 -78.60 29.28
N GLN H 49 24.38 -79.16 28.13
CA GLN H 49 25.36 -79.33 27.06
C GLN H 49 24.79 -79.20 25.66
N THR H 50 25.66 -78.86 24.72
CA THR H 50 25.35 -78.68 23.29
C THR H 50 24.01 -78.00 22.90
N GLU H 51 23.97 -76.65 22.95
CA GLU H 51 22.76 -75.90 22.58
C GLU H 51 22.87 -74.36 22.41
N GLU H 52 21.71 -73.70 22.35
CA GLU H 52 21.55 -72.26 22.08
C GLU H 52 21.96 -71.17 23.13
N ASP H 53 21.06 -70.23 23.38
CA ASP H 53 21.33 -69.02 24.17
C ASP H 53 20.18 -68.68 25.15
N CYS H 54 20.31 -67.50 25.80
CA CYS H 54 19.31 -66.95 26.74
C CYS H 54 19.52 -65.45 27.04
N THR H 55 20.18 -64.74 26.13
CA THR H 55 20.41 -63.30 26.30
C THR H 55 19.06 -62.63 26.52
N GLU H 56 18.13 -63.02 25.65
CA GLU H 56 16.78 -62.47 25.57
C GLU H 56 15.98 -62.29 26.87
N GLU H 57 15.81 -63.37 27.62
CA GLU H 57 14.98 -63.32 28.82
C GLU H 57 15.54 -62.43 29.92
N LEU H 58 16.84 -62.15 29.85
CA LEU H 58 17.48 -61.27 30.82
C LEU H 58 17.11 -59.82 30.53
N LEU H 59 17.32 -59.41 29.28
CA LEU H 59 17.01 -58.05 28.87
C LEU H 59 15.60 -57.57 29.23
N ASP H 60 14.59 -58.43 29.06
CA ASP H 60 13.19 -58.08 29.40
C ASP H 60 13.03 -57.80 30.88
N PHE H 61 13.84 -58.48 31.69
CA PHE H 61 13.81 -58.29 33.12
C PHE H 61 14.44 -56.93 33.47
N LEU H 62 15.60 -56.66 32.90
CA LEU H 62 16.30 -55.39 33.13
C LEU H 62 15.52 -54.14 32.64
N HIS H 63 14.73 -54.29 31.58
CA HIS H 63 13.88 -53.21 31.07
C HIS H 63 12.88 -52.82 32.16
N ALA H 64 12.05 -53.80 32.55
CA ALA H 64 11.01 -53.61 33.56
C ALA H 64 11.54 -53.09 34.88
N ARG H 65 12.72 -53.54 35.27
CA ARG H 65 13.32 -53.06 36.52
C ARG H 65 13.88 -51.64 36.34
N ASP H 66 14.88 -51.51 35.48
CA ASP H 66 15.52 -50.24 35.24
C ASP H 66 14.57 -49.10 34.89
N HIS H 67 13.35 -49.44 34.45
CA HIS H 67 12.31 -48.44 34.21
C HIS H 67 11.95 -47.81 35.58
N CYS H 68 11.36 -48.62 36.48
CA CYS H 68 10.98 -48.13 37.81
C CYS H 68 12.17 -47.75 38.67
N VAL H 69 13.35 -48.17 38.22
CA VAL H 69 14.60 -47.79 38.88
C VAL H 69 14.76 -46.28 38.65
N ALA H 70 14.62 -45.87 37.38
CA ALA H 70 14.79 -44.47 36.98
C ALA H 70 13.74 -43.54 37.58
N HIS H 71 12.55 -44.09 37.85
CA HIS H 71 11.45 -43.33 38.40
C HIS H 71 11.72 -42.75 39.80
N LYS H 72 12.26 -43.57 40.71
CA LYS H 72 12.50 -43.13 42.09
C LYS H 72 13.97 -42.88 42.46
N LEU H 73 14.87 -43.68 41.89
CA LEU H 73 16.32 -43.59 42.15
C LEU H 73 16.88 -42.20 42.46
N PHE H 74 16.71 -41.28 41.51
CA PHE H 74 17.31 -39.96 41.62
C PHE H 74 16.95 -39.08 42.82
N ASN H 75 15.88 -39.44 43.53
CA ASN H 75 15.50 -38.68 44.73
C ASN H 75 16.48 -38.95 45.90
N SER H 76 17.12 -40.13 45.88
CA SER H 76 18.07 -40.50 46.94
C SER H 76 19.43 -39.84 46.74
N LEU H 77 19.88 -39.79 45.49
CA LEU H 77 21.18 -39.20 45.15
C LEU H 77 21.25 -37.69 45.52
N LYS H 78 22.32 -37.30 46.21
CA LYS H 78 22.49 -35.97 46.80
C LYS H 78 21.16 -35.36 47.29
N MET I 1 -27.29 48.38 -27.56
CA MET I 1 -27.57 46.94 -27.14
C MET I 1 -26.69 46.04 -27.97
N LEU I 2 -25.59 46.58 -28.42
CA LEU I 2 -24.68 45.82 -29.23
C LEU I 2 -24.04 44.79 -28.30
N SER I 3 -23.02 44.08 -28.74
CA SER I 3 -22.47 42.97 -27.96
C SER I 3 -23.19 41.74 -28.44
N VAL I 4 -23.03 41.52 -29.76
CA VAL I 4 -23.59 40.38 -30.47
C VAL I 4 -23.84 39.17 -29.55
N ALA I 5 -22.76 38.59 -29.05
CA ALA I 5 -22.84 37.48 -28.12
C ALA I 5 -24.01 37.60 -27.11
N ALA I 6 -23.94 38.61 -26.23
CA ALA I 6 -24.94 38.84 -25.15
C ALA I 6 -26.34 39.16 -25.62
N ARG I 7 -26.46 39.76 -26.83
CA ARG I 7 -27.75 40.03 -27.48
C ARG I 7 -28.33 38.62 -27.80
N SER I 8 -27.68 37.63 -27.17
CA SER I 8 -27.96 36.18 -27.22
C SER I 8 -27.97 35.60 -28.59
N GLY I 9 -27.51 34.37 -28.70
CA GLY I 9 -27.55 33.68 -29.98
C GLY I 9 -26.25 33.28 -30.67
N PRO I 10 -25.50 34.25 -31.18
CA PRO I 10 -24.29 33.95 -31.95
C PRO I 10 -23.30 33.35 -31.02
N PHE I 11 -22.40 32.53 -31.51
CA PHE I 11 -21.46 31.91 -30.61
C PHE I 11 -20.33 32.82 -30.16
N ALA I 12 -19.76 32.51 -29.01
CA ALA I 12 -18.68 33.28 -28.42
C ALA I 12 -17.76 32.37 -27.58
N PRO I 13 -16.58 31.99 -28.09
CA PRO I 13 -15.60 31.24 -27.32
C PRO I 13 -14.80 32.10 -26.47
N VAL I 14 -14.54 31.63 -25.27
CA VAL I 14 -13.70 32.28 -24.32
C VAL I 14 -12.58 31.34 -24.05
N LEU I 15 -11.37 31.86 -23.91
CA LEU I 15 -10.19 31.10 -23.57
C LEU I 15 -9.59 31.77 -22.38
N SER I 16 -8.75 31.07 -21.64
CA SER I 16 -8.22 31.66 -20.45
C SER I 16 -6.90 31.13 -20.00
N ALA I 17 -6.35 31.85 -19.04
CA ALA I 17 -5.08 31.50 -18.41
C ALA I 17 -5.30 30.61 -17.18
N THR I 18 -6.08 31.14 -16.25
CA THR I 18 -6.39 30.50 -14.99
C THR I 18 -7.77 29.77 -14.98
N SER I 19 -8.75 30.32 -15.72
CA SER I 19 -10.15 29.78 -15.78
C SER I 19 -10.36 28.75 -16.88
N ARG I 20 -11.59 28.53 -17.29
CA ARG I 20 -11.85 27.45 -18.27
C ARG I 20 -12.42 27.85 -19.61
N GLY I 21 -11.95 27.17 -20.67
CA GLY I 21 -12.40 27.40 -22.04
C GLY I 21 -13.90 27.25 -22.18
N VAL I 22 -14.55 28.31 -22.65
CA VAL I 22 -16.00 28.31 -22.77
C VAL I 22 -16.52 28.44 -24.26
N ALA I 23 -17.73 27.91 -24.48
CA ALA I 23 -18.47 28.04 -25.73
C ALA I 23 -19.85 28.23 -25.16
N GLY I 24 -20.30 29.48 -25.09
CA GLY I 24 -21.56 29.76 -24.46
C GLY I 24 -22.50 30.73 -25.10
N ALA I 25 -22.71 30.62 -26.39
CA ALA I 25 -23.72 31.46 -27.03
C ALA I 25 -25.20 30.98 -26.78
N LEU I 26 -26.12 31.31 -27.69
CA LEU I 26 -27.51 30.96 -27.45
C LEU I 26 -28.44 30.21 -28.52
N ARG I 27 -29.15 29.23 -27.98
CA ARG I 27 -29.95 28.27 -28.69
C ARG I 27 -30.67 27.57 -27.52
N PRO I 28 -31.54 26.61 -27.79
CA PRO I 28 -32.25 25.92 -26.70
C PRO I 28 -31.38 24.87 -26.06
N LEU I 29 -31.85 24.39 -24.91
CA LEU I 29 -31.24 23.29 -24.19
C LEU I 29 -31.73 23.25 -22.75
N VAL I 30 -31.88 24.42 -22.11
CA VAL I 30 -32.36 24.44 -20.73
C VAL I 30 -33.79 23.91 -20.70
N GLN I 31 -34.61 24.30 -21.67
CA GLN I 31 -35.98 23.77 -21.76
C GLN I 31 -35.97 22.33 -22.32
N ALA I 32 -34.81 21.69 -22.31
CA ALA I 32 -34.70 20.32 -22.78
C ALA I 32 -34.26 19.40 -21.68
N ALA I 33 -33.72 19.96 -20.60
CA ALA I 33 -33.32 19.15 -19.48
C ALA I 33 -34.52 18.93 -18.57
N VAL I 34 -35.60 19.69 -18.82
CA VAL I 34 -36.86 19.56 -18.05
C VAL I 34 -37.70 18.37 -18.58
N PRO I 35 -38.27 18.47 -19.80
CA PRO I 35 -38.81 17.27 -20.45
C PRO I 35 -37.52 16.50 -20.67
N ALA I 36 -37.29 15.49 -19.84
CA ALA I 36 -35.99 14.91 -19.77
C ALA I 36 -35.56 13.80 -20.72
N THR I 37 -34.28 13.41 -20.57
CA THR I 37 -33.56 12.38 -21.34
C THR I 37 -32.37 13.04 -22.09
N SER I 38 -31.92 14.17 -21.57
CA SER I 38 -30.75 14.85 -22.10
C SER I 38 -29.61 14.44 -21.19
N GLU I 39 -28.98 13.30 -21.50
CA GLU I 39 -27.88 12.75 -20.72
C GLU I 39 -26.79 13.74 -20.36
N SER I 40 -25.83 13.87 -21.29
CA SER I 40 -24.64 14.70 -21.13
C SER I 40 -23.60 13.75 -20.59
N PRO I 41 -22.33 13.96 -20.93
CA PRO I 41 -21.28 13.08 -20.44
C PRO I 41 -20.89 13.49 -19.03
N VAL I 42 -20.09 12.66 -18.35
CA VAL I 42 -19.43 12.99 -17.08
C VAL I 42 -17.93 13.11 -17.12
N LEU I 43 -17.45 14.10 -17.85
CA LEU I 43 -16.04 14.25 -18.07
C LEU I 43 -15.60 13.05 -18.93
N ASP I 44 -15.99 13.09 -20.23
CA ASP I 44 -15.56 12.14 -21.26
C ASP I 44 -14.31 12.85 -21.74
N LEU I 45 -13.67 12.47 -22.86
CA LEU I 45 -12.46 13.23 -23.33
C LEU I 45 -12.74 14.80 -23.31
N LYS I 46 -12.68 15.40 -22.09
CA LYS I 46 -13.23 16.77 -21.83
C LYS I 46 -12.51 17.69 -20.82
N ARG I 47 -13.27 18.48 -20.04
CA ARG I 47 -12.71 19.52 -19.16
C ARG I 47 -13.38 19.71 -17.76
N SER I 48 -14.43 20.56 -17.64
CA SER I 48 -15.20 20.80 -16.38
C SER I 48 -15.95 22.13 -16.37
N VAL I 49 -17.17 22.13 -15.86
CA VAL I 49 -18.05 23.32 -15.93
C VAL I 49 -18.24 24.03 -14.58
N LEU I 50 -19.03 25.12 -14.60
CA LEU I 50 -19.31 25.96 -13.41
C LEU I 50 -18.04 26.70 -13.06
N CYS I 51 -16.94 25.98 -13.16
CA CYS I 51 -15.58 26.47 -12.94
C CYS I 51 -15.16 27.16 -11.65
N ARG I 52 -13.86 27.38 -11.53
CA ARG I 52 -13.30 27.95 -10.31
C ARG I 52 -12.43 29.25 -10.40
N GLU I 53 -12.52 30.01 -9.31
CA GLU I 53 -11.85 31.28 -9.03
C GLU I 53 -12.89 32.17 -8.34
N SER I 54 -13.79 31.48 -7.63
CA SER I 54 -14.84 32.05 -6.78
C SER I 54 -14.87 31.11 -5.51
N LEU I 55 -15.33 31.62 -4.35
CA LEU I 55 -15.30 30.83 -3.10
C LEU I 55 -15.97 31.46 -1.91
N ARG I 56 -15.14 31.71 -0.89
CA ARG I 56 -15.53 32.34 0.39
C ARG I 56 -14.59 32.01 1.59
N GLY I 57 -15.16 31.85 2.77
CA GLY I 57 -14.40 31.53 3.96
C GLY I 57 -14.93 30.29 4.63
N ALA J 2 -10.75 15.33 30.37
CA ALA J 2 -9.95 14.07 30.49
C ALA J 2 -10.21 13.09 29.32
N PRO J 3 -9.37 13.17 28.27
CA PRO J 3 -9.50 12.27 27.11
C PRO J 3 -9.05 10.85 27.45
N THR J 4 -8.38 10.20 26.53
CA THR J 4 -7.94 8.85 26.78
C THR J 4 -6.44 8.79 26.75
N LEU J 5 -5.92 7.76 27.40
CA LEU J 5 -4.50 7.48 27.43
C LEU J 5 -4.02 7.36 25.99
N THR J 6 -4.63 6.45 25.24
CA THR J 6 -4.27 6.24 23.85
C THR J 6 -4.38 7.52 23.01
N ALA J 7 -5.40 8.34 23.30
CA ALA J 7 -5.62 9.60 22.61
C ALA J 7 -4.47 10.54 22.84
N ARG J 8 -4.28 10.90 24.12
CA ARG J 8 -3.18 11.76 24.55
C ARG J 8 -1.83 11.25 24.04
N LEU J 9 -1.68 9.92 24.01
CA LEU J 9 -0.46 9.27 23.54
C LEU J 9 -0.25 9.53 22.06
N TYR J 10 -1.34 9.47 21.28
CA TYR J 10 -1.27 9.70 19.83
C TYR J 10 -0.83 11.12 19.50
N SER J 11 -1.51 12.09 20.12
CA SER J 11 -1.24 13.52 19.90
C SER J 11 0.21 13.91 20.15
N LEU J 12 0.70 13.60 21.34
CA LEU J 12 2.02 14.00 21.75
C LEU J 12 3.19 13.21 21.17
N LEU J 13 2.96 11.99 20.73
CA LEU J 13 4.09 11.17 20.26
C LEU J 13 3.93 10.34 18.98
N PHE J 14 2.70 9.93 18.64
CA PHE J 14 2.48 9.05 17.48
C PHE J 14 2.21 9.78 16.17
N ARG J 15 1.56 10.95 16.26
CA ARG J 15 1.19 11.76 15.10
C ARG J 15 2.34 11.99 14.12
N ARG J 16 3.41 12.63 14.60
CA ARG J 16 4.56 12.90 13.76
C ARG J 16 5.45 11.69 13.72
N THR J 17 5.86 11.30 12.51
CA THR J 17 6.74 10.16 12.34
C THR J 17 8.08 10.39 13.05
N SER J 18 8.37 11.65 13.36
CA SER J 18 9.58 12.02 14.09
C SER J 18 9.52 11.48 15.52
N THR J 19 8.61 12.06 16.27
CA THR J 19 8.35 11.68 17.63
C THR J 19 7.96 10.20 17.67
N PHE J 20 7.19 9.76 16.68
CA PHE J 20 6.82 8.34 16.62
C PHE J 20 8.06 7.49 16.68
N ALA J 21 9.03 7.76 15.80
CA ALA J 21 10.26 6.99 15.79
C ALA J 21 11.10 7.28 17.03
N LEU J 22 11.16 8.55 17.42
CA LEU J 22 11.90 8.89 18.63
C LEU J 22 11.39 8.06 19.79
N THR J 23 10.07 7.93 19.90
CA THR J 23 9.45 7.15 20.98
C THR J 23 9.91 5.72 20.99
N ILE J 24 10.03 5.10 19.83
CA ILE J 24 10.43 3.72 19.84
C ILE J 24 11.91 3.48 20.14
N VAL J 25 12.78 4.40 19.76
CA VAL J 25 14.18 4.19 20.09
C VAL J 25 14.40 4.46 21.56
N VAL J 26 13.63 5.41 22.10
CA VAL J 26 13.65 5.74 23.53
C VAL J 26 12.99 4.58 24.29
N GLY J 27 11.94 4.02 23.70
CA GLY J 27 11.22 2.91 24.29
C GLY J 27 11.92 1.55 24.19
N ALA J 28 12.89 1.42 23.28
CA ALA J 28 13.59 0.14 23.09
C ALA J 28 14.72 0.02 24.09
N LEU J 29 15.35 1.14 24.39
CA LEU J 29 16.45 1.16 25.35
C LEU J 29 16.00 0.66 26.72
N PHE J 30 14.91 1.25 27.22
CA PHE J 30 14.34 0.88 28.52
C PHE J 30 13.74 -0.52 28.51
N PHE J 31 13.27 -0.95 27.36
CA PHE J 31 12.70 -2.27 27.26
C PHE J 31 13.78 -3.35 27.32
N GLU J 32 14.90 -3.12 26.64
CA GLU J 32 15.97 -4.11 26.63
C GLU J 32 16.48 -4.34 28.03
N ARG J 33 16.57 -3.26 28.79
CA ARG J 33 17.04 -3.32 30.15
C ARG J 33 16.07 -4.08 31.06
N ALA J 34 14.81 -3.61 31.12
CA ALA J 34 13.78 -4.20 31.99
C ALA J 34 13.39 -5.63 31.63
N PHE J 35 13.41 -5.94 30.33
CA PHE J 35 13.10 -7.30 29.89
C PHE J 35 14.25 -8.24 30.21
N ASP J 36 15.50 -7.76 30.09
CA ASP J 36 16.65 -8.60 30.46
C ASP J 36 16.69 -8.87 32.00
N GLN J 37 16.27 -7.89 32.81
CA GLN J 37 16.21 -8.05 34.27
C GLN J 37 15.20 -9.10 34.60
N GLY J 38 13.92 -8.78 34.42
CA GLY J 38 12.85 -9.70 34.69
C GLY J 38 13.05 -11.10 34.13
N ALA J 39 13.62 -11.19 32.92
CA ALA J 39 13.84 -12.49 32.24
C ALA J 39 14.86 -13.34 32.94
N ASP J 40 16.08 -12.82 33.06
CA ASP J 40 17.12 -13.54 33.76
C ASP J 40 16.65 -13.92 35.17
N ALA J 41 16.01 -12.99 35.86
CA ALA J 41 15.46 -13.25 37.20
C ALA J 41 14.54 -14.46 37.18
N ILE J 42 13.64 -14.50 36.20
CA ILE J 42 12.73 -15.63 36.04
C ILE J 42 13.54 -16.91 35.77
N TYR J 43 14.61 -16.77 35.01
CA TYR J 43 15.48 -17.90 34.65
C TYR J 43 16.21 -18.46 35.85
N GLU J 44 16.63 -17.57 36.75
CA GLU J 44 17.35 -17.95 37.98
C GLU J 44 16.39 -18.55 39.00
N HIS J 45 15.31 -17.83 39.30
CA HIS J 45 14.29 -18.29 40.25
C HIS J 45 13.83 -19.74 40.02
N ILE J 46 13.78 -20.15 38.76
CA ILE J 46 13.38 -21.51 38.43
C ILE J 46 14.59 -22.45 38.42
N ASN J 47 15.77 -21.90 38.66
CA ASN J 47 16.97 -22.73 38.74
C ASN J 47 17.63 -22.80 40.14
N GLU J 48 18.84 -22.25 40.28
CA GLU J 48 19.59 -22.22 41.56
C GLU J 48 20.70 -23.25 41.79
N GLY J 49 21.20 -23.81 40.70
CA GLY J 49 22.35 -24.69 40.71
C GLY J 49 23.35 -23.96 39.86
N LYS J 50 23.38 -22.64 40.07
CA LYS J 50 24.19 -21.67 39.34
C LYS J 50 25.65 -21.66 39.75
N LEU J 51 26.36 -20.61 39.39
CA LEU J 51 27.72 -20.40 39.84
C LEU J 51 27.63 -19.11 40.62
N TRP J 52 26.40 -18.59 40.71
CA TRP J 52 26.14 -17.40 41.49
C TRP J 52 26.19 -17.79 42.94
N LYS J 53 25.22 -18.59 43.40
CA LYS J 53 25.21 -19.03 44.80
C LYS J 53 26.39 -19.94 45.22
N HIS J 54 27.16 -20.38 44.23
CA HIS J 54 28.36 -21.17 44.46
C HIS J 54 29.56 -20.32 44.91
N ILE J 55 29.63 -19.06 44.46
CA ILE J 55 30.74 -18.17 44.80
C ILE J 55 30.95 -17.96 46.32
N LYS J 56 29.88 -17.61 47.04
CA LYS J 56 29.94 -17.39 48.50
C LYS J 56 31.00 -18.25 49.19
N HIS J 57 31.22 -19.43 48.65
CA HIS J 57 32.18 -20.40 49.19
C HIS J 57 33.66 -20.06 48.87
N LYS J 58 33.93 -19.40 47.75
CA LYS J 58 35.32 -19.12 47.34
C LYS J 58 35.73 -17.64 47.13
N TYR J 59 35.65 -16.80 48.17
CA TYR J 59 36.10 -15.40 48.04
C TYR J 59 37.63 -15.35 48.18
N GLU J 60 38.17 -16.37 48.88
CA GLU J 60 39.62 -16.51 49.19
C GLU J 60 40.53 -16.66 47.97
N ASN J 61 40.76 -17.91 47.57
CA ASN J 61 41.59 -18.23 46.41
C ASN J 61 41.04 -19.41 45.62
N MET K 1 27.76 26.54 -7.64
CA MET K 1 26.94 27.77 -7.87
C MET K 1 25.52 27.61 -7.26
N LEU K 2 25.47 27.15 -6.01
CA LEU K 2 24.18 26.90 -5.30
C LEU K 2 23.38 28.18 -4.95
N THR K 3 23.32 29.14 -5.87
CA THR K 3 22.64 30.41 -5.62
C THR K 3 21.18 30.37 -5.98
N ARG K 4 20.79 29.36 -6.75
CA ARG K 4 19.41 29.13 -7.15
C ARG K 4 18.52 28.96 -5.91
N PHE K 5 19.09 28.39 -4.86
CA PHE K 5 18.35 28.16 -3.64
C PHE K 5 18.50 29.24 -2.58
N LEU K 6 18.90 30.45 -2.97
CA LEU K 6 19.05 31.57 -2.01
C LEU K 6 17.91 32.61 -2.13
N GLY K 7 16.90 32.48 -1.28
CA GLY K 7 15.81 33.44 -1.31
C GLY K 7 14.85 33.29 -0.17
N PRO K 8 13.87 34.20 -0.08
CA PRO K 8 12.86 34.19 0.98
C PRO K 8 12.16 32.82 1.13
N ARG K 9 11.68 32.27 0.05
CA ARG K 9 10.96 30.98 0.12
C ARG K 9 11.84 29.86 0.70
N TYR K 10 13.06 29.76 0.19
CA TYR K 10 13.96 28.74 0.64
C TYR K 10 14.20 28.89 2.13
N ARG K 11 14.30 30.13 2.58
CA ARG K 11 14.50 30.44 3.96
C ARG K 11 13.30 29.96 4.77
N GLN K 12 12.12 30.06 4.20
CA GLN K 12 10.92 29.61 4.90
C GLN K 12 10.83 28.07 4.87
N LEU K 13 11.20 27.47 3.73
CA LEU K 13 11.22 26.01 3.58
C LEU K 13 12.17 25.39 4.58
N ALA K 14 13.38 25.97 4.64
CA ALA K 14 14.44 25.56 5.57
C ALA K 14 13.94 25.57 7.00
N ARG K 15 13.30 26.68 7.40
CA ARG K 15 12.81 26.82 8.76
C ARG K 15 11.68 25.87 9.13
N ASN K 16 10.83 25.57 8.16
CA ASN K 16 9.71 24.67 8.39
C ASN K 16 10.17 23.26 8.80
N TRP K 17 11.25 22.80 8.18
CA TRP K 17 11.81 21.47 8.43
C TRP K 17 12.92 21.44 9.50
N VAL K 18 12.99 22.48 10.32
CA VAL K 18 13.98 22.55 11.40
C VAL K 18 13.64 21.59 12.54
N PRO K 19 12.41 21.65 13.10
CA PRO K 19 11.99 20.66 14.10
C PRO K 19 12.15 19.22 13.57
N THR K 20 11.73 18.94 12.35
CA THR K 20 11.91 17.59 11.83
C THR K 20 13.36 17.20 11.81
N ALA K 21 14.21 17.99 11.16
CA ALA K 21 15.64 17.64 11.06
C ALA K 21 16.29 17.47 12.43
N GLN K 22 15.79 18.22 13.41
CA GLN K 22 16.29 18.15 14.78
C GLN K 22 15.90 16.80 15.38
N LEU K 23 14.60 16.57 15.50
CA LEU K 23 14.09 15.32 16.04
C LEU K 23 14.64 14.10 15.33
N TRP K 24 15.06 14.29 14.09
CA TRP K 24 15.58 13.17 13.31
C TRP K 24 17.03 12.86 13.67
N GLY K 25 17.69 13.79 14.36
CA GLY K 25 19.06 13.62 14.83
C GLY K 25 19.02 13.03 16.24
N ALA K 26 17.94 13.37 16.96
CA ALA K 26 17.66 12.84 18.28
C ALA K 26 17.45 11.33 18.12
N VAL K 27 16.64 10.94 17.13
CA VAL K 27 16.43 9.53 16.79
C VAL K 27 17.76 8.80 16.50
N GLY K 28 18.65 9.43 15.75
CA GLY K 28 19.92 8.82 15.35
C GLY K 28 20.94 8.72 16.47
N ALA K 29 21.02 9.76 17.31
CA ALA K 29 21.95 9.76 18.43
C ALA K 29 21.56 8.60 19.39
N VAL K 30 20.35 8.71 19.96
CA VAL K 30 19.82 7.71 20.85
C VAL K 30 19.96 6.37 20.20
N GLY K 31 19.66 6.31 18.91
CA GLY K 31 19.76 5.08 18.11
C GLY K 31 21.16 4.51 18.06
N LEU K 32 22.14 5.36 17.82
CA LEU K 32 23.54 4.93 17.81
C LEU K 32 23.89 4.46 19.22
N VAL K 33 23.57 5.30 20.21
CA VAL K 33 23.80 4.99 21.65
C VAL K 33 23.27 3.60 22.05
N TRP K 34 21.95 3.42 21.97
CA TRP K 34 21.30 2.15 22.27
C TRP K 34 21.90 0.95 21.52
N ALA K 35 22.29 1.14 20.27
CA ALA K 35 22.84 0.04 19.48
C ALA K 35 24.27 -0.36 19.86
N THR K 36 25.09 0.58 20.28
CA THR K 36 26.46 0.21 20.61
C THR K 36 26.68 0.14 22.12
N ASP K 37 25.58 0.28 22.86
CA ASP K 37 25.60 0.33 24.33
C ASP K 37 26.65 1.29 24.75
N TRP K 38 26.49 2.55 24.33
CA TRP K 38 27.51 3.53 24.60
C TRP K 38 27.77 3.80 26.05
N ARG K 39 28.81 3.13 26.54
CA ARG K 39 29.31 3.22 27.89
C ARG K 39 29.37 4.67 28.37
N LEU K 40 30.04 5.53 27.60
CA LEU K 40 30.15 6.95 27.94
C LEU K 40 28.78 7.58 28.24
N ILE K 41 27.99 7.82 27.20
CA ILE K 41 26.68 8.48 27.34
C ILE K 41 25.66 7.81 28.29
N LEU K 42 25.51 6.50 28.18
CA LEU K 42 24.53 5.78 28.98
C LEU K 42 24.68 5.90 30.49
N ASP K 43 25.91 5.83 30.99
CA ASP K 43 26.17 5.93 32.45
C ASP K 43 25.33 7.04 33.08
N TRP K 44 25.07 8.08 32.29
CA TRP K 44 24.34 9.24 32.76
C TRP K 44 22.84 9.00 32.94
N VAL K 45 22.25 8.16 32.08
CA VAL K 45 20.81 7.85 32.19
C VAL K 45 20.52 7.13 33.54
N PRO K 46 19.57 7.67 34.32
CA PRO K 46 19.19 7.14 35.66
C PRO K 46 19.20 5.61 35.82
N TYR K 47 18.32 4.94 35.07
CA TYR K 47 18.22 3.49 35.05
C TYR K 47 19.20 3.03 33.93
N ILE K 48 19.08 1.79 33.46
CA ILE K 48 19.93 1.32 32.36
C ILE K 48 21.41 1.06 32.76
N ASN K 49 21.70 1.15 34.06
CA ASN K 49 23.07 0.90 34.57
C ASN K 49 23.28 -0.58 34.91
N GLY K 50 23.53 -1.39 33.88
CA GLY K 50 23.76 -2.80 34.05
C GLY K 50 25.23 -3.09 34.25
N LYS K 51 25.96 -2.05 34.68
CA LYS K 51 27.40 -2.14 34.96
C LYS K 51 27.75 -1.48 36.32
N PHE K 52 26.75 -1.30 37.18
CA PHE K 52 26.98 -0.73 38.53
C PHE K 52 27.10 -1.88 39.59
N LYS K 53 27.32 -1.56 40.86
CA LYS K 53 27.53 -2.62 41.89
C LYS K 53 26.87 -3.96 41.57
#